data_1UW3
# 
_entry.id   1UW3 
# 
_audit_conform.dict_name       mmcif_pdbx.dic 
_audit_conform.dict_version    5.382 
_audit_conform.dict_location   http://mmcif.pdb.org/dictionaries/ascii/mmcif_pdbx.dic 
# 
loop_
_database_2.database_id 
_database_2.database_code 
_database_2.pdbx_database_accession 
_database_2.pdbx_DOI 
PDB   1UW3         pdb_00001uw3 10.2210/pdb1uw3/pdb 
PDBE  EBI-14443    ?            ?                   
WWPDB D_1290014443 ?            ?                   
# 
loop_
_pdbx_database_related.db_name 
_pdbx_database_related.db_id 
_pdbx_database_related.content_type 
_pdbx_database_related.details 
PDB 1G04 unspecified 
'SOLUTION STRUCTURE OF SYNTHETIC 26-MER PEPTIDE CONTAINING145-169 SHEEP PRION PROTEIN SEGMENT AND C-TERMINAL CYSTEINE'       
PDB 1M25 unspecified 
'STRUCTURE OF SYNTHETIC 26-MER PEPTIDE CONTAINING 145-169SHEEP PRION PROTEIN SEGMENT AND C-TERMINAL CYSTEINE IN TFESOLUTION' 
# 
_pdbx_database_status.status_code                     REL 
_pdbx_database_status.entry_id                        1UW3 
_pdbx_database_status.deposit_site                    PDBE 
_pdbx_database_status.process_site                    PDBE 
_pdbx_database_status.SG_entry                        . 
_pdbx_database_status.recvd_initial_deposition_date   2004-01-29 
_pdbx_database_status.pdb_format_compatible           Y 
_pdbx_database_status.status_code_sf                  REL 
_pdbx_database_status.status_code_mr                  ? 
_pdbx_database_status.status_code_cs                  ? 
_pdbx_database_status.methods_development_category    ? 
_pdbx_database_status.status_code_nmr_data            ? 
# 
loop_
_audit_author.name 
_audit_author.pdbx_ordinal 
'Haire, L.F.'  1 
'Whyte, S.M.'  2 
'Vasisht, N.'  3 
'Gill, A.C.'   4 
'Verma, C.'    5 
'Dodson, E.J.' 6 
'Dodson, G.G.' 7 
'Bayley, P.M.' 8 
# 
_citation.id                        primary 
_citation.title                     'The Crystal Structure of the Globular Domain of Sheep Prion Protein' 
_citation.journal_abbrev            J.Mol.Biol. 
_citation.journal_volume            336 
_citation.page_first                1175 
_citation.page_last                 ? 
_citation.year                      2004 
_citation.journal_id_ASTM           JMOBAK 
_citation.country                   UK 
_citation.journal_id_ISSN           0022-2836 
_citation.journal_id_CSD            0070 
_citation.book_publisher            ? 
_citation.pdbx_database_id_PubMed   15037077 
_citation.pdbx_database_id_DOI      10.1016/J.JMB.2003.12.059 
# 
loop_
_citation_author.citation_id 
_citation_author.name 
_citation_author.ordinal 
_citation_author.identifier_ORCID 
primary 'Haire, L.F.'  1 ? 
primary 'Whyte, S.M.'  2 ? 
primary 'Vasisht, N.'  3 ? 
primary 'Gill, A.C.'   4 ? 
primary 'Verma, C.'    5 ? 
primary 'Dodson, E.J.' 6 ? 
primary 'Dodson, G.G.' 7 ? 
primary 'Bayley, P.M.' 8 ? 
# 
_cell.entry_id           1UW3 
_cell.length_a           85.068 
_cell.length_b           29.045 
_cell.length_c           45.896 
_cell.angle_alpha        90.00 
_cell.angle_beta         90.00 
_cell.angle_gamma        90.00 
_cell.Z_PDB              4 
_cell.pdbx_unique_axis   ? 
# 
_symmetry.entry_id                         1UW3 
_symmetry.space_group_name_H-M             'P 21 21 2' 
_symmetry.pdbx_full_space_group_name_H-M   ? 
_symmetry.cell_setting                     ? 
_symmetry.Int_Tables_number                18 
# 
loop_
_entity.id 
_entity.type 
_entity.src_method 
_entity.pdbx_description 
_entity.formula_weight 
_entity.pdbx_number_of_molecules 
_entity.pdbx_ec 
_entity.pdbx_mutation 
_entity.pdbx_fragment 
_entity.details 
1 polymer     nat 'PRION PROTEIN' 12609.001 1  ? ? 'RESIDUES 128-233' ? 
2 non-polymer syn GLUTATHIONE     307.323   1  ? ? ?                  ? 
3 non-polymer syn 'PHOSPHATE ION' 94.971    1  ? ? ?                  ? 
4 water       nat water           18.015    71 ? ? ?                  ? 
# 
_entity_name_com.entity_id   1 
_entity_name_com.name        'SHEEP PRION PROTEIN' 
# 
_entity_poly.entity_id                      1 
_entity_poly.type                           'polypeptide(L)' 
_entity_poly.nstd_linkage                   no 
_entity_poly.nstd_monomer                   no 
_entity_poly.pdbx_seq_one_letter_code       
;LGGYMLGSAMSRPLIHFGNDYEDCYYRENMHRYPNQVYYRPVDQYSNQNNFVHDCVNITVKQHTVTTTTKGENFTETDIK
IMERVVEQMCITQYQRESQAYYQRGA
;
_entity_poly.pdbx_seq_one_letter_code_can   
;LGGYMLGSAMSRPLIHFGNDYEDCYYRENMHRYPNQVYYRPVDQYSNQNNFVHDCVNITVKQHTVTTTTKGENFTETDIK
IMERVVEQMCITQYQRESQAYYQRGA
;
_entity_poly.pdbx_strand_id                 A 
_entity_poly.pdbx_target_identifier         ? 
# 
loop_
_entity_poly_seq.entity_id 
_entity_poly_seq.num 
_entity_poly_seq.mon_id 
_entity_poly_seq.hetero 
1 1   LEU n 
1 2   GLY n 
1 3   GLY n 
1 4   TYR n 
1 5   MET n 
1 6   LEU n 
1 7   GLY n 
1 8   SER n 
1 9   ALA n 
1 10  MET n 
1 11  SER n 
1 12  ARG n 
1 13  PRO n 
1 14  LEU n 
1 15  ILE n 
1 16  HIS n 
1 17  PHE n 
1 18  GLY n 
1 19  ASN n 
1 20  ASP n 
1 21  TYR n 
1 22  GLU n 
1 23  ASP n 
1 24  CYS n 
1 25  TYR n 
1 26  TYR n 
1 27  ARG n 
1 28  GLU n 
1 29  ASN n 
1 30  MET n 
1 31  HIS n 
1 32  ARG n 
1 33  TYR n 
1 34  PRO n 
1 35  ASN n 
1 36  GLN n 
1 37  VAL n 
1 38  TYR n 
1 39  TYR n 
1 40  ARG n 
1 41  PRO n 
1 42  VAL n 
1 43  ASP n 
1 44  GLN n 
1 45  TYR n 
1 46  SER n 
1 47  ASN n 
1 48  GLN n 
1 49  ASN n 
1 50  ASN n 
1 51  PHE n 
1 52  VAL n 
1 53  HIS n 
1 54  ASP n 
1 55  CYS n 
1 56  VAL n 
1 57  ASN n 
1 58  ILE n 
1 59  THR n 
1 60  VAL n 
1 61  LYS n 
1 62  GLN n 
1 63  HIS n 
1 64  THR n 
1 65  VAL n 
1 66  THR n 
1 67  THR n 
1 68  THR n 
1 69  THR n 
1 70  LYS n 
1 71  GLY n 
1 72  GLU n 
1 73  ASN n 
1 74  PHE n 
1 75  THR n 
1 76  GLU n 
1 77  THR n 
1 78  ASP n 
1 79  ILE n 
1 80  LYS n 
1 81  ILE n 
1 82  MET n 
1 83  GLU n 
1 84  ARG n 
1 85  VAL n 
1 86  VAL n 
1 87  GLU n 
1 88  GLN n 
1 89  MET n 
1 90  CYS n 
1 91  ILE n 
1 92  THR n 
1 93  GLN n 
1 94  TYR n 
1 95  GLN n 
1 96  ARG n 
1 97  GLU n 
1 98  SER n 
1 99  GLN n 
1 100 ALA n 
1 101 TYR n 
1 102 TYR n 
1 103 GLN n 
1 104 ARG n 
1 105 GLY n 
1 106 ALA n 
# 
_entity_src_nat.entity_id                  1 
_entity_src_nat.pdbx_src_id                1 
_entity_src_nat.pdbx_alt_source_flag       sample 
_entity_src_nat.pdbx_beg_seq_num           ? 
_entity_src_nat.pdbx_end_seq_num           ? 
_entity_src_nat.common_name                SHEEP 
_entity_src_nat.pdbx_organism_scientific   'OVIS ARIES' 
_entity_src_nat.pdbx_ncbi_taxonomy_id      9940 
_entity_src_nat.genus                      ? 
_entity_src_nat.species                    ? 
_entity_src_nat.strain                     ? 
_entity_src_nat.tissue                     ? 
_entity_src_nat.tissue_fraction            ? 
_entity_src_nat.pdbx_secretion             ? 
_entity_src_nat.pdbx_fragment              ? 
_entity_src_nat.pdbx_variant               ? 
_entity_src_nat.pdbx_cell_line             ? 
_entity_src_nat.pdbx_atcc                  ? 
_entity_src_nat.pdbx_cellular_location     ? 
_entity_src_nat.pdbx_organ                 ? 
_entity_src_nat.pdbx_organelle             ? 
_entity_src_nat.pdbx_cell                  ? 
_entity_src_nat.pdbx_plasmid_name          ? 
_entity_src_nat.pdbx_plasmid_details       ? 
_entity_src_nat.details                    ? 
# 
_struct_ref.id                         1 
_struct_ref.db_name                    UNP 
_struct_ref.db_code                    PRIO_SHEEP 
_struct_ref.entity_id                  1 
_struct_ref.pdbx_seq_one_letter_code   ? 
_struct_ref.pdbx_align_begin           ? 
_struct_ref.pdbx_db_accession          P23907 
_struct_ref.pdbx_db_isoform            ? 
# 
_struct_ref_seq.align_id                      1 
_struct_ref_seq.ref_id                        1 
_struct_ref_seq.pdbx_PDB_id_code              1UW3 
_struct_ref_seq.pdbx_strand_id                A 
_struct_ref_seq.seq_align_beg                 1 
_struct_ref_seq.pdbx_seq_align_beg_ins_code   ? 
_struct_ref_seq.seq_align_end                 106 
_struct_ref_seq.pdbx_seq_align_end_ins_code   ? 
_struct_ref_seq.pdbx_db_accession             P23907 
_struct_ref_seq.db_align_beg                  128 
_struct_ref_seq.pdbx_db_align_beg_ins_code    ? 
_struct_ref_seq.db_align_end                  233 
_struct_ref_seq.pdbx_db_align_end_ins_code    ? 
_struct_ref_seq.pdbx_auth_seq_align_beg       125 
_struct_ref_seq.pdbx_auth_seq_align_end       230 
# 
loop_
_struct_ref_seq_dif.align_id 
_struct_ref_seq_dif.pdbx_pdb_id_code 
_struct_ref_seq_dif.mon_id 
_struct_ref_seq_dif.pdbx_pdb_strand_id 
_struct_ref_seq_dif.seq_num 
_struct_ref_seq_dif.pdbx_pdb_ins_code 
_struct_ref_seq_dif.pdbx_seq_db_name 
_struct_ref_seq_dif.pdbx_seq_db_accession_code 
_struct_ref_seq_dif.db_mon_id 
_struct_ref_seq_dif.pdbx_seq_db_seq_num 
_struct_ref_seq_dif.details 
_struct_ref_seq_dif.pdbx_auth_seq_num 
_struct_ref_seq_dif.pdbx_ordinal 
1 1UW3 CYS A 24 ? UNP P23907 ARG 151 conflict 148 1 
1 1UW3 HIS A 31 ? UNP P23907 TYR 158 conflict 155 2 
1 1UW3 GLN A 44 ? UNP P23907 ARG 171 variant  168 3 
# 
loop_
_chem_comp.id 
_chem_comp.type 
_chem_comp.mon_nstd_flag 
_chem_comp.name 
_chem_comp.pdbx_synonyms 
_chem_comp.formula 
_chem_comp.formula_weight 
ALA 'L-peptide linking' y ALANINE         ? 'C3 H7 N O2'      89.093  
ARG 'L-peptide linking' y ARGININE        ? 'C6 H15 N4 O2 1'  175.209 
ASN 'L-peptide linking' y ASPARAGINE      ? 'C4 H8 N2 O3'     132.118 
ASP 'L-peptide linking' y 'ASPARTIC ACID' ? 'C4 H7 N O4'      133.103 
CYS 'L-peptide linking' y CYSTEINE        ? 'C3 H7 N O2 S'    121.158 
GLN 'L-peptide linking' y GLUTAMINE       ? 'C5 H10 N2 O3'    146.144 
GLU 'L-peptide linking' y 'GLUTAMIC ACID' ? 'C5 H9 N O4'      147.129 
GLY 'peptide linking'   y GLYCINE         ? 'C2 H5 N O2'      75.067  
GSH non-polymer         . GLUTATHIONE     ? 'C10 H17 N3 O6 S' 307.323 
HIS 'L-peptide linking' y HISTIDINE       ? 'C6 H10 N3 O2 1'  156.162 
HOH non-polymer         . WATER           ? 'H2 O'            18.015  
ILE 'L-peptide linking' y ISOLEUCINE      ? 'C6 H13 N O2'     131.173 
LEU 'L-peptide linking' y LEUCINE         ? 'C6 H13 N O2'     131.173 
LYS 'L-peptide linking' y LYSINE          ? 'C6 H15 N2 O2 1'  147.195 
MET 'L-peptide linking' y METHIONINE      ? 'C5 H11 N O2 S'   149.211 
PHE 'L-peptide linking' y PHENYLALANINE   ? 'C9 H11 N O2'     165.189 
PO4 non-polymer         . 'PHOSPHATE ION' ? 'O4 P -3'         94.971  
PRO 'L-peptide linking' y PROLINE         ? 'C5 H9 N O2'      115.130 
SER 'L-peptide linking' y SERINE          ? 'C3 H7 N O3'      105.093 
THR 'L-peptide linking' y THREONINE       ? 'C4 H9 N O3'      119.119 
TYR 'L-peptide linking' y TYROSINE        ? 'C9 H11 N O3'     181.189 
VAL 'L-peptide linking' y VALINE          ? 'C5 H11 N O2'     117.146 
# 
_exptl.entry_id          1UW3 
_exptl.method            'X-RAY DIFFRACTION' 
_exptl.crystals_number   1 
# 
_exptl_crystal.id                    1 
_exptl_crystal.density_meas          ? 
_exptl_crystal.density_Matthews      2.2 
_exptl_crystal.density_percent_sol   43.6 
_exptl_crystal.description           ? 
# 
_exptl_crystal_grow.crystal_id      1 
_exptl_crystal_grow.method          ? 
_exptl_crystal_grow.temp            ? 
_exptl_crystal_grow.temp_details    ? 
_exptl_crystal_grow.pH              8.60 
_exptl_crystal_grow.pdbx_pH_range   ? 
_exptl_crystal_grow.pdbx_details    'pH 8.60' 
# 
_diffrn.id                     1 
_diffrn.ambient_temp           165.0 
_diffrn.ambient_temp_details   ? 
_diffrn.crystal_id             1 
# 
_diffrn_detector.diffrn_id              1 
_diffrn_detector.detector               CCD 
_diffrn_detector.type                   'ADSC CCD' 
_diffrn_detector.pdbx_collection_date   2003-06-15 
_diffrn_detector.details                ? 
# 
_diffrn_radiation.diffrn_id                        1 
_diffrn_radiation.wavelength_id                    1 
_diffrn_radiation.pdbx_monochromatic_or_laue_m_l   M 
_diffrn_radiation.monochromator                    ? 
_diffrn_radiation.pdbx_diffrn_protocol             'SINGLE WAVELENGTH' 
_diffrn_radiation.pdbx_scattering_type             x-ray 
# 
_diffrn_radiation_wavelength.id           1 
_diffrn_radiation_wavelength.wavelength   1.414 
_diffrn_radiation_wavelength.wt           1.0 
# 
_diffrn_source.diffrn_id                   1 
_diffrn_source.source                      SYNCHROTRON 
_diffrn_source.type                        'SRS BEAMLINE PX14.1' 
_diffrn_source.pdbx_synchrotron_site       SRS 
_diffrn_source.pdbx_synchrotron_beamline   PX14.1 
_diffrn_source.pdbx_wavelength             1.414 
_diffrn_source.pdbx_wavelength_list        ? 
# 
_reflns.pdbx_diffrn_id               1 
_reflns.pdbx_ordinal                 1 
_reflns.entry_id                     1UW3 
_reflns.observed_criterion_sigma_I   ? 
_reflns.observed_criterion_sigma_F   ? 
_reflns.d_resolution_low             19.300 
_reflns.d_resolution_high            2.050 
_reflns.number_obs                   7095 
_reflns.number_all                   ? 
_reflns.percent_possible_obs         93.2 
_reflns.pdbx_Rmerge_I_obs            0.08000 
_reflns.pdbx_Rsym_value              ? 
_reflns.pdbx_netI_over_sigmaI        6.0000 
_reflns.B_iso_Wilson_estimate        ? 
_reflns.pdbx_redundancy              2.500 
# 
_reflns_shell.pdbx_diffrn_id         1 
_reflns_shell.pdbx_ordinal           1 
_reflns_shell.d_res_high             2.05 
_reflns_shell.d_res_low              2.13 
_reflns_shell.percent_possible_all   78.0 
_reflns_shell.Rmerge_I_obs           0.35000 
_reflns_shell.pdbx_Rsym_value        ? 
_reflns_shell.meanI_over_sigI_obs    2.000 
_reflns_shell.pdbx_redundancy        1.50 
# 
_refine.pdbx_refine_id                           'X-RAY DIFFRACTION' 
_refine.entry_id                                 1UW3 
_refine.pdbx_diffrn_id                           1 
_refine.pdbx_TLS_residual_ADP_flag               ? 
_refine.ls_number_reflns_obs                     6769 
_refine.ls_number_reflns_all                     ? 
_refine.pdbx_ls_sigma_I                          ? 
_refine.pdbx_ls_sigma_F                          ? 
_refine.pdbx_data_cutoff_high_absF               ? 
_refine.pdbx_data_cutoff_low_absF                ? 
_refine.pdbx_data_cutoff_high_rms_absF           ? 
_refine.ls_d_res_low                             84.51 
_refine.ls_d_res_high                            2.05 
_refine.ls_percent_reflns_obs                    92.4 
_refine.ls_R_factor_obs                          0.227 
_refine.ls_R_factor_all                          ? 
_refine.ls_R_factor_R_work                       0.222 
_refine.ls_R_factor_R_free                       0.330 
_refine.ls_R_factor_R_free_error                 ? 
_refine.ls_R_factor_R_free_error_details         ? 
_refine.ls_percent_reflns_R_free                 4.600 
_refine.ls_number_reflns_R_free                  326 
_refine.ls_number_parameters                     ? 
_refine.ls_number_restraints                     ? 
_refine.occupancy_min                            ? 
_refine.occupancy_max                            ? 
_refine.correlation_coeff_Fo_to_Fc               0.942 
_refine.correlation_coeff_Fo_to_Fc_free          0.829 
_refine.B_iso_mean                               41.69 
_refine.aniso_B[1][1]                            -1.08000 
_refine.aniso_B[2][2]                            -0.63000 
_refine.aniso_B[3][3]                            1.71000 
_refine.aniso_B[1][2]                            0.00000 
_refine.aniso_B[1][3]                            0.00000 
_refine.aniso_B[2][3]                            0.00000 
_refine.solvent_model_details                    'MASK BULK SOLVENT' 
_refine.solvent_model_param_ksol                 ? 
_refine.solvent_model_param_bsol                 ? 
_refine.pdbx_solvent_vdw_probe_radii             1.20 
_refine.pdbx_solvent_ion_probe_radii             0.80 
_refine.pdbx_solvent_shrinkage_radii             0.80 
_refine.pdbx_ls_cross_valid_method               THROUGHOUT 
_refine.details                                  
'RESIDUES 125 - 137 ARE POORLY ORDERED, AND PROBABLY TAKE UP MORE THAN ONE CONFORMATION.' 
_refine.pdbx_starting_model                      'PDB ENTRY 1I4M' 
_refine.pdbx_method_to_determine_struct          'MOLECULAR REPLACEMENT' 
_refine.pdbx_isotropic_thermal_model             ? 
_refine.pdbx_stereochemistry_target_values       'MAXIMUM LIKELIHOOD' 
_refine.pdbx_stereochem_target_val_spec_case     ? 
_refine.pdbx_R_Free_selection_details            RANDOM 
_refine.pdbx_overall_ESU_R                       0.279 
_refine.pdbx_overall_ESU_R_Free                  0.268 
_refine.overall_SU_ML                            0.167 
_refine.pdbx_overall_phase_error                 ? 
_refine.overall_SU_B                             5.928 
_refine.overall_SU_R_Cruickshank_DPI             ? 
_refine.pdbx_overall_SU_R_free_Cruickshank_DPI   ? 
_refine.pdbx_overall_SU_R_Blow_DPI               ? 
_refine.pdbx_overall_SU_R_free_Blow_DPI          ? 
# 
_refine_hist.pdbx_refine_id                   'X-RAY DIFFRACTION' 
_refine_hist.cycle_id                         LAST 
_refine_hist.pdbx_number_atoms_protein        883 
_refine_hist.pdbx_number_atoms_nucleic_acid   0 
_refine_hist.pdbx_number_atoms_ligand         21 
_refine_hist.number_atoms_solvent             71 
_refine_hist.number_atoms_total               975 
_refine_hist.d_res_high                       2.05 
_refine_hist.d_res_low                        84.51 
# 
loop_
_refine_ls_restr.type 
_refine_ls_restr.dev_ideal 
_refine_ls_restr.dev_ideal_target 
_refine_ls_restr.weight 
_refine_ls_restr.number 
_refine_ls_restr.pdbx_refine_id 
_refine_ls_restr.pdbx_restraint_function 
r_bond_refined_d             0.016  0.021  ? 930  'X-RAY DIFFRACTION' ? 
r_bond_other_d               ?      ?      ? ?    'X-RAY DIFFRACTION' ? 
r_angle_refined_deg          1.677  1.933  ? 1255 'X-RAY DIFFRACTION' ? 
r_angle_other_deg            ?      ?      ? ?    'X-RAY DIFFRACTION' ? 
r_dihedral_angle_1_deg       7.414  5.000  ? 105  'X-RAY DIFFRACTION' ? 
r_dihedral_angle_2_deg       36.627 23.818 ? 55   'X-RAY DIFFRACTION' ? 
r_dihedral_angle_3_deg       19.592 15.000 ? 154  'X-RAY DIFFRACTION' ? 
r_dihedral_angle_4_deg       16.170 15.000 ? 8    'X-RAY DIFFRACTION' ? 
r_chiral_restr               0.117  0.200  ? 126  'X-RAY DIFFRACTION' ? 
r_gen_planes_refined         0.008  0.020  ? 741  'X-RAY DIFFRACTION' ? 
r_gen_planes_other           ?      ?      ? ?    'X-RAY DIFFRACTION' ? 
r_nbd_refined                0.230  0.200  ? 474  'X-RAY DIFFRACTION' ? 
r_nbd_other                  ?      ?      ? ?    'X-RAY DIFFRACTION' ? 
r_nbtor_refined              ?      ?      ? ?    'X-RAY DIFFRACTION' ? 
r_nbtor_other                ?      ?      ? ?    'X-RAY DIFFRACTION' ? 
r_xyhbond_nbd_refined        0.284  0.200  ? 66   'X-RAY DIFFRACTION' ? 
r_xyhbond_nbd_other          ?      ?      ? ?    'X-RAY DIFFRACTION' ? 
r_metal_ion_refined          ?      ?      ? ?    'X-RAY DIFFRACTION' ? 
r_metal_ion_other            ?      ?      ? ?    'X-RAY DIFFRACTION' ? 
r_symmetry_vdw_refined       0.366  0.200  ? 55   'X-RAY DIFFRACTION' ? 
r_symmetry_vdw_other         ?      ?      ? ?    'X-RAY DIFFRACTION' ? 
r_symmetry_hbond_refined     0.174  0.200  ? 17   'X-RAY DIFFRACTION' ? 
r_symmetry_hbond_other       ?      ?      ? ?    'X-RAY DIFFRACTION' ? 
r_symmetry_metal_ion_refined ?      ?      ? ?    'X-RAY DIFFRACTION' ? 
r_symmetry_metal_ion_other   ?      ?      ? ?    'X-RAY DIFFRACTION' ? 
r_mcbond_it                  1.278  1.500  ? 542  'X-RAY DIFFRACTION' ? 
r_mcbond_other               ?      ?      ? ?    'X-RAY DIFFRACTION' ? 
r_mcangle_it                 1.946  2.000  ? 858  'X-RAY DIFFRACTION' ? 
r_mcangle_other              ?      ?      ? ?    'X-RAY DIFFRACTION' ? 
r_scbond_it                  3.489  3.000  ? 442  'X-RAY DIFFRACTION' ? 
r_scbond_other               ?      ?      ? ?    'X-RAY DIFFRACTION' ? 
r_scangle_it                 4.585  4.500  ? 397  'X-RAY DIFFRACTION' ? 
r_scangle_other              ?      ?      ? ?    'X-RAY DIFFRACTION' ? 
r_long_range_B_refined       ?      ?      ? ?    'X-RAY DIFFRACTION' ? 
r_long_range_B_other         ?      ?      ? ?    'X-RAY DIFFRACTION' ? 
r_rigid_bond_restr           ?      ?      ? ?    'X-RAY DIFFRACTION' ? 
r_sphericity_free            ?      ?      ? ?    'X-RAY DIFFRACTION' ? 
r_sphericity_bonded          ?      ?      ? ?    'X-RAY DIFFRACTION' ? 
# 
_refine_ls_shell.pdbx_refine_id                   'X-RAY DIFFRACTION' 
_refine_ls_shell.pdbx_total_number_of_bins_used   20 
_refine_ls_shell.d_res_high                       2.05 
_refine_ls_shell.d_res_low                        2.10 
_refine_ls_shell.number_reflns_R_work             420 
_refine_ls_shell.R_factor_R_work                  0.2600 
_refine_ls_shell.percent_reflns_obs               ? 
_refine_ls_shell.R_factor_R_free                  0.3780 
_refine_ls_shell.R_factor_R_free_error            ? 
_refine_ls_shell.percent_reflns_R_free            ? 
_refine_ls_shell.number_reflns_R_free             19 
_refine_ls_shell.number_reflns_all                ? 
_refine_ls_shell.R_factor_all                     ? 
# 
_struct.entry_id                  1UW3 
_struct.title                     'The crystal structure of the globular domain of sheep prion protein' 
_struct.pdbx_model_details        ? 
_struct.pdbx_CASP_flag            ? 
_struct.pdbx_model_type_details   ? 
# 
_struct_keywords.entry_id        1UW3 
_struct_keywords.pdbx_keywords   'MEMBRANE PROTEIN' 
_struct_keywords.text            'TRANSMISSIBLE SPONGIFORM ENCEPHALOPATHY, CREUTZFELD JACOB DISEASE, MEMBRANE PROTEIN' 
# 
loop_
_struct_asym.id 
_struct_asym.pdbx_blank_PDB_chainid_flag 
_struct_asym.pdbx_modified 
_struct_asym.entity_id 
_struct_asym.details 
A N N 1 ? 
B N N 2 ? 
C N N 3 ? 
D N N 4 ? 
# 
_struct_biol.id   1 
# 
loop_
_struct_conf.conf_type_id 
_struct_conf.id 
_struct_conf.pdbx_PDB_helix_id 
_struct_conf.beg_label_comp_id 
_struct_conf.beg_label_asym_id 
_struct_conf.beg_label_seq_id 
_struct_conf.pdbx_beg_PDB_ins_code 
_struct_conf.end_label_comp_id 
_struct_conf.end_label_asym_id 
_struct_conf.end_label_seq_id 
_struct_conf.pdbx_end_PDB_ins_code 
_struct_conf.beg_auth_comp_id 
_struct_conf.beg_auth_asym_id 
_struct_conf.beg_auth_seq_id 
_struct_conf.end_auth_comp_id 
_struct_conf.end_auth_asym_id 
_struct_conf.end_auth_seq_id 
_struct_conf.pdbx_PDB_helix_class 
_struct_conf.details 
_struct_conf.pdbx_PDB_helix_length 
HELX_P HELX_P1 1 ASN A 19 ? ASN A 29  ? ASN A 143 ASN A 153 1 ? 11 
HELX_P HELX_P2 2 MET A 30 ? TYR A 33  ? MET A 154 TYR A 157 5 ? 4  
HELX_P HELX_P3 3 PRO A 41 ? TYR A 45  ? PRO A 165 TYR A 169 5 ? 5  
HELX_P HELX_P4 4 GLN A 48 ? LYS A 70  ? GLN A 172 LYS A 194 1 ? 23 
HELX_P HELX_P5 5 THR A 75 ? GLN A 103 ? THR A 199 GLN A 227 1 ? 29 
# 
_struct_conf_type.id          HELX_P 
_struct_conf_type.criteria    ? 
_struct_conf_type.reference   ? 
# 
loop_
_struct_conn.id 
_struct_conn.conn_type_id 
_struct_conn.pdbx_leaving_atom_flag 
_struct_conn.pdbx_PDB_id 
_struct_conn.ptnr1_label_asym_id 
_struct_conn.ptnr1_label_comp_id 
_struct_conn.ptnr1_label_seq_id 
_struct_conn.ptnr1_label_atom_id 
_struct_conn.pdbx_ptnr1_label_alt_id 
_struct_conn.pdbx_ptnr1_PDB_ins_code 
_struct_conn.pdbx_ptnr1_standard_comp_id 
_struct_conn.ptnr1_symmetry 
_struct_conn.ptnr2_label_asym_id 
_struct_conn.ptnr2_label_comp_id 
_struct_conn.ptnr2_label_seq_id 
_struct_conn.ptnr2_label_atom_id 
_struct_conn.pdbx_ptnr2_label_alt_id 
_struct_conn.pdbx_ptnr2_PDB_ins_code 
_struct_conn.ptnr1_auth_asym_id 
_struct_conn.ptnr1_auth_comp_id 
_struct_conn.ptnr1_auth_seq_id 
_struct_conn.ptnr2_auth_asym_id 
_struct_conn.ptnr2_auth_comp_id 
_struct_conn.ptnr2_auth_seq_id 
_struct_conn.ptnr2_symmetry 
_struct_conn.pdbx_ptnr3_label_atom_id 
_struct_conn.pdbx_ptnr3_label_seq_id 
_struct_conn.pdbx_ptnr3_label_comp_id 
_struct_conn.pdbx_ptnr3_label_asym_id 
_struct_conn.pdbx_ptnr3_label_alt_id 
_struct_conn.pdbx_ptnr3_PDB_ins_code 
_struct_conn.details 
_struct_conn.pdbx_dist_value 
_struct_conn.pdbx_value_order 
_struct_conn.pdbx_role 
disulf1 disulf ?   ? A CYS 55 SG ? ? ? 1_555 A CYS 90 SG  ? ? A CYS 179 A CYS 214  1_555 ? ? ? ? ? ? ? 2.054 ? ? 
covale1 covale one ? A CYS 24 SG ? ? ? 1_555 B GSH .  SG2 ? ? A CYS 148 A GSH 1231 1_555 ? ? ? ? ? ? ? 2.061 ? ? 
# 
loop_
_struct_conn_type.id 
_struct_conn_type.criteria 
_struct_conn_type.reference 
disulf ? ? 
covale ? ? 
# 
_struct_sheet.id               AA 
_struct_sheet.type             ? 
_struct_sheet.number_strands   2 
_struct_sheet.details          ? 
# 
_struct_sheet_order.sheet_id     AA 
_struct_sheet_order.range_id_1   1 
_struct_sheet_order.range_id_2   2 
_struct_sheet_order.offset       ? 
_struct_sheet_order.sense        anti-parallel 
# 
loop_
_struct_sheet_range.sheet_id 
_struct_sheet_range.id 
_struct_sheet_range.beg_label_comp_id 
_struct_sheet_range.beg_label_asym_id 
_struct_sheet_range.beg_label_seq_id 
_struct_sheet_range.pdbx_beg_PDB_ins_code 
_struct_sheet_range.end_label_comp_id 
_struct_sheet_range.end_label_asym_id 
_struct_sheet_range.end_label_seq_id 
_struct_sheet_range.pdbx_end_PDB_ins_code 
_struct_sheet_range.beg_auth_comp_id 
_struct_sheet_range.beg_auth_asym_id 
_struct_sheet_range.beg_auth_seq_id 
_struct_sheet_range.end_auth_comp_id 
_struct_sheet_range.end_auth_asym_id 
_struct_sheet_range.end_auth_seq_id 
AA 1 MET A 5  ? LEU A 6  ? MET A 129 LEU A 130 
AA 2 TYR A 38 ? TYR A 39 ? TYR A 162 TYR A 163 
# 
_pdbx_struct_sheet_hbond.sheet_id                AA 
_pdbx_struct_sheet_hbond.range_id_1              1 
_pdbx_struct_sheet_hbond.range_id_2              2 
_pdbx_struct_sheet_hbond.range_1_label_atom_id   N 
_pdbx_struct_sheet_hbond.range_1_label_comp_id   MET 
_pdbx_struct_sheet_hbond.range_1_label_asym_id   A 
_pdbx_struct_sheet_hbond.range_1_label_seq_id    5 
_pdbx_struct_sheet_hbond.range_1_PDB_ins_code    ? 
_pdbx_struct_sheet_hbond.range_1_auth_atom_id    N 
_pdbx_struct_sheet_hbond.range_1_auth_comp_id    MET 
_pdbx_struct_sheet_hbond.range_1_auth_asym_id    A 
_pdbx_struct_sheet_hbond.range_1_auth_seq_id     129 
_pdbx_struct_sheet_hbond.range_2_label_atom_id   O 
_pdbx_struct_sheet_hbond.range_2_label_comp_id   TYR 
_pdbx_struct_sheet_hbond.range_2_label_asym_id   A 
_pdbx_struct_sheet_hbond.range_2_label_seq_id    39 
_pdbx_struct_sheet_hbond.range_2_PDB_ins_code    ? 
_pdbx_struct_sheet_hbond.range_2_auth_atom_id    O 
_pdbx_struct_sheet_hbond.range_2_auth_comp_id    TYR 
_pdbx_struct_sheet_hbond.range_2_auth_asym_id    A 
_pdbx_struct_sheet_hbond.range_2_auth_seq_id     163 
# 
loop_
_struct_site.id 
_struct_site.pdbx_evidence_code 
_struct_site.pdbx_auth_asym_id 
_struct_site.pdbx_auth_comp_id 
_struct_site.pdbx_auth_seq_id 
_struct_site.pdbx_auth_ins_code 
_struct_site.pdbx_num_residues 
_struct_site.details 
AC1 Software A PO4 1232 ? 6  'BINDING SITE FOR RESIDUE PO4 A 1232' 
AC2 Software A GSH 1231 ? 10 'BINDING SITE FOR RESIDUE GSH A 1231' 
# 
loop_
_struct_site_gen.id 
_struct_site_gen.site_id 
_struct_site_gen.pdbx_num_res 
_struct_site_gen.label_comp_id 
_struct_site_gen.label_asym_id 
_struct_site_gen.label_seq_id 
_struct_site_gen.pdbx_auth_ins_code 
_struct_site_gen.auth_comp_id 
_struct_site_gen.auth_asym_id 
_struct_site_gen.auth_seq_id 
_struct_site_gen.label_atom_id 
_struct_site_gen.label_alt_id 
_struct_site_gen.symmetry 
_struct_site_gen.details 
1  AC1 6  PHE A 17 ? PHE A 141  . ? 1_555 ? 
2  AC1 6  GLY A 18 ? GLY A 142  . ? 1_555 ? 
3  AC1 6  ASN A 19 ? ASN A 143  . ? 1_555 ? 
4  AC1 6  GLU A 22 ? GLU A 146  . ? 1_555 ? 
5  AC1 6  LYS A 80 ? LYS A 204  . ? 1_555 ? 
6  AC1 6  ARG A 84 ? ARG A 208  . ? 1_555 ? 
7  AC2 10 ARG A 12 ? ARG A 136  . ? 3_555 ? 
8  AC2 10 PRO A 13 ? PRO A 137  . ? 3_555 ? 
9  AC2 10 LEU A 14 ? LEU A 138  . ? 3_555 ? 
10 AC2 10 TYR A 21 ? TYR A 145  . ? 1_555 ? 
11 AC2 10 CYS A 24 ? CYS A 148  . ? 1_555 ? 
12 AC2 10 TYR A 25 ? TYR A 149  . ? 1_555 ? 
13 AC2 10 TYR A 26 ? TYR A 150  . ? 3_555 ? 
14 AC2 10 MET A 30 ? MET A 154  . ? 3_555 ? 
15 AC2 10 HOH D .  ? HOH A 2015 . ? 3_555 ? 
16 AC2 10 HOH D .  ? HOH A 2017 . ? 1_555 ? 
# 
_atom_sites.entry_id                    1UW3 
_atom_sites.fract_transf_matrix[1][1]   0.00189055 
_atom_sites.fract_transf_matrix[1][2]   -0.00114748 
_atom_sites.fract_transf_matrix[1][3]   -0.01154509 
_atom_sites.fract_transf_matrix[2][1]   -0.00298441 
_atom_sites.fract_transf_matrix[2][2]   -0.03417590 
_atom_sites.fract_transf_matrix[2][3]   0.00290808 
_atom_sites.fract_transf_matrix[3][1]   -0.02142127 
_atom_sites.fract_transf_matrix[3][2]   0.00155894 
_atom_sites.fract_transf_matrix[3][3]   -0.00366276 
_atom_sites.fract_transf_vector[1]      0.384802 
_atom_sites.fract_transf_vector[2]      0.295151 
_atom_sites.fract_transf_vector[3]      0.317632 
# 
loop_
_atom_type.symbol 
C 
N 
O 
P 
S 
# 
loop_
_atom_site.group_PDB 
_atom_site.id 
_atom_site.type_symbol 
_atom_site.label_atom_id 
_atom_site.label_alt_id 
_atom_site.label_comp_id 
_atom_site.label_asym_id 
_atom_site.label_entity_id 
_atom_site.label_seq_id 
_atom_site.pdbx_PDB_ins_code 
_atom_site.Cartn_x 
_atom_site.Cartn_y 
_atom_site.Cartn_z 
_atom_site.occupancy 
_atom_site.B_iso_or_equiv 
_atom_site.pdbx_formal_charge 
_atom_site.auth_seq_id 
_atom_site.auth_comp_id 
_atom_site.auth_asym_id 
_atom_site.auth_atom_id 
_atom_site.pdbx_PDB_model_num 
ATOM   1   N N   . LEU A 1 1   ? 0.021   -0.179  -14.970 1.00 61.77 ? 125  LEU A N   1 
ATOM   2   C CA  . LEU A 1 1   ? 0.300   1.196   -14.429 1.00 61.72 ? 125  LEU A CA  1 
ATOM   3   C C   . LEU A 1 1   ? 0.139   2.211   -15.544 1.00 61.79 ? 125  LEU A C   1 
ATOM   4   O O   . LEU A 1 1   ? 1.123   2.688   -16.118 1.00 61.69 ? 125  LEU A O   1 
ATOM   5   C CB  . LEU A 1 1   ? 1.709   1.293   -13.828 1.00 61.61 ? 125  LEU A CB  1 
ATOM   6   C CG  . LEU A 1 1   ? 1.970   2.431   -12.833 1.00 61.57 ? 125  LEU A CG  1 
ATOM   7   C CD1 . LEU A 1 1   ? 1.823   1.926   -11.392 1.00 60.94 ? 125  LEU A CD1 1 
ATOM   8   C CD2 . LEU A 1 1   ? 3.356   3.072   -13.052 1.00 61.10 ? 125  LEU A CD2 1 
ATOM   9   N N   . GLY A 1 2   ? -1.121  2.524   -15.848 1.00 62.11 ? 126  GLY A N   1 
ATOM   10  C CA  . GLY A 1 2   ? -1.476  3.415   -16.948 1.00 62.16 ? 126  GLY A CA  1 
ATOM   11  C C   . GLY A 1 2   ? -2.964  3.695   -16.876 1.00 62.56 ? 126  GLY A C   1 
ATOM   12  O O   . GLY A 1 2   ? -3.434  4.762   -17.306 1.00 62.60 ? 126  GLY A O   1 
ATOM   13  N N   . GLY A 1 3   ? -3.701  2.707   -16.359 1.00 62.49 ? 127  GLY A N   1 
ATOM   14  C CA  . GLY A 1 3   ? -5.045  2.929   -15.836 1.00 62.44 ? 127  GLY A CA  1 
ATOM   15  C C   . GLY A 1 3   ? -4.994  3.063   -14.319 1.00 62.23 ? 127  GLY A C   1 
ATOM   16  O O   . GLY A 1 3   ? -5.976  2.751   -13.634 1.00 62.39 ? 127  GLY A O   1 
ATOM   17  N N   . TYR A 1 4   ? -3.851  3.529   -13.798 1.00 61.89 ? 128  TYR A N   1 
ATOM   18  C CA  . TYR A 1 4   ? -3.625  3.615   -12.348 1.00 61.46 ? 128  TYR A CA  1 
ATOM   19  C C   . TYR A 1 4   ? -3.438  5.023   -11.773 1.00 61.28 ? 128  TYR A C   1 
ATOM   20  O O   . TYR A 1 4   ? -2.698  5.833   -12.316 1.00 60.72 ? 128  TYR A O   1 
ATOM   21  C CB  . TYR A 1 4   ? -2.493  2.662   -11.913 1.00 61.63 ? 128  TYR A CB  1 
ATOM   22  C CG  . TYR A 1 4   ? -3.019  1.258   -11.684 1.00 61.43 ? 128  TYR A CG  1 
ATOM   23  C CD1 . TYR A 1 4   ? -2.986  0.295   -12.692 1.00 60.86 ? 128  TYR A CD1 1 
ATOM   24  C CD2 . TYR A 1 4   ? -3.606  0.915   -10.461 1.00 61.29 ? 128  TYR A CD2 1 
ATOM   25  C CE1 . TYR A 1 4   ? -3.514  -0.984  -12.487 1.00 60.61 ? 128  TYR A CE1 1 
ATOM   26  C CE2 . TYR A 1 4   ? -4.130  -0.354  -10.231 1.00 61.23 ? 128  TYR A CE2 1 
ATOM   27  C CZ  . TYR A 1 4   ? -4.089  -1.307  -11.251 1.00 62.73 ? 128  TYR A CZ  1 
ATOM   28  O OH  . TYR A 1 4   ? -4.626  -2.574  -11.005 1.00 62.76 ? 128  TYR A OH  1 
ATOM   29  N N   . MET A 1 5   ? -4.129  5.298   -10.669 1.00 61.38 ? 129  MET A N   1 
ATOM   30  C CA  . MET A 1 5   ? -3.929  6.527   -9.924  1.00 62.54 ? 129  MET A CA  1 
ATOM   31  C C   . MET A 1 5   ? -2.784  6.363   -8.934  1.00 62.45 ? 129  MET A C   1 
ATOM   32  O O   . MET A 1 5   ? -2.458  5.252   -8.527  1.00 61.90 ? 129  MET A O   1 
ATOM   33  C CB  . MET A 1 5   ? -5.210  6.977   -9.206  1.00 62.90 ? 129  MET A CB  1 
ATOM   34  C CG  . MET A 1 5   ? -6.326  7.367   -10.154 1.00 63.38 ? 129  MET A CG  1 
ATOM   35  S SD  . MET A 1 5   ? -7.281  8.742   -9.540  1.00 64.82 ? 129  MET A SD  1 
ATOM   36  C CE  . MET A 1 5   ? -8.740  7.897   -8.909  1.00 64.81 ? 129  MET A CE  1 
ATOM   37  N N   . LEU A 1 6   ? -2.149  7.477   -8.598  1.00 62.53 ? 130  LEU A N   1 
ATOM   38  C CA  . LEU A 1 6   ? -1.110  7.494   -7.603  1.00 62.90 ? 130  LEU A CA  1 
ATOM   39  C C   . LEU A 1 6   ? -1.652  8.380   -6.522  1.00 63.43 ? 130  LEU A C   1 
ATOM   40  O O   . LEU A 1 6   ? -1.718  9.582   -6.699  1.00 63.77 ? 130  LEU A O   1 
ATOM   41  C CB  . LEU A 1 6   ? 0.196   8.061   -8.179  1.00 62.54 ? 130  LEU A CB  1 
ATOM   42  C CG  . LEU A 1 6   ? 1.407   8.287   -7.257  1.00 63.21 ? 130  LEU A CG  1 
ATOM   43  C CD1 . LEU A 1 6   ? 1.594   7.223   -6.128  1.00 62.28 ? 130  LEU A CD1 1 
ATOM   44  C CD2 . LEU A 1 6   ? 2.695   8.435   -8.070  1.00 62.60 ? 130  LEU A CD2 1 
ATOM   45  N N   . GLY A 1 7   ? -2.075  7.775   -5.420  1.00 64.11 ? 131  GLY A N   1 
ATOM   46  C CA  . GLY A 1 7   ? -2.599  8.516   -4.287  1.00 65.31 ? 131  GLY A CA  1 
ATOM   47  C C   . GLY A 1 7   ? -1.517  9.300   -3.576  1.00 66.16 ? 131  GLY A C   1 
ATOM   48  O O   . GLY A 1 7   ? -0.321  9.075   -3.802  1.00 66.23 ? 131  GLY A O   1 
ATOM   49  N N   . SER A 1 8   ? -1.927  10.218  -2.708  1.00 66.95 ? 132  SER A N   1 
ATOM   50  C CA  . SER A 1 8   ? -0.967  11.136  -2.087  1.00 67.96 ? 132  SER A CA  1 
ATOM   51  C C   . SER A 1 8   ? 0.001   10.416  -1.151  1.00 67.92 ? 132  SER A C   1 
ATOM   52  O O   . SER A 1 8   ? -0.273  9.307   -0.680  1.00 67.86 ? 132  SER A O   1 
ATOM   53  C CB  . SER A 1 8   ? -1.691  12.258  -1.340  1.00 68.02 ? 132  SER A CB  1 
ATOM   54  O OG  . SER A 1 8   ? -2.304  13.159  -2.252  1.00 69.14 ? 132  SER A OG  1 
ATOM   55  N N   . ALA A 1 9   ? 1.149   11.043  -0.919  1.00 68.29 ? 133  ALA A N   1 
ATOM   56  C CA  . ALA A 1 9   ? 2.024   10.656  0.180   1.00 68.19 ? 133  ALA A CA  1 
ATOM   57  C C   . ALA A 1 9   ? 1.242   10.942  1.457   1.00 68.33 ? 133  ALA A C   1 
ATOM   58  O O   . ALA A 1 9   ? 0.649   12.019  1.596   1.00 68.40 ? 133  ALA A O   1 
ATOM   59  C CB  . ALA A 1 9   ? 3.304   11.465  0.147   1.00 68.27 ? 133  ALA A CB  1 
ATOM   60  N N   . MET A 1 10  ? 1.200   9.975   2.373   1.00 68.28 ? 134  MET A N   1 
ATOM   61  C CA  . MET A 1 10  ? 0.401   10.151  3.595   1.00 68.22 ? 134  MET A CA  1 
ATOM   62  C C   . MET A 1 10  ? 1.167   9.769   4.855   1.00 67.39 ? 134  MET A C   1 
ATOM   63  O O   . MET A 1 10  ? 2.143   8.997   4.803   1.00 66.92 ? 134  MET A O   1 
ATOM   64  C CB  . MET A 1 10  ? -0.927  9.366   3.544   1.00 69.32 ? 134  MET A CB  1 
ATOM   65  C CG  . MET A 1 10  ? -1.668  9.338   2.203   1.00 71.23 ? 134  MET A CG  1 
ATOM   66  S SD  . MET A 1 10  ? -2.741  10.750  1.831   1.00 76.82 ? 134  MET A SD  1 
ATOM   67  C CE  . MET A 1 10  ? -3.714  10.080  0.464   1.00 72.73 ? 134  MET A CE  1 
ATOM   68  N N   . SER A 1 11  ? 0.716   10.335  5.976   1.00 66.22 ? 135  SER A N   1 
ATOM   69  C CA  . SER A 1 11  ? 1.241   10.026  7.299   1.00 64.87 ? 135  SER A CA  1 
ATOM   70  C C   . SER A 1 11  ? 1.063   8.529   7.554   1.00 63.68 ? 135  SER A C   1 
ATOM   71  O O   . SER A 1 11  ? -0.051  8.002   7.456   1.00 63.57 ? 135  SER A O   1 
ATOM   72  C CB  . SER A 1 11  ? 0.504   10.857  8.368   1.00 65.16 ? 135  SER A CB  1 
ATOM   73  O OG  . SER A 1 11  ? 1.280   10.993  9.557   1.00 65.71 ? 135  SER A OG  1 
ATOM   74  N N   . ARG A 1 12  ? 2.170   7.851   7.842   1.00 61.99 ? 136  ARG A N   1 
ATOM   75  C CA  . ARG A 1 12  ? 2.172   6.405   8.058   1.00 60.42 ? 136  ARG A CA  1 
ATOM   76  C C   . ARG A 1 12  ? 1.806   6.026   9.494   1.00 58.98 ? 136  ARG A C   1 
ATOM   77  O O   . ARG A 1 12  ? 2.295   6.635   10.448  1.00 58.41 ? 136  ARG A O   1 
ATOM   78  C CB  . ARG A 1 12  ? 3.536   5.819   7.709   1.00 60.84 ? 136  ARG A CB  1 
ATOM   79  C CG  . ARG A 1 12  ? 4.701   6.687   8.121   1.00 61.43 ? 136  ARG A CG  1 
ATOM   80  C CD  . ARG A 1 12  ? 5.820   5.946   8.812   1.00 63.21 ? 136  ARG A CD  1 
ATOM   81  N NE  . ARG A 1 12  ? 6.810   5.387   7.895   1.00 61.30 ? 136  ARG A NE  1 
ATOM   82  C CZ  . ARG A 1 12  ? 7.934   6.007   7.536   1.00 62.59 ? 136  ARG A CZ  1 
ATOM   83  N NH1 . ARG A 1 12  ? 8.216   7.213   8.018   1.00 61.09 ? 136  ARG A NH1 1 
ATOM   84  N NH2 . ARG A 1 12  ? 8.779   5.423   6.684   1.00 61.23 ? 136  ARG A NH2 1 
ATOM   85  N N   . PRO A 1 13  ? 0.940   5.026   9.656   1.00 57.86 ? 137  PRO A N   1 
ATOM   86  C CA  . PRO A 1 13  ? 0.764   4.387   10.981  1.00 56.55 ? 137  PRO A CA  1 
ATOM   87  C C   . PRO A 1 13  ? 2.033   3.618   11.312  1.00 54.74 ? 137  PRO A C   1 
ATOM   88  O O   . PRO A 1 13  ? 2.692   3.137   10.399  1.00 54.51 ? 137  PRO A O   1 
ATOM   89  C CB  . PRO A 1 13  ? -0.369  3.380   10.756  1.00 56.58 ? 137  PRO A CB  1 
ATOM   90  C CG  . PRO A 1 13  ? -0.389  3.144   9.240   1.00 57.89 ? 137  PRO A CG  1 
ATOM   91  C CD  . PRO A 1 13  ? 0.072   4.438   8.616   1.00 57.99 ? 137  PRO A CD  1 
ATOM   92  N N   . LEU A 1 14  ? 2.390   3.523   12.587  1.00 52.82 ? 138  LEU A N   1 
ATOM   93  C CA  . LEU A 1 14  ? 3.364   2.510   13.015  1.00 51.17 ? 138  LEU A CA  1 
ATOM   94  C C   . LEU A 1 14  ? 2.630   1.157   13.149  1.00 49.33 ? 138  LEU A C   1 
ATOM   95  O O   . LEU A 1 14  ? 2.067   0.830   14.210  1.00 50.12 ? 138  LEU A O   1 
ATOM   96  C CB  . LEU A 1 14  ? 4.081   2.946   14.301  1.00 51.90 ? 138  LEU A CB  1 
ATOM   97  C CG  . LEU A 1 14  ? 5.140   2.088   15.012  1.00 52.01 ? 138  LEU A CG  1 
ATOM   98  C CD1 . LEU A 1 14  ? 6.429   1.851   14.180  1.00 52.14 ? 138  LEU A CD1 1 
ATOM   99  C CD2 . LEU A 1 14  ? 5.473   2.738   16.358  1.00 51.56 ? 138  LEU A CD2 1 
ATOM   100 N N   . ILE A 1 15  ? 2.627   0.388   12.055  1.00 46.32 ? 139  ILE A N   1 
ATOM   101 C CA  . ILE A 1 15  ? 1.928   -0.912  11.954  1.00 42.39 ? 139  ILE A CA  1 
ATOM   102 C C   . ILE A 1 15  ? 2.326   -1.839  13.114  1.00 40.29 ? 139  ILE A C   1 
ATOM   103 O O   . ILE A 1 15  ? 3.477   -1.790  13.575  1.00 39.93 ? 139  ILE A O   1 
ATOM   104 C CB  . ILE A 1 15  ? 2.251   -1.572  10.565  1.00 42.42 ? 139  ILE A CB  1 
ATOM   105 C CG1 . ILE A 1 15  ? 1.905   -0.625  9.393   1.00 41.70 ? 139  ILE A CG1 1 
ATOM   106 C CG2 . ILE A 1 15  ? 1.560   -2.920  10.385  1.00 40.08 ? 139  ILE A CG2 1 
ATOM   107 C CD1 . ILE A 1 15  ? 0.451   -0.160  9.359   1.00 40.78 ? 139  ILE A CD1 1 
ATOM   108 N N   . HIS A 1 16  ? 1.390   -2.650  13.597  1.00 36.80 ? 140  HIS A N   1 
ATOM   109 C CA  . HIS A 1 16  ? 1.739   -3.628  14.640  1.00 35.37 ? 140  HIS A CA  1 
ATOM   110 C C   . HIS A 1 16  ? 2.162   -4.965  14.065  1.00 32.30 ? 140  HIS A C   1 
ATOM   111 O O   . HIS A 1 16  ? 1.391   -5.518  13.320  1.00 33.89 ? 140  HIS A O   1 
ATOM   112 C CB  . HIS A 1 16  ? 0.562   -3.867  15.566  1.00 34.24 ? 140  HIS A CB  1 
ATOM   113 C CG  . HIS A 1 16  ? 0.850   -4.882  16.630  1.00 33.60 ? 140  HIS A CG  1 
ATOM   114 N ND1 . HIS A 1 16  ? 0.199   -6.099  16.699  1.00 31.34 ? 140  HIS A ND1 1 
ATOM   115 C CD2 . HIS A 1 16  ? 1.743   -4.874  17.650  1.00 32.62 ? 140  HIS A CD2 1 
ATOM   116 C CE1 . HIS A 1 16  ? 0.649   -6.781  17.745  1.00 28.74 ? 140  HIS A CE1 1 
ATOM   117 N NE2 . HIS A 1 16  ? 1.589   -6.061  18.336  1.00 33.74 ? 140  HIS A NE2 1 
ATOM   118 N N   . PHE A 1 17  ? 3.374   -5.466  14.354  1.00 30.33 ? 141  PHE A N   1 
ATOM   119 C CA  . PHE A 1 17  ? 3.712   -6.863  14.006  1.00 27.47 ? 141  PHE A CA  1 
ATOM   120 C C   . PHE A 1 17  ? 3.822   -7.677  15.318  1.00 26.40 ? 141  PHE A C   1 
ATOM   121 O O   . PHE A 1 17  ? 4.591   -7.300  16.190  1.00 26.74 ? 141  PHE A O   1 
ATOM   122 C CB  . PHE A 1 17  ? 5.013   -6.967  13.186  1.00 26.78 ? 141  PHE A CB  1 
ATOM   123 C CG  . PHE A 1 17  ? 4.936   -6.300  11.834  1.00 24.51 ? 141  PHE A CG  1 
ATOM   124 C CD1 . PHE A 1 17  ? 4.521   -7.012  10.730  1.00 23.63 ? 141  PHE A CD1 1 
ATOM   125 C CD2 . PHE A 1 17  ? 5.276   -4.966  11.694  1.00 25.39 ? 141  PHE A CD2 1 
ATOM   126 C CE1 . PHE A 1 17  ? 4.405   -6.396  9.505   1.00 26.70 ? 141  PHE A CE1 1 
ATOM   127 C CE2 . PHE A 1 17  ? 5.191   -4.349  10.488  1.00 21.90 ? 141  PHE A CE2 1 
ATOM   128 C CZ  . PHE A 1 17  ? 4.760   -5.056  9.401   1.00 23.41 ? 141  PHE A CZ  1 
ATOM   129 N N   . GLY A 1 18  ? 3.052   -8.768  15.456  1.00 25.78 ? 142  GLY A N   1 
ATOM   130 C CA  . GLY A 1 18  ? 3.108   -9.638  16.671  1.00 23.42 ? 142  GLY A CA  1 
ATOM   131 C C   . GLY A 1 18  ? 4.473   -10.255 16.802  1.00 23.07 ? 142  GLY A C   1 
ATOM   132 O O   . GLY A 1 18  ? 5.053   -10.337 17.901  1.00 23.43 ? 142  GLY A O   1 
ATOM   133 N N   . ASN A 1 19  ? 5.015   -10.645 15.654  1.00 20.85 ? 143  ASN A N   1 
ATOM   134 C CA  . ASN A 1 19  ? 6.304   -11.261 15.569  1.00 22.20 ? 143  ASN A CA  1 
ATOM   135 C C   . ASN A 1 19  ? 7.358   -10.212 15.911  1.00 22.44 ? 143  ASN A C   1 
ATOM   136 O O   . ASN A 1 19  ? 7.573   -9.273  15.112  1.00 23.95 ? 143  ASN A O   1 
ATOM   137 C CB  . ASN A 1 19  ? 6.464   -11.905 14.182  1.00 20.42 ? 143  ASN A CB  1 
ATOM   138 C CG  . ASN A 1 19  ? 7.710   -12.685 14.046  1.00 21.44 ? 143  ASN A CG  1 
ATOM   139 O OD1 . ASN A 1 19  ? 8.761   -12.093 13.924  1.00 18.98 ? 143  ASN A OD1 1 
ATOM   140 N ND2 . ASN A 1 19  ? 7.621   -14.033 14.040  1.00 16.77 ? 143  ASN A ND2 1 
ATOM   141 N N   . ASP A 1 20  ? 8.007   -10.361 17.077  1.00 21.48 ? 144  ASP A N   1 
ATOM   142 C CA  . ASP A 1 20  ? 9.004   -9.390  17.511  1.00 20.68 ? 144  ASP A CA  1 
ATOM   143 C C   . ASP A 1 20  ? 10.120  -9.172  16.524  1.00 20.81 ? 144  ASP A C   1 
ATOM   144 O O   . ASP A 1 20  ? 10.646  -8.053  16.388  1.00 20.22 ? 144  ASP A O   1 
ATOM   145 C CB  . ASP A 1 20  ? 9.682   -9.738  18.838  1.00 20.00 ? 144  ASP A CB  1 
ATOM   146 C CG  . ASP A 1 20  ? 8.747   -9.859  19.959  1.00 19.60 ? 144  ASP A CG  1 
ATOM   147 O OD1 . ASP A 1 20  ? 7.574   -9.453  19.875  1.00 18.64 ? 144  ASP A OD1 1 
ATOM   148 O OD2 . ASP A 1 20  ? 9.128   -10.364 21.032  1.00 16.58 ? 144  ASP A OD2 1 
ATOM   149 N N   . TYR A 1 21  ? 10.539  -10.232 15.861  1.00 19.40 ? 145  TYR A N   1 
ATOM   150 C CA  . TYR A 1 21  ? 11.585  -10.087 14.871  1.00 19.09 ? 145  TYR A CA  1 
ATOM   151 C C   . TYR A 1 21  ? 11.144  -9.202  13.712  1.00 19.63 ? 145  TYR A C   1 
ATOM   152 O O   . TYR A 1 21  ? 11.952  -8.431  13.167  1.00 19.09 ? 145  TYR A O   1 
ATOM   153 C CB  . TYR A 1 21  ? 11.968  -11.436 14.311  1.00 20.82 ? 145  TYR A CB  1 
ATOM   154 C CG  . TYR A 1 21  ? 13.041  -11.339 13.234  1.00 21.12 ? 145  TYR A CG  1 
ATOM   155 C CD1 . TYR A 1 21  ? 14.380  -11.202 13.567  1.00 23.03 ? 145  TYR A CD1 1 
ATOM   156 C CD2 . TYR A 1 21  ? 12.690  -11.410 11.880  1.00 24.17 ? 145  TYR A CD2 1 
ATOM   157 C CE1 . TYR A 1 21  ? 15.348  -11.091 12.559  1.00 26.50 ? 145  TYR A CE1 1 
ATOM   158 C CE2 . TYR A 1 21  ? 13.635  -11.305 10.869  1.00 25.93 ? 145  TYR A CE2 1 
ATOM   159 C CZ  . TYR A 1 21  ? 14.954  -11.146 11.211  1.00 24.11 ? 145  TYR A CZ  1 
ATOM   160 O OH  . TYR A 1 21  ? 15.886  -11.120 10.194  1.00 27.76 ? 145  TYR A OH  1 
ATOM   161 N N   . GLU A 1 22  ? 9.916   -9.429  13.266  1.00 17.43 ? 146  GLU A N   1 
ATOM   162 C CA  . GLU A 1 22  ? 9.302   -8.636  12.231  1.00 19.07 ? 146  GLU A CA  1 
ATOM   163 C C   . GLU A 1 22  ? 9.203   -7.169  12.595  1.00 19.46 ? 146  GLU A C   1 
ATOM   164 O O   . GLU A 1 22  ? 9.476   -6.301  11.740  1.00 18.84 ? 146  GLU A O   1 
ATOM   165 C CB  . GLU A 1 22  ? 7.923   -9.169  11.949  1.00 20.47 ? 146  GLU A CB  1 
ATOM   166 C CG  . GLU A 1 22  ? 7.923   -10.277 10.937  1.00 21.23 ? 146  GLU A CG  1 
ATOM   167 C CD  . GLU A 1 22  ? 6.576   -10.948 10.790  1.00 33.50 ? 146  GLU A CD  1 
ATOM   168 O OE1 . GLU A 1 22  ? 6.560   -12.132 10.340  1.00 37.08 ? 146  GLU A OE1 1 
ATOM   169 O OE2 . GLU A 1 22  ? 5.525   -10.334 11.143  1.00 35.14 ? 146  GLU A OE2 1 
ATOM   170 N N   . ASP A 1 23  ? 8.755   -6.908  13.840  1.00 19.16 ? 147  ASP A N   1 
ATOM   171 C CA  . ASP A 1 23  ? 8.722   -5.578  14.413  1.00 19.77 ? 147  ASP A CA  1 
ATOM   172 C C   . ASP A 1 23  ? 10.054  -4.889  14.315  1.00 20.39 ? 147  ASP A C   1 
ATOM   173 O O   . ASP A 1 23  ? 10.167  -3.771  13.710  1.00 20.29 ? 147  ASP A O   1 
ATOM   174 C CB  . ASP A 1 23  ? 8.319   -5.618  15.901  1.00 18.95 ? 147  ASP A CB  1 
ATOM   175 C CG  . ASP A 1 23  ? 8.310   -4.197  16.510  1.00 22.89 ? 147  ASP A CG  1 
ATOM   176 O OD1 . ASP A 1 23  ? 9.144   -3.846  17.386  1.00 20.27 ? 147  ASP A OD1 1 
ATOM   177 O OD2 . ASP A 1 23  ? 7.496   -3.355  16.125  1.00 26.24 ? 147  ASP A OD2 1 
ATOM   178 N N   . CYS A 1 24  ? 11.071  -5.566  14.848  1.00 20.75 ? 148  CYS A N   1 
ATOM   179 C CA  . CYS A 1 24  ? 12.455  -5.100  14.866  1.00 22.12 ? 148  CYS A CA  1 
ATOM   180 C C   . CYS A 1 24  ? 12.984  -4.760  13.446  1.00 22.51 ? 148  CYS A C   1 
ATOM   181 O O   . CYS A 1 24  ? 13.543  -3.692  13.205  1.00 19.84 ? 148  CYS A O   1 
ATOM   182 C CB  . CYS A 1 24  ? 13.317  -6.200  15.512  1.00 22.79 ? 148  CYS A CB  1 
ATOM   183 S SG  . CYS A 1 24  ? 15.002  -5.759  16.009  1.00 29.36 ? 148  CYS A SG  1 
ATOM   184 N N   . TYR A 1 25  ? 12.848  -5.713  12.534  1.00 21.23 ? 149  TYR A N   1 
ATOM   185 C CA  . TYR A 1 25  ? 13.252  -5.548  11.183  1.00 20.71 ? 149  TYR A CA  1 
ATOM   186 C C   . TYR A 1 25  ? 12.522  -4.428  10.484  1.00 19.18 ? 149  TYR A C   1 
ATOM   187 O O   . TYR A 1 25  ? 13.089  -3.717  9.725   1.00 19.20 ? 149  TYR A O   1 
ATOM   188 C CB  . TYR A 1 25  ? 12.942  -6.837  10.467  1.00 22.43 ? 149  TYR A CB  1 
ATOM   189 C CG  . TYR A 1 25  ? 13.690  -7.014  9.190   1.00 24.20 ? 149  TYR A CG  1 
ATOM   190 C CD1 . TYR A 1 25  ? 14.967  -7.546  9.192   1.00 28.19 ? 149  TYR A CD1 1 
ATOM   191 C CD2 . TYR A 1 25  ? 13.104  -6.702  7.976   1.00 24.70 ? 149  TYR A CD2 1 
ATOM   192 C CE1 . TYR A 1 25  ? 15.660  -7.779  7.987   1.00 29.64 ? 149  TYR A CE1 1 
ATOM   193 C CE2 . TYR A 1 25  ? 13.783  -6.903  6.784   1.00 29.58 ? 149  TYR A CE2 1 
ATOM   194 C CZ  . TYR A 1 25  ? 15.053  -7.459  6.802   1.00 28.86 ? 149  TYR A CZ  1 
ATOM   195 O OH  . TYR A 1 25  ? 15.740  -7.679  5.641   1.00 31.54 ? 149  TYR A OH  1 
ATOM   196 N N   . TYR A 1 26  ? 11.237  -4.296  10.752  1.00 19.89 ? 150  TYR A N   1 
ATOM   197 C CA  . TYR A 1 26  ? 10.455  -3.213  10.222  1.00 19.57 ? 150  TYR A CA  1 
ATOM   198 C C   . TYR A 1 26  ? 10.981  -1.860  10.686  1.00 20.25 ? 150  TYR A C   1 
ATOM   199 O O   . TYR A 1 26  ? 11.158  -0.921  9.872   1.00 17.24 ? 150  TYR A O   1 
ATOM   200 C CB  . TYR A 1 26  ? 9.042   -3.363  10.716  1.00 19.83 ? 150  TYR A CB  1 
ATOM   201 C CG  . TYR A 1 26  ? 8.139   -2.152  10.533  1.00 25.83 ? 150  TYR A CG  1 
ATOM   202 C CD1 . TYR A 1 26  ? 8.055   -1.498  9.315   1.00 27.41 ? 150  TYR A CD1 1 
ATOM   203 C CD2 . TYR A 1 26  ? 7.333   -1.699  11.601  1.00 28.55 ? 150  TYR A CD2 1 
ATOM   204 C CE1 . TYR A 1 26  ? 7.189   -0.359  9.135   1.00 30.16 ? 150  TYR A CE1 1 
ATOM   205 C CE2 . TYR A 1 26  ? 6.461   -0.603  11.452  1.00 29.71 ? 150  TYR A CE2 1 
ATOM   206 C CZ  . TYR A 1 26  ? 6.393   0.064   10.212  1.00 31.28 ? 150  TYR A CZ  1 
ATOM   207 O OH  . TYR A 1 26  ? 5.540   1.149   10.072  1.00 31.70 ? 150  TYR A OH  1 
ATOM   208 N N   . ARG A 1 27  ? 11.271  -1.769  11.976  1.00 19.96 ? 151  ARG A N   1 
ATOM   209 C CA  . ARG A 1 27  ? 11.666  -0.507  12.613  1.00 20.94 ? 151  ARG A CA  1 
ATOM   210 C C   . ARG A 1 27  ? 13.052  -0.090  12.071  1.00 21.45 ? 151  ARG A C   1 
ATOM   211 O O   . ARG A 1 27  ? 13.304  1.092   11.603  1.00 17.55 ? 151  ARG A O   1 
ATOM   212 C CB  . ARG A 1 27  ? 11.635  -0.680  14.146  1.00 20.79 ? 151  ARG A CB  1 
ATOM   213 C CG  . ARG A 1 27  ? 10.263  -0.614  14.708  1.00 19.69 ? 151  ARG A CG  1 
ATOM   214 C CD  . ARG A 1 27  ? 10.146  -0.480  16.259  1.00 25.78 ? 151  ARG A CD  1 
ATOM   215 N NE  . ARG A 1 27  ? 8.700   -0.568  16.557  1.00 38.48 ? 151  ARG A NE  1 
ATOM   216 C CZ  . ARG A 1 27  ? 8.105   -0.040  17.613  1.00 40.33 ? 151  ARG A CZ  1 
ATOM   217 N NH1 . ARG A 1 27  ? 8.804   0.646   18.498  1.00 41.55 ? 151  ARG A NH1 1 
ATOM   218 N NH2 . ARG A 1 27  ? 6.794   -0.163  17.760  1.00 43.62 ? 151  ARG A NH2 1 
ATOM   219 N N   . GLU A 1 28  ? 13.916  -1.082  12.059  1.00 21.85 ? 152  GLU A N   1 
ATOM   220 C CA  . GLU A 1 28  ? 15.288  -0.959  11.537  1.00 23.37 ? 152  GLU A CA  1 
ATOM   221 C C   . GLU A 1 28  ? 15.396  -0.525  10.069  1.00 23.42 ? 152  GLU A C   1 
ATOM   222 O O   . GLU A 1 28  ? 16.345  0.201   9.681   1.00 23.61 ? 152  GLU A O   1 
ATOM   223 C CB  . GLU A 1 28  ? 16.016  -2.293  11.718  1.00 24.22 ? 152  GLU A CB  1 
ATOM   224 C CG  . GLU A 1 28  ? 17.379  -2.355  11.028  1.00 28.55 ? 152  GLU A CG  1 
ATOM   225 C CD  . GLU A 1 28  ? 18.460  -1.782  11.902  1.00 34.68 ? 152  GLU A CD  1 
ATOM   226 O OE1 . GLU A 1 28  ? 19.519  -1.362  11.386  1.00 38.45 ? 152  GLU A OE1 1 
ATOM   227 O OE2 . GLU A 1 28  ? 18.250  -1.755  13.123  1.00 39.39 ? 152  GLU A OE2 1 
ATOM   228 N N   . ASN A 1 29  ? 14.454  -0.980  9.249   1.00 24.35 ? 153  ASN A N   1 
ATOM   229 C CA  . ASN A 1 29  ? 14.514  -0.729  7.772   1.00 23.55 ? 153  ASN A CA  1 
ATOM   230 C C   . ASN A 1 29  ? 13.309  0.034   7.236   1.00 21.97 ? 153  ASN A C   1 
ATOM   231 O O   . ASN A 1 29  ? 12.969  -0.056  6.021   1.00 21.77 ? 153  ASN A O   1 
ATOM   232 C CB  . ASN A 1 29  ? 14.617  -2.068  7.026   1.00 23.95 ? 153  ASN A CB  1 
ATOM   233 C CG  . ASN A 1 29  ? 15.834  -2.840  7.395   1.00 24.11 ? 153  ASN A CG  1 
ATOM   234 O OD1 . ASN A 1 29  ? 16.939  -2.451  7.060   1.00 23.78 ? 153  ASN A OD1 1 
ATOM   235 N ND2 . ASN A 1 29  ? 15.646  -3.955  8.102   1.00 27.03 ? 153  ASN A ND2 1 
ATOM   236 N N   . MET A 1 30  ? 12.624  0.750   8.136   1.00 21.67 ? 154  MET A N   1 
ATOM   237 C CA  . MET A 1 30  ? 11.297  1.338   7.872   1.00 23.33 ? 154  MET A CA  1 
ATOM   238 C C   . MET A 1 30  ? 11.242  2.154   6.560   1.00 22.68 ? 154  MET A C   1 
ATOM   239 O O   . MET A 1 30  ? 10.169  2.213   5.913   1.00 22.53 ? 154  MET A O   1 
ATOM   240 C CB  . MET A 1 30  ? 10.961  2.281   9.049   1.00 21.85 ? 154  MET A CB  1 
ATOM   241 C CG  . MET A 1 30  ? 9.516   2.605   9.255   1.00 26.35 ? 154  MET A CG  1 
ATOM   242 S SD  . MET A 1 30  ? 9.324   3.653   10.738  1.00 27.76 ? 154  MET A SD  1 
ATOM   243 C CE  . MET A 1 30  ? 10.235  5.120   10.214  1.00 27.68 ? 154  MET A CE  1 
ATOM   244 N N   . HIS A 1 31  ? 12.355  2.813   6.207   1.00 21.33 ? 155  HIS A N   1 
ATOM   245 C CA  . HIS A 1 31  ? 12.319  3.788   5.048   1.00 22.13 ? 155  HIS A CA  1 
ATOM   246 C C   . HIS A 1 31  ? 12.317  3.081   3.660   1.00 23.89 ? 155  HIS A C   1 
ATOM   247 O O   . HIS A 1 31  ? 12.084  3.707   2.630   1.00 23.00 ? 155  HIS A O   1 
ATOM   248 C CB  . HIS A 1 31  ? 13.479  4.792   5.062   1.00 21.40 ? 155  HIS A CB  1 
ATOM   249 C CG  . HIS A 1 31  ? 13.500  5.755   6.232   1.00 20.70 ? 155  HIS A CG  1 
ATOM   250 N ND1 . HIS A 1 31  ? 12.358  6.207   6.882   1.00 23.95 ? 155  HIS A ND1 1 
ATOM   251 C CD2 . HIS A 1 31  ? 14.550  6.367   6.841   1.00 21.89 ? 155  HIS A CD2 1 
ATOM   252 C CE1 . HIS A 1 31  ? 12.706  7.068   7.846   1.00 25.47 ? 155  HIS A CE1 1 
ATOM   253 N NE2 . HIS A 1 31  ? 14.034  7.194   7.834   1.00 23.83 ? 155  HIS A NE2 1 
ATOM   254 N N   . ARG A 1 32  ? 12.581  1.786   3.656   1.00 25.07 ? 156  ARG A N   1 
ATOM   255 C CA  . ARG A 1 32  ? 12.448  0.937   2.425   1.00 28.30 ? 156  ARG A CA  1 
ATOM   256 C C   . ARG A 1 32  ? 11.042  0.642   1.894   1.00 27.89 ? 156  ARG A C   1 
ATOM   257 O O   . ARG A 1 32  ? 10.904  0.237   0.734   1.00 29.92 ? 156  ARG A O   1 
ATOM   258 C CB  . ARG A 1 32  ? 13.158  -0.394  2.683   1.00 28.27 ? 156  ARG A CB  1 
ATOM   259 C CG  . ARG A 1 32  ? 14.615  -0.183  3.041   1.00 27.64 ? 156  ARG A CG  1 
ATOM   260 C CD  . ARG A 1 32  ? 15.424  -1.484  3.302   1.00 33.76 ? 156  ARG A CD  1 
ATOM   261 N NE  . ARG A 1 32  ? 15.437  -2.386  2.149   1.00 42.50 ? 156  ARG A NE  1 
ATOM   262 C CZ  . ARG A 1 32  ? 16.455  -2.561  1.281   1.00 46.50 ? 156  ARG A CZ  1 
ATOM   263 N NH1 . ARG A 1 32  ? 17.622  -1.901  1.403   1.00 47.11 ? 156  ARG A NH1 1 
ATOM   264 N NH2 . ARG A 1 32  ? 16.306  -3.419  0.282   1.00 44.28 ? 156  ARG A NH2 1 
ATOM   265 N N   . TYR A 1 33  ? 10.025  0.795   2.720   1.00 26.15 ? 157  TYR A N   1 
ATOM   266 C CA  . TYR A 1 33  ? 8.668   0.437   2.368   1.00 27.78 ? 157  TYR A CA  1 
ATOM   267 C C   . TYR A 1 33  ? 7.920   1.633   1.796   1.00 28.69 ? 157  TYR A C   1 
ATOM   268 O O   . TYR A 1 33  ? 8.218   2.744   2.205   1.00 28.55 ? 157  TYR A O   1 
ATOM   269 C CB  . TYR A 1 33  ? 7.977   -0.139  3.598   1.00 26.89 ? 157  TYR A CB  1 
ATOM   270 C CG  . TYR A 1 33  ? 8.842   -1.212  4.206   1.00 29.03 ? 157  TYR A CG  1 
ATOM   271 C CD1 . TYR A 1 33  ? 9.161   -2.352  3.459   1.00 26.74 ? 157  TYR A CD1 1 
ATOM   272 C CD2 . TYR A 1 33  ? 9.431   -1.051  5.488   1.00 26.58 ? 157  TYR A CD2 1 
ATOM   273 C CE1 . TYR A 1 33  ? 10.021  -3.339  4.001   1.00 32.31 ? 157  TYR A CE1 1 
ATOM   274 C CE2 . TYR A 1 33  ? 10.248  -2.038  6.046   1.00 26.69 ? 157  TYR A CE2 1 
ATOM   275 C CZ  . TYR A 1 33  ? 10.529  -3.174  5.300   1.00 28.96 ? 157  TYR A CZ  1 
ATOM   276 O OH  . TYR A 1 33  ? 11.375  -4.118  5.808   1.00 25.81 ? 157  TYR A OH  1 
ATOM   277 N N   . PRO A 1 34  ? 6.947   1.423   0.894   1.00 30.13 ? 158  PRO A N   1 
ATOM   278 C CA  . PRO A 1 34  ? 6.373   2.498   0.100   1.00 32.30 ? 158  PRO A CA  1 
ATOM   279 C C   . PRO A 1 34  ? 5.743   3.619   0.958   1.00 33.55 ? 158  PRO A C   1 
ATOM   280 O O   . PRO A 1 34  ? 5.329   3.361   2.104   1.00 32.43 ? 158  PRO A O   1 
ATOM   281 C CB  . PRO A 1 34  ? 5.249   1.802   -0.668  1.00 32.58 ? 158  PRO A CB  1 
ATOM   282 C CG  . PRO A 1 34  ? 5.550   0.353   -0.659  1.00 31.78 ? 158  PRO A CG  1 
ATOM   283 C CD  . PRO A 1 34  ? 6.287   0.133   0.613   1.00 31.68 ? 158  PRO A CD  1 
ATOM   284 N N   . ASN A 1 35  ? 5.661   4.828   0.394   1.00 35.82 ? 159  ASN A N   1 
ATOM   285 C CA  . ASN A 1 35  ? 5.040   6.032   1.048   1.00 38.49 ? 159  ASN A CA  1 
ATOM   286 C C   . ASN A 1 35  ? 3.700   6.442   0.444   1.00 39.07 ? 159  ASN A C   1 
ATOM   287 O O   . ASN A 1 35  ? 2.911   7.195   1.024   1.00 39.67 ? 159  ASN A O   1 
ATOM   288 C CB  . ASN A 1 35  ? 5.935   7.230   0.802   1.00 38.84 ? 159  ASN A CB  1 
ATOM   289 C CG  . ASN A 1 35  ? 7.169   7.194   1.619   1.00 42.30 ? 159  ASN A CG  1 
ATOM   290 O OD1 . ASN A 1 35  ? 8.271   6.948   1.110   1.00 45.97 ? 159  ASN A OD1 1 
ATOM   291 N ND2 . ASN A 1 35  ? 7.013   7.459   2.902   1.00 46.75 ? 159  ASN A ND2 1 
ATOM   292 N N   . GLN A 1 36  ? 3.514   6.020   -0.786  1.00 39.92 ? 160  GLN A N   1 
ATOM   293 C CA  . GLN A 1 36  ? 2.305   6.297   -1.544  1.00 41.47 ? 160  GLN A CA  1 
ATOM   294 C C   . GLN A 1 36  ? 1.895   4.991   -2.181  1.00 40.08 ? 160  GLN A C   1 
ATOM   295 O O   . GLN A 1 36  ? 2.750   4.154   -2.443  1.00 39.88 ? 160  GLN A O   1 
ATOM   296 C CB  . GLN A 1 36  ? 2.586   7.332   -2.630  1.00 41.07 ? 160  GLN A CB  1 
ATOM   297 C CG  . GLN A 1 36  ? 3.956   7.239   -3.267  1.00 43.12 ? 160  GLN A CG  1 
ATOM   298 C CD  . GLN A 1 36  ? 4.311   8.518   -4.047  1.00 44.77 ? 160  GLN A CD  1 
ATOM   299 O OE1 . GLN A 1 36  ? 3.411   9.268   -4.491  1.00 48.81 ? 160  GLN A OE1 1 
ATOM   300 N NE2 . GLN A 1 36  ? 5.617   8.769   -4.223  1.00 49.03 ? 160  GLN A NE2 1 
ATOM   301 N N   . VAL A 1 37  ? 0.593   4.854   -2.429  1.00 39.66 ? 161  VAL A N   1 
ATOM   302 C CA  . VAL A 1 37  ? 0.025   3.713   -3.112  1.00 39.65 ? 161  VAL A CA  1 
ATOM   303 C C   . VAL A 1 37  ? -0.503  4.024   -4.506  1.00 40.63 ? 161  VAL A C   1 
ATOM   304 O O   . VAL A 1 37  ? -0.849  5.177   -4.844  1.00 39.74 ? 161  VAL A O   1 
ATOM   305 C CB  . VAL A 1 37  ? -1.099  3.044   -2.270  1.00 39.50 ? 161  VAL A CB  1 
ATOM   306 C CG1 . VAL A 1 37  ? -0.571  2.629   -0.898  1.00 36.10 ? 161  VAL A CG1 1 
ATOM   307 C CG2 . VAL A 1 37  ? -2.349  3.946   -2.144  1.00 39.43 ? 161  VAL A CG2 1 
ATOM   308 N N   . TYR A 1 38  ? -0.566  2.975   -5.320  1.00 41.66 ? 162  TYR A N   1 
ATOM   309 C CA  . TYR A 1 38  ? -1.236  3.037   -6.620  1.00 41.61 ? 162  TYR A CA  1 
ATOM   310 C C   . TYR A 1 38  ? -2.560  2.292   -6.552  1.00 42.69 ? 162  TYR A C   1 
ATOM   311 O O   . TYR A 1 38  ? -2.681  1.306   -5.828  1.00 43.27 ? 162  TYR A O   1 
ATOM   312 C CB  . TYR A 1 38  ? -0.373  2.425   -7.715  1.00 40.96 ? 162  TYR A CB  1 
ATOM   313 C CG  . TYR A 1 38  ? 0.928   3.111   -7.887  1.00 41.97 ? 162  TYR A CG  1 
ATOM   314 C CD1 . TYR A 1 38  ? 2.037   2.689   -7.170  1.00 38.76 ? 162  TYR A CD1 1 
ATOM   315 C CD2 . TYR A 1 38  ? 1.057   4.228   -8.741  1.00 42.65 ? 162  TYR A CD2 1 
ATOM   316 C CE1 . TYR A 1 38  ? 3.249   3.300   -7.308  1.00 41.66 ? 162  TYR A CE1 1 
ATOM   317 C CE2 . TYR A 1 38  ? 2.282   4.876   -8.875  1.00 43.63 ? 162  TYR A CE2 1 
ATOM   318 C CZ  . TYR A 1 38  ? 3.371   4.397   -8.148  1.00 43.77 ? 162  TYR A CZ  1 
ATOM   319 O OH  . TYR A 1 38  ? 4.605   5.003   -8.251  1.00 45.12 ? 162  TYR A OH  1 
ATOM   320 N N   . TYR A 1 39  ? -3.556  2.737   -7.305  1.00 43.13 ? 163  TYR A N   1 
ATOM   321 C CA  . TYR A 1 39  ? -4.876  2.107   -7.230  1.00 45.45 ? 163  TYR A CA  1 
ATOM   322 C C   . TYR A 1 39  ? -5.700  2.554   -8.402  1.00 46.29 ? 163  TYR A C   1 
ATOM   323 O O   . TYR A 1 39  ? -5.447  3.628   -8.949  1.00 46.09 ? 163  TYR A O   1 
ATOM   324 C CB  . TYR A 1 39  ? -5.608  2.474   -5.918  1.00 45.25 ? 163  TYR A CB  1 
ATOM   325 C CG  . TYR A 1 39  ? -5.930  3.953   -5.763  1.00 45.57 ? 163  TYR A CG  1 
ATOM   326 C CD1 . TYR A 1 39  ? -5.002  4.839   -5.215  1.00 43.17 ? 163  TYR A CD1 1 
ATOM   327 C CD2 . TYR A 1 39  ? -7.159  4.469   -6.183  1.00 44.91 ? 163  TYR A CD2 1 
ATOM   328 C CE1 . TYR A 1 39  ? -5.292  6.196   -5.088  1.00 42.90 ? 163  TYR A CE1 1 
ATOM   329 C CE2 . TYR A 1 39  ? -7.467  5.839   -6.063  1.00 43.65 ? 163  TYR A CE2 1 
ATOM   330 C CZ  . TYR A 1 39  ? -6.533  6.688   -5.508  1.00 45.90 ? 163  TYR A CZ  1 
ATOM   331 O OH  . TYR A 1 39  ? -6.837  8.036   -5.356  1.00 47.43 ? 163  TYR A OH  1 
ATOM   332 N N   . ARG A 1 40  ? -6.698  1.741   -8.761  1.00 48.47 ? 164  ARG A N   1 
ATOM   333 C CA  . ARG A 1 40  ? -7.695  2.114   -9.765  1.00 50.78 ? 164  ARG A CA  1 
ATOM   334 C C   . ARG A 1 40  ? -8.885  2.850   -9.141  1.00 52.25 ? 164  ARG A C   1 
ATOM   335 O O   . ARG A 1 40  ? -9.271  2.555   -7.999  1.00 52.16 ? 164  ARG A O   1 
ATOM   336 C CB  . ARG A 1 40  ? -8.188  0.882   -10.533 1.00 50.87 ? 164  ARG A CB  1 
ATOM   337 C CG  A ARG A 1 40  ? -7.303  0.538   -11.723 0.50 50.51 ? 164  ARG A CG  1 
ATOM   338 C CG  B ARG A 1 40  ? -7.255  0.342   -11.604 0.50 50.81 ? 164  ARG A CG  1 
ATOM   339 C CD  A ARG A 1 40  ? -8.001  -0.181  -12.888 0.50 50.28 ? 164  ARG A CD  1 
ATOM   340 C CD  B ARG A 1 40  ? -7.744  -0.970  -12.244 0.50 51.18 ? 164  ARG A CD  1 
ATOM   341 N NE  A ARG A 1 40  ? -7.072  -0.354  -14.011 0.50 49.23 ? 164  ARG A NE  1 
ATOM   342 N NE  B ARG A 1 40  ? -9.205  -1.003  -12.365 0.50 50.65 ? 164  ARG A NE  1 
ATOM   343 C CZ  A ARG A 1 40  ? -7.140  -1.306  -14.939 0.50 48.65 ? 164  ARG A CZ  1 
ATOM   344 C CZ  B ARG A 1 40  ? -9.908  -1.946  -12.989 0.50 51.10 ? 164  ARG A CZ  1 
ATOM   345 N NH1 A ARG A 1 40  ? -8.103  -2.220  -14.933 0.50 49.61 ? 164  ARG A NH1 1 
ATOM   346 N NH1 B ARG A 1 40  ? -9.303  -2.962  -13.595 0.50 50.45 ? 164  ARG A NH1 1 
ATOM   347 N NH2 A ARG A 1 40  ? -6.224  -1.345  -15.892 0.50 48.54 ? 164  ARG A NH2 1 
ATOM   348 N NH2 B ARG A 1 40  ? -11.235 -1.862  -13.016 0.50 50.48 ? 164  ARG A NH2 1 
ATOM   349 N N   . PRO A 1 41  ? -9.490  3.789   -9.887  1.00 53.71 ? 165  PRO A N   1 
ATOM   350 C CA  . PRO A 1 41  ? -10.553 4.623   -9.331  1.00 54.41 ? 165  PRO A CA  1 
ATOM   351 C C   . PRO A 1 41  ? -11.647 3.781   -8.672  1.00 55.55 ? 165  PRO A C   1 
ATOM   352 O O   . PRO A 1 41  ? -12.006 2.699   -9.158  1.00 55.48 ? 165  PRO A O   1 
ATOM   353 C CB  . PRO A 1 41  ? -11.084 5.397   -10.536 1.00 54.93 ? 165  PRO A CB  1 
ATOM   354 C CG  . PRO A 1 41  ? -10.483 4.732   -11.751 1.00 54.36 ? 165  PRO A CG  1 
ATOM   355 C CD  . PRO A 1 41  ? -9.210  4.105   -11.301 1.00 53.91 ? 165  PRO A CD  1 
ATOM   356 N N   . VAL A 1 42  ? -12.144 4.273   -7.546  1.00 56.73 ? 166  VAL A N   1 
ATOM   357 C CA  . VAL A 1 42  ? -13.022 3.491   -6.675  1.00 58.14 ? 166  VAL A CA  1 
ATOM   358 C C   . VAL A 1 42  ? -14.279 2.932   -7.366  1.00 59.11 ? 166  VAL A C   1 
ATOM   359 O O   . VAL A 1 42  ? -14.669 1.797   -7.086  1.00 59.61 ? 166  VAL A O   1 
ATOM   360 C CB  . VAL A 1 42  ? -13.353 4.262   -5.370  1.00 57.87 ? 166  VAL A CB  1 
ATOM   361 C CG1 . VAL A 1 42  ? -14.119 5.535   -5.664  1.00 58.16 ? 166  VAL A CG1 1 
ATOM   362 C CG2 . VAL A 1 42  ? -14.087 3.377   -4.377  1.00 57.85 ? 166  VAL A CG2 1 
ATOM   363 N N   . ASP A 1 43  ? -14.867 3.709   -8.280  1.00 60.36 ? 167  ASP A N   1 
ATOM   364 C CA  . ASP A 1 43  ? -16.070 3.323   -9.049  1.00 61.88 ? 167  ASP A CA  1 
ATOM   365 C C   . ASP A 1 43  ? -15.963 1.954   -9.734  1.00 62.63 ? 167  ASP A C   1 
ATOM   366 O O   . ASP A 1 43  ? -16.970 1.348   -10.117 1.00 62.73 ? 167  ASP A O   1 
ATOM   367 C CB  . ASP A 1 43  ? -16.427 4.405   -10.089 1.00 62.47 ? 167  ASP A CB  1 
ATOM   368 C CG  . ASP A 1 43  ? -15.235 5.316   -10.444 1.00 64.29 ? 167  ASP A CG  1 
ATOM   369 O OD1 . ASP A 1 43  ? -15.017 5.606   -11.649 1.00 64.71 ? 167  ASP A OD1 1 
ATOM   370 O OD2 . ASP A 1 43  ? -14.458 5.797   -9.576  1.00 65.74 ? 167  ASP A OD2 1 
ATOM   371 N N   . GLN A 1 44  ? -14.738 1.461   -9.870  1.00 63.01 ? 168  GLN A N   1 
ATOM   372 C CA  . GLN A 1 44  ? -14.484 0.175   -10.493 1.00 63.56 ? 168  GLN A CA  1 
ATOM   373 C C   . GLN A 1 44  ? -14.573 -0.993  -9.494  1.00 63.48 ? 168  GLN A C   1 
ATOM   374 O O   . GLN A 1 44  ? -14.317 -2.146  -9.853  1.00 63.65 ? 168  GLN A O   1 
ATOM   375 C CB  . GLN A 1 44  ? -13.108 0.231   -11.155 1.00 63.75 ? 168  GLN A CB  1 
ATOM   376 C CG  . GLN A 1 44  ? -12.790 1.636   -11.674 1.00 65.15 ? 168  GLN A CG  1 
ATOM   377 C CD  . GLN A 1 44  ? -11.931 1.654   -12.928 1.00 68.00 ? 168  GLN A CD  1 
ATOM   378 O OE1 . GLN A 1 44  ? -11.154 0.727   -13.174 1.00 69.40 ? 168  GLN A OE1 1 
ATOM   379 N NE2 . GLN A 1 44  ? -12.062 2.716   -13.721 1.00 67.99 ? 168  GLN A NE2 1 
ATOM   380 N N   . TYR A 1 45  ? -14.937 -0.698  -8.243  1.00 63.46 ? 169  TYR A N   1 
ATOM   381 C CA  . TYR A 1 45  ? -14.910 -1.716  -7.176  1.00 62.79 ? 169  TYR A CA  1 
ATOM   382 C C   . TYR A 1 45  ? -16.179 -1.787  -6.365  1.00 63.09 ? 169  TYR A C   1 
ATOM   383 O O   . TYR A 1 45  ? -16.583 -0.793  -5.751  1.00 63.48 ? 169  TYR A O   1 
ATOM   384 C CB  . TYR A 1 45  ? -13.734 -1.479  -6.223  1.00 61.67 ? 169  TYR A CB  1 
ATOM   385 C CG  . TYR A 1 45  ? -12.398 -1.519  -6.910  1.00 59.49 ? 169  TYR A CG  1 
ATOM   386 C CD1 . TYR A 1 45  ? -11.793 -2.731  -7.213  1.00 57.78 ? 169  TYR A CD1 1 
ATOM   387 C CD2 . TYR A 1 45  ? -11.745 -0.335  -7.266  1.00 58.63 ? 169  TYR A CD2 1 
ATOM   388 C CE1 . TYR A 1 45  ? -10.572 -2.769  -7.854  1.00 57.72 ? 169  TYR A CE1 1 
ATOM   389 C CE2 . TYR A 1 45  ? -10.527 -0.356  -7.898  1.00 57.94 ? 169  TYR A CE2 1 
ATOM   390 C CZ  . TYR A 1 45  ? -9.944  -1.575  -8.183  1.00 58.35 ? 169  TYR A CZ  1 
ATOM   391 O OH  . TYR A 1 45  ? -8.744  -1.594  -8.811  1.00 57.46 ? 169  TYR A OH  1 
ATOM   392 N N   . SER A 1 46  ? -16.774 -2.980  -6.334  1.00 63.44 ? 170  SER A N   1 
ATOM   393 C CA  . SER A 1 46  ? -17.983 -3.222  -5.557  1.00 63.51 ? 170  SER A CA  1 
ATOM   394 C C   . SER A 1 46  ? -17.751 -2.909  -4.074  1.00 63.38 ? 170  SER A C   1 
ATOM   395 O O   . SER A 1 46  ? -18.508 -2.122  -3.469  1.00 63.05 ? 170  SER A O   1 
ATOM   396 C CB  . SER A 1 46  ? -18.525 -4.650  -5.774  1.00 64.25 ? 170  SER A CB  1 
ATOM   397 O OG  . SER A 1 46  ? -17.492 -5.616  -5.934  1.00 64.20 ? 170  SER A OG  1 
ATOM   398 N N   . ASN A 1 47  ? -16.678 -3.476  -3.518  1.00 62.45 ? 171  ASN A N   1 
ATOM   399 C CA  . ASN A 1 47  ? -16.345 -3.252  -2.116  1.00 61.59 ? 171  ASN A CA  1 
ATOM   400 C C   . ASN A 1 47  ? -14.914 -2.764  -1.828  1.00 60.40 ? 171  ASN A C   1 
ATOM   401 O O   . ASN A 1 47  ? -14.139 -2.463  -2.741  1.00 60.11 ? 171  ASN A O   1 
ATOM   402 C CB  . ASN A 1 47  ? -16.701 -4.484  -1.255  1.00 61.74 ? 171  ASN A CB  1 
ATOM   403 C CG  . ASN A 1 47  ? -16.125 -5.787  -1.793  1.00 62.56 ? 171  ASN A CG  1 
ATOM   404 O OD1 . ASN A 1 47  ? -16.673 -6.868  -1.535  1.00 62.84 ? 171  ASN A OD1 1 
ATOM   405 N ND2 . ASN A 1 47  ? -15.016 -5.702  -2.524  1.00 63.51 ? 171  ASN A ND2 1 
ATOM   406 N N   . GLN A 1 48  ? -14.613 -2.666  -0.536  1.00 59.09 ? 172  GLN A N   1 
ATOM   407 C CA  . GLN A 1 48  ? -13.285 -2.361  -0.025  1.00 57.85 ? 172  GLN A CA  1 
ATOM   408 C C   . GLN A 1 48  ? -12.287 -3.451  -0.378  1.00 56.90 ? 172  GLN A C   1 
ATOM   409 O O   . GLN A 1 48  ? -11.200 -3.154  -0.852  1.00 57.45 ? 172  GLN A O   1 
ATOM   410 C CB  . GLN A 1 48  ? -13.343 -2.186  1.495   1.00 57.93 ? 172  GLN A CB  1 
ATOM   411 C CG  . GLN A 1 48  ? -11.991 -2.196  2.157   1.00 57.98 ? 172  GLN A CG  1 
ATOM   412 C CD  . GLN A 1 48  ? -11.996 -1.715  3.590   1.00 59.27 ? 172  GLN A CD  1 
ATOM   413 O OE1 . GLN A 1 48  ? -12.637 -0.715  3.923   1.00 58.58 ? 172  GLN A OE1 1 
ATOM   414 N NE2 . GLN A 1 48  ? -11.244 -2.413  4.447   1.00 57.98 ? 172  GLN A NE2 1 
ATOM   415 N N   . ASN A 1 49  ? -12.645 -4.711  -0.146  1.00 55.44 ? 173  ASN A N   1 
ATOM   416 C CA  . ASN A 1 49  ? -11.670 -5.799  -0.274  1.00 54.30 ? 173  ASN A CA  1 
ATOM   417 C C   . ASN A 1 49  ? -11.180 -6.095  -1.695  1.00 52.55 ? 173  ASN A C   1 
ATOM   418 O O   . ASN A 1 49  ? -10.034 -6.506  -1.869  1.00 51.60 ? 173  ASN A O   1 
ATOM   419 C CB  . ASN A 1 49  ? -12.129 -7.067  0.456   1.00 54.88 ? 173  ASN A CB  1 
ATOM   420 C CG  . ASN A 1 49  ? -12.060 -6.920  1.968   1.00 57.23 ? 173  ASN A CG  1 
ATOM   421 O OD1 . ASN A 1 49  ? -11.116 -6.332  2.517   1.00 58.27 ? 173  ASN A OD1 1 
ATOM   422 N ND2 . ASN A 1 49  ? -13.070 -7.450  2.655   1.00 59.77 ? 173  ASN A ND2 1 
ATOM   423 N N   . ASN A 1 50  ? -12.046 -5.887  -2.689  1.00 50.54 ? 174  ASN A N   1 
ATOM   424 C CA  . ASN A 1 50  ? -11.652 -5.859  -4.110  1.00 49.30 ? 174  ASN A CA  1 
ATOM   425 C C   . ASN A 1 50  ? -10.670 -4.740  -4.440  1.00 47.57 ? 174  ASN A C   1 
ATOM   426 O O   . ASN A 1 50  ? -9.921  -4.826  -5.410  1.00 47.97 ? 174  ASN A O   1 
ATOM   427 C CB  . ASN A 1 50  ? -12.876 -5.582  -5.007  1.00 49.69 ? 174  ASN A CB  1 
ATOM   428 C CG  . ASN A 1 50  ? -13.716 -6.816  -5.293  1.00 52.15 ? 174  ASN A CG  1 
ATOM   429 O OD1 . ASN A 1 50  ? -13.468 -7.909  -4.773  1.00 52.31 ? 174  ASN A OD1 1 
ATOM   430 N ND2 . ASN A 1 50  ? -14.745 -6.633  -6.136  1.00 51.99 ? 174  ASN A ND2 1 
ATOM   431 N N   . PHE A 1 51  ? -10.767 -3.639  -3.705  1.00 45.14 ? 175  PHE A N   1 
ATOM   432 C CA  . PHE A 1 51  ? -9.985  -2.458  -3.988  1.00 41.97 ? 175  PHE A CA  1 
ATOM   433 C C   . PHE A 1 51  ? -8.605  -2.636  -3.358  1.00 41.43 ? 175  PHE A C   1 
ATOM   434 O O   . PHE A 1 51  ? -7.567  -2.356  -3.995  1.00 39.41 ? 175  PHE A O   1 
ATOM   435 C CB  . PHE A 1 51  ? -10.715 -1.246  -3.396  1.00 41.25 ? 175  PHE A CB  1 
ATOM   436 C CG  . PHE A 1 51  ? -9.937  0.029   -3.438  1.00 38.13 ? 175  PHE A CG  1 
ATOM   437 C CD1 . PHE A 1 51  ? -10.112 0.929   -4.490  1.00 33.80 ? 175  PHE A CD1 1 
ATOM   438 C CD2 . PHE A 1 51  ? -9.048  0.353   -2.415  1.00 33.96 ? 175  PHE A CD2 1 
ATOM   439 C CE1 . PHE A 1 51  ? -9.403  2.143   -4.524  1.00 32.41 ? 175  PHE A CE1 1 
ATOM   440 C CE2 . PHE A 1 51  ? -8.312  1.524   -2.446  1.00 31.55 ? 175  PHE A CE2 1 
ATOM   441 C CZ  . PHE A 1 51  ? -8.499  2.441   -3.512  1.00 36.39 ? 175  PHE A CZ  1 
ATOM   442 N N   . VAL A 1 52  ? -8.628  -3.113  -2.102  1.00 39.57 ? 176  VAL A N   1 
ATOM   443 C CA  . VAL A 1 52  ? -7.466  -3.263  -1.284  1.00 38.74 ? 176  VAL A CA  1 
ATOM   444 C C   . VAL A 1 52  ? -6.531  -4.325  -1.856  1.00 38.87 ? 176  VAL A C   1 
ATOM   445 O O   . VAL A 1 52  ? -5.328  -4.105  -1.926  1.00 37.03 ? 176  VAL A O   1 
ATOM   446 C CB  . VAL A 1 52  ? -7.859  -3.477  0.221   1.00 38.69 ? 176  VAL A CB  1 
ATOM   447 C CG1 . VAL A 1 52  ? -6.729  -4.134  1.066   1.00 38.23 ? 176  VAL A CG1 1 
ATOM   448 C CG2 . VAL A 1 52  ? -8.290  -2.167  0.807   1.00 37.28 ? 176  VAL A CG2 1 
ATOM   449 N N   . HIS A 1 53  ? -7.090  -5.466  -2.253  1.00 39.48 ? 177  HIS A N   1 
ATOM   450 C CA  . HIS A 1 53  ? -6.351  -6.556  -2.897  1.00 40.71 ? 177  HIS A CA  1 
ATOM   451 C C   . HIS A 1 53  ? -5.615  -6.030  -4.134  1.00 40.62 ? 177  HIS A C   1 
ATOM   452 O O   . HIS A 1 53  ? -4.438  -6.333  -4.392  1.00 40.48 ? 177  HIS A O   1 
ATOM   453 C CB  . HIS A 1 53  ? -7.365  -7.648  -3.293  1.00 42.25 ? 177  HIS A CB  1 
ATOM   454 C CG  . HIS A 1 53  ? -6.759  -8.831  -3.982  1.00 45.70 ? 177  HIS A CG  1 
ATOM   455 N ND1 . HIS A 1 53  ? -6.578  -10.047 -3.356  1.00 48.32 ? 177  HIS A ND1 1 
ATOM   456 C CD2 . HIS A 1 53  ? -6.295  -8.986  -5.246  1.00 48.72 ? 177  HIS A CD2 1 
ATOM   457 C CE1 . HIS A 1 53  ? -6.011  -10.895 -4.194  1.00 48.63 ? 177  HIS A CE1 1 
ATOM   458 N NE2 . HIS A 1 53  ? -5.836  -10.278 -5.351  1.00 50.77 ? 177  HIS A NE2 1 
ATOM   459 N N   . ASP A 1 54  ? -6.316  -5.215  -4.901  1.00 40.54 ? 178  ASP A N   1 
ATOM   460 C CA  . ASP A 1 54  ? -5.785  -4.675  -6.144  1.00 40.06 ? 178  ASP A CA  1 
ATOM   461 C C   . ASP A 1 54  ? -4.691  -3.626  -5.895  1.00 37.87 ? 178  ASP A C   1 
ATOM   462 O O   . ASP A 1 54  ? -3.627  -3.660  -6.513  1.00 36.32 ? 178  ASP A O   1 
ATOM   463 C CB  . ASP A 1 54  ? -6.957  -4.110  -6.941  1.00 42.05 ? 178  ASP A CB  1 
ATOM   464 C CG  . ASP A 1 54  ? -6.556  -3.579  -8.312  1.00 47.88 ? 178  ASP A CG  1 
ATOM   465 O OD1 . ASP A 1 54  ? -5.609  -4.094  -8.967  1.00 53.48 ? 178  ASP A OD1 1 
ATOM   466 O OD2 . ASP A 1 54  ? -7.169  -2.616  -8.823  1.00 55.33 ? 178  ASP A OD2 1 
ATOM   467 N N   . CYS A 1 55  ? -4.936  -2.741  -4.939  1.00 36.26 ? 179  CYS A N   1 
ATOM   468 C CA  . CYS A 1 55  ? -4.025  -1.666  -4.602  1.00 34.25 ? 179  CYS A CA  1 
ATOM   469 C C   . CYS A 1 55  ? -2.738  -2.291  -3.981  1.00 33.32 ? 179  CYS A C   1 
ATOM   470 O O   . CYS A 1 55  ? -1.588  -1.912  -4.300  1.00 31.70 ? 179  CYS A O   1 
ATOM   471 C CB  . CYS A 1 55  ? -4.793  -0.672  -3.687  1.00 34.21 ? 179  CYS A CB  1 
ATOM   472 S SG  . CYS A 1 55  ? -3.835  0.505   -2.763  1.00 38.95 ? 179  CYS A SG  1 
ATOM   473 N N   . VAL A 1 56  ? -2.921  -3.297  -3.138  1.00 31.37 ? 180  VAL A N   1 
ATOM   474 C CA  . VAL A 1 56  ? -1.778  -3.999  -2.597  1.00 30.39 ? 180  VAL A CA  1 
ATOM   475 C C   . VAL A 1 56  ? -0.967  -4.630  -3.715  1.00 29.93 ? 180  VAL A C   1 
ATOM   476 O O   . VAL A 1 56  ? 0.215   -4.410  -3.803  1.00 28.88 ? 180  VAL A O   1 
ATOM   477 C CB  . VAL A 1 56  ? -2.116  -5.019  -1.527  1.00 29.87 ? 180  VAL A CB  1 
ATOM   478 C CG1 . VAL A 1 56  ? -0.802  -5.619  -0.998  1.00 32.32 ? 180  VAL A CG1 1 
ATOM   479 C CG2 . VAL A 1 56  ? -2.836  -4.329  -0.370  1.00 30.44 ? 180  VAL A CG2 1 
ATOM   480 N N   . ASN A 1 57  ? -1.620  -5.382  -4.596  1.00 31.07 ? 181  ASN A N   1 
ATOM   481 C CA  . ASN A 1 57  ? -0.891  -6.113  -5.637  1.00 30.86 ? 181  ASN A CA  1 
ATOM   482 C C   . ASN A 1 57  ? -0.138  -5.188  -6.602  1.00 29.82 ? 181  ASN A C   1 
ATOM   483 O O   . ASN A 1 57  ? 1.061   -5.400  -6.869  1.00 28.17 ? 181  ASN A O   1 
ATOM   484 C CB  . ASN A 1 57  ? -1.821  -7.062  -6.350  1.00 31.64 ? 181  ASN A CB  1 
ATOM   485 C CG  . ASN A 1 57  ? -2.173  -8.239  -5.492  1.00 35.13 ? 181  ASN A CG  1 
ATOM   486 O OD1 . ASN A 1 57  ? -1.682  -8.389  -4.342  1.00 38.42 ? 181  ASN A OD1 1 
ATOM   487 N ND2 . ASN A 1 57  ? -3.023  -9.083  -6.014  1.00 37.52 ? 181  ASN A ND2 1 
ATOM   488 N N   . ILE A 1 58  ? -0.797  -4.112  -6.996  1.00 28.12 ? 182  ILE A N   1 
ATOM   489 C CA  . ILE A 1 58  ? -0.161  -3.090  -7.863  1.00 29.12 ? 182  ILE A CA  1 
ATOM   490 C C   . ILE A 1 58  ? 0.949   -2.357  -7.131  1.00 28.30 ? 182  ILE A C   1 
ATOM   491 O O   . ILE A 1 58  ? 2.027   -2.164  -7.696  1.00 26.88 ? 182  ILE A O   1 
ATOM   492 C CB  . ILE A 1 58  ? -1.199  -2.101  -8.492  1.00 29.70 ? 182  ILE A CB  1 
ATOM   493 C CG1 . ILE A 1 58  ? -0.566  -1.048  -9.402  1.00 29.73 ? 182  ILE A CG1 1 
ATOM   494 C CG2 . ILE A 1 58  ? -1.945  -1.285  -7.398  1.00 31.52 ? 182  ILE A CG2 1 
ATOM   495 C CD1 . ILE A 1 58  ? 0.543   -1.530  -10.393 1.00 34.79 ? 182  ILE A CD1 1 
ATOM   496 N N   . THR A 1 59  ? 0.717   -1.977  -5.869  1.00 27.50 ? 183  THR A N   1 
ATOM   497 C CA  . THR A 1 59  ? 1.754   -1.240  -5.158  1.00 27.00 ? 183  THR A CA  1 
ATOM   498 C C   . THR A 1 59  ? 3.014   -2.034  -4.866  1.00 26.56 ? 183  THR A C   1 
ATOM   499 O O   . THR A 1 59  ? 4.106   -1.488  -4.897  1.00 27.02 ? 183  THR A O   1 
ATOM   500 C CB  . THR A 1 59  ? 1.238   -0.601  -3.860  1.00 26.73 ? 183  THR A CB  1 
ATOM   501 O OG1 . THR A 1 59  ? 0.183   0.309   -4.156  1.00 27.88 ? 183  THR A OG1 1 
ATOM   502 C CG2 . THR A 1 59  ? 2.293   0.327   -3.237  1.00 24.90 ? 183  THR A CG2 1 
ATOM   503 N N   . VAL A 1 60  ? 2.853   -3.287  -4.467  1.00 25.83 ? 184  VAL A N   1 
ATOM   504 C CA  . VAL A 1 60  ? 4.017   -4.071  -4.169  1.00 25.80 ? 184  VAL A CA  1 
ATOM   505 C C   . VAL A 1 60  ? 4.719   -4.366  -5.484  1.00 25.86 ? 184  VAL A C   1 
ATOM   506 O O   . VAL A 1 60  ? 5.950   -4.485  -5.524  1.00 25.49 ? 184  VAL A O   1 
ATOM   507 C CB  . VAL A 1 60  ? 3.638   -5.380  -3.394  1.00 27.04 ? 184  VAL A CB  1 
ATOM   508 C CG1 . VAL A 1 60  ? 4.724   -6.348  -3.468  1.00 23.74 ? 184  VAL A CG1 1 
ATOM   509 C CG2 . VAL A 1 60  ? 3.294   -5.044  -1.880  1.00 20.44 ? 184  VAL A CG2 1 
ATOM   510 N N   . LYS A 1 61  ? 3.953   -4.535  -6.544  1.00 24.20 ? 185  LYS A N   1 
ATOM   511 C CA  . LYS A 1 61  ? 4.589   -4.839  -7.849  1.00 27.95 ? 185  LYS A CA  1 
ATOM   512 C C   . LYS A 1 61  ? 5.479   -3.684  -8.236  1.00 27.98 ? 185  LYS A C   1 
ATOM   513 O O   . LYS A 1 61  ? 6.697   -3.825  -8.382  1.00 28.67 ? 185  LYS A O   1 
ATOM   514 C CB  . LYS A 1 61  ? 3.557   -5.082  -8.948  1.00 26.62 ? 185  LYS A CB  1 
ATOM   515 C CG  . LYS A 1 61  ? 4.214   -5.459  -10.302 1.00 27.76 ? 185  LYS A CG  1 
ATOM   516 C CD  . LYS A 1 61  ? 3.534   -4.742  -11.451 1.00 31.02 ? 185  LYS A CD  1 
ATOM   517 C CE  . LYS A 1 61  ? 4.427   -4.685  -12.659 1.00 35.83 ? 185  LYS A CE  1 
ATOM   518 N NZ  . LYS A 1 61  ? 3.700   -4.079  -13.782 1.00 39.64 ? 185  LYS A NZ  1 
ATOM   519 N N   . GLN A 1 62  ? 4.870   -2.516  -8.313  1.00 27.70 ? 186  GLN A N   1 
ATOM   520 C CA  . GLN A 1 62  ? 5.620   -1.345  -8.663  1.00 28.54 ? 186  GLN A CA  1 
ATOM   521 C C   . GLN A 1 62  ? 6.893   -1.161  -7.843  1.00 26.80 ? 186  GLN A C   1 
ATOM   522 O O   . GLN A 1 62  ? 7.976   -0.871  -8.368  1.00 27.81 ? 186  GLN A O   1 
ATOM   523 C CB  . GLN A 1 62  ? 4.700   -0.124  -8.583  1.00 27.53 ? 186  GLN A CB  1 
ATOM   524 C CG  . GLN A 1 62  ? 5.205   0.975   -9.502  1.00 34.54 ? 186  GLN A CG  1 
ATOM   525 C CD  . GLN A 1 62  ? 5.502   0.458   -10.937 1.00 40.70 ? 186  GLN A CD  1 
ATOM   526 O OE1 . GLN A 1 62  ? 4.607   -0.093  -11.602 1.00 39.54 ? 186  GLN A OE1 1 
ATOM   527 N NE2 . GLN A 1 62  ? 6.760   0.626   -11.397 1.00 41.26 ? 186  GLN A NE2 1 
ATOM   528 N N   . HIS A 1 63  ? 6.760   -1.300  -6.535  1.00 27.35 ? 187  HIS A N   1 
ATOM   529 C CA  . HIS A 1 63  ? 7.863   -1.054  -5.616  1.00 26.36 ? 187  HIS A CA  1 
ATOM   530 C C   . HIS A 1 63  ? 8.984   -2.097  -5.689  1.00 26.64 ? 187  HIS A C   1 
ATOM   531 O O   . HIS A 1 63  ? 10.176  -1.787  -5.605  1.00 24.71 ? 187  HIS A O   1 
ATOM   532 C CB  . HIS A 1 63  ? 7.280   -0.921  -4.196  1.00 28.03 ? 187  HIS A CB  1 
ATOM   533 C CG  . HIS A 1 63  ? 8.252   -0.412  -3.186  1.00 29.18 ? 187  HIS A CG  1 
ATOM   534 N ND1 . HIS A 1 63  ? 8.587   0.927   -3.085  1.00 31.70 ? 187  HIS A ND1 1 
ATOM   535 C CD2 . HIS A 1 63  ? 8.950   -1.057  -2.216  1.00 30.67 ? 187  HIS A CD2 1 
ATOM   536 C CE1 . HIS A 1 63  ? 9.447   1.082   -2.090  1.00 31.61 ? 187  HIS A CE1 1 
ATOM   537 N NE2 . HIS A 1 63  ? 9.663   -0.102  -1.528  1.00 29.61 ? 187  HIS A NE2 1 
ATOM   538 N N   . THR A 1 64  ? 8.606   -3.354  -5.856  1.00 27.79 ? 188  THR A N   1 
ATOM   539 C CA  . THR A 1 64  ? 9.572   -4.411  -6.056  1.00 27.35 ? 188  THR A CA  1 
ATOM   540 C C   . THR A 1 64  ? 10.343  -4.232  -7.382  1.00 26.83 ? 188  THR A C   1 
ATOM   541 O O   . THR A 1 64  ? 11.552  -4.444  -7.486  1.00 25.24 ? 188  THR A O   1 
ATOM   542 C CB  . THR A 1 64  ? 8.786   -5.723  -6.067  1.00 28.04 ? 188  THR A CB  1 
ATOM   543 O OG1 . THR A 1 64  ? 8.153   -5.860  -4.793  1.00 31.48 ? 188  THR A OG1 1 
ATOM   544 C CG2 . THR A 1 64  ? 9.746   -6.868  -6.059  1.00 30.85 ? 188  THR A CG2 1 
ATOM   545 N N   . VAL A 1 65  ? 9.623   -3.862  -8.422  1.00 25.96 ? 189  VAL A N   1 
ATOM   546 C CA  . VAL A 1 65  ? 10.235  -3.729  -9.752  1.00 26.45 ? 189  VAL A CA  1 
ATOM   547 C C   . VAL A 1 65  ? 11.266  -2.589  -9.714  1.00 27.18 ? 189  VAL A C   1 
ATOM   548 O O   . VAL A 1 65  ? 12.420  -2.765  -10.122 1.00 26.77 ? 189  VAL A O   1 
ATOM   549 C CB  . VAL A 1 65  ? 9.137   -3.517  -10.820 1.00 26.47 ? 189  VAL A CB  1 
ATOM   550 C CG1 . VAL A 1 65  ? 9.697   -2.884  -12.088 1.00 29.35 ? 189  VAL A CG1 1 
ATOM   551 C CG2 . VAL A 1 65  ? 8.445   -4.850  -11.145 1.00 25.01 ? 189  VAL A CG2 1 
ATOM   552 N N   . THR A 1 66  ? 10.856  -1.445  -9.174  1.00 26.23 ? 190  THR A N   1 
ATOM   553 C CA  . THR A 1 66  ? 11.734  -0.303  -8.950  1.00 27.53 ? 190  THR A CA  1 
ATOM   554 C C   . THR A 1 66  ? 12.991  -0.700  -8.211  1.00 27.63 ? 190  THR A C   1 
ATOM   555 O O   . THR A 1 66  ? 14.091  -0.378  -8.609  1.00 30.00 ? 190  THR A O   1 
ATOM   556 C CB  . THR A 1 66  ? 10.940  0.766   -8.151  1.00 25.47 ? 190  THR A CB  1 
ATOM   557 O OG1 . THR A 1 66  ? 9.932   1.264   -9.027  1.00 30.53 ? 190  THR A OG1 1 
ATOM   558 C CG2 . THR A 1 66  ? 11.737  1.963   -7.939  1.00 29.48 ? 190  THR A CG2 1 
ATOM   559 N N   . THR A 1 67  ? 12.818  -1.407  -7.114  1.00 27.92 ? 191  THR A N   1 
ATOM   560 C CA  . THR A 1 67  ? 13.938  -1.897  -6.342  1.00 27.81 ? 191  THR A CA  1 
ATOM   561 C C   . THR A 1 67  ? 14.817  -2.857  -7.127  1.00 28.19 ? 191  THR A C   1 
ATOM   562 O O   . THR A 1 67  ? 16.052  -2.709  -7.140  1.00 29.15 ? 191  THR A O   1 
ATOM   563 C CB  . THR A 1 67  ? 13.397  -2.582  -5.099  1.00 28.70 ? 191  THR A CB  1 
ATOM   564 O OG1 . THR A 1 67  ? 12.612  -1.619  -4.368  1.00 27.44 ? 191  THR A OG1 1 
ATOM   565 C CG2 . THR A 1 67  ? 14.566  -3.011  -4.153  1.00 26.50 ? 191  THR A CG2 1 
ATOM   566 N N   . THR A 1 68  ? 14.207  -3.875  -7.741  1.00 28.29 ? 192  THR A N   1 
ATOM   567 C CA  . THR A 1 68  ? 15.023  -4.895  -8.405  1.00 28.84 ? 192  THR A CA  1 
ATOM   568 C C   . THR A 1 68  ? 15.805  -4.309  -9.587  1.00 29.60 ? 192  THR A C   1 
ATOM   569 O O   . THR A 1 68  ? 16.950  -4.647  -9.756  1.00 31.20 ? 192  THR A O   1 
ATOM   570 C CB  . THR A 1 68  ? 14.197  -6.168  -8.744  1.00 27.23 ? 192  THR A CB  1 
ATOM   571 O OG1 . THR A 1 68  ? 15.081  -7.243  -9.021  1.00 27.17 ? 192  THR A OG1 1 
ATOM   572 C CG2 . THR A 1 68  ? 13.423  -6.022  -10.004 1.00 27.11 ? 192  THR A CG2 1 
ATOM   573 N N   . THR A 1 69  ? 15.227  -3.392  -10.353 1.00 29.51 ? 193  THR A N   1 
ATOM   574 C CA  . THR A 1 69  ? 15.985  -2.818  -11.487 1.00 31.41 ? 193  THR A CA  1 
ATOM   575 C C   . THR A 1 69  ? 17.155  -1.845  -11.059 1.00 32.89 ? 193  THR A C   1 
ATOM   576 O O   . THR A 1 69  ? 18.095  -1.613  -11.818 1.00 33.94 ? 193  THR A O   1 
ATOM   577 C CB  . THR A 1 69  ? 15.039  -2.197  -12.534 1.00 31.41 ? 193  THR A CB  1 
ATOM   578 O OG1 . THR A 1 69  ? 14.409  -1.043  -11.995 1.00 32.05 ? 193  THR A OG1 1 
ATOM   579 C CG2 . THR A 1 69  ? 13.902  -3.105  -12.809 1.00 28.40 ? 193  THR A CG2 1 
ATOM   580 N N   . LYS A 1 70  ? 17.123  -1.356  -9.817  1.00 33.67 ? 194  LYS A N   1 
ATOM   581 C CA  . LYS A 1 70  ? 18.222  -0.582  -9.206  1.00 34.98 ? 194  LYS A CA  1 
ATOM   582 C C   . LYS A 1 70  ? 19.315  -1.502  -8.764  1.00 34.77 ? 194  LYS A C   1 
ATOM   583 O O   . LYS A 1 70  ? 20.308  -1.042  -8.277  1.00 35.52 ? 194  LYS A O   1 
ATOM   584 C CB  . LYS A 1 70  ? 17.740  0.153   -7.929  1.00 34.45 ? 194  LYS A CB  1 
ATOM   585 C CG  . LYS A 1 70  ? 17.028  1.477   -8.144  1.00 37.22 ? 194  LYS A CG  1 
ATOM   586 C CD  . LYS A 1 70  ? 16.089  1.874   -6.939  1.00 35.07 ? 194  LYS A CD  1 
ATOM   587 C CE  . LYS A 1 70  ? 16.703  1.506   -5.580  1.00 40.14 ? 194  LYS A CE  1 
ATOM   588 N NZ  . LYS A 1 70  ? 15.892  2.014   -4.418  1.00 40.87 ? 194  LYS A NZ  1 
ATOM   589 N N   . GLY A 1 71  ? 19.105  -2.817  -8.852  1.00 35.72 ? 195  GLY A N   1 
ATOM   590 C CA  . GLY A 1 71  ? 20.089  -3.786  -8.428  1.00 34.81 ? 195  GLY A CA  1 
ATOM   591 C C   . GLY A 1 71  ? 20.020  -4.193  -6.959  1.00 34.66 ? 195  GLY A C   1 
ATOM   592 O O   . GLY A 1 71  ? 20.922  -4.829  -6.494  1.00 34.45 ? 195  GLY A O   1 
ATOM   593 N N   . GLU A 1 72  ? 18.926  -3.882  -6.259  1.00 34.04 ? 196  GLU A N   1 
ATOM   594 C CA  . GLU A 1 72  ? 18.789  -4.104  -4.807  1.00 35.15 ? 196  GLU A CA  1 
ATOM   595 C C   . GLU A 1 72  ? 17.783  -5.218  -4.595  1.00 34.50 ? 196  GLU A C   1 
ATOM   596 O O   . GLU A 1 72  ? 17.117  -5.631  -5.546  1.00 33.87 ? 196  GLU A O   1 
ATOM   597 C CB  . GLU A 1 72  ? 18.236  -2.836  -4.128  1.00 34.60 ? 196  GLU A CB  1 
ATOM   598 C CG  . GLU A 1 72  ? 18.962  -1.572  -4.526  1.00 37.30 ? 196  GLU A CG  1 
ATOM   599 C CD  . GLU A 1 72  ? 18.622  -0.373  -3.646  1.00 39.17 ? 196  GLU A CD  1 
ATOM   600 O OE1 . GLU A 1 72  ? 19.222  0.733   -3.868  1.00 47.57 ? 196  GLU A OE1 1 
ATOM   601 O OE2 . GLU A 1 72  ? 17.738  -0.498  -2.781  1.00 45.17 ? 196  GLU A OE2 1 
ATOM   602 N N   . ASN A 1 73  ? 17.650  -5.709  -3.363  1.00 34.19 ? 197  ASN A N   1 
ATOM   603 C CA  . ASN A 1 73  ? 16.650  -6.789  -3.123  1.00 33.53 ? 197  ASN A CA  1 
ATOM   604 C C   . ASN A 1 73  ? 15.775  -6.687  -1.885  1.00 31.83 ? 197  ASN A C   1 
ATOM   605 O O   . ASN A 1 73  ? 16.077  -5.903  -0.998  1.00 32.36 ? 197  ASN A O   1 
ATOM   606 C CB  . ASN A 1 73  ? 17.272  -8.189  -3.289  1.00 33.62 ? 197  ASN A CB  1 
ATOM   607 C CG  . ASN A 1 73  ? 18.766  -8.180  -3.192  1.00 38.29 ? 197  ASN A CG  1 
ATOM   608 O OD1 . ASN A 1 73  ? 19.314  -8.216  -2.069  1.00 43.22 ? 197  ASN A OD1 1 
ATOM   609 N ND2 . ASN A 1 73  ? 19.464  -8.156  -4.356  1.00 36.55 ? 197  ASN A ND2 1 
ATOM   610 N N   . PHE A 1 74  ? 14.633  -7.390  -1.870  1.00 30.95 ? 198  PHE A N   1 
ATOM   611 C CA  . PHE A 1 74  ? 13.833  -7.592  -0.637  1.00 29.47 ? 198  PHE A CA  1 
ATOM   612 C C   . PHE A 1 74  ? 13.927  -9.051  -0.169  1.00 29.09 ? 198  PHE A C   1 
ATOM   613 O O   . PHE A 1 74  ? 13.882  -9.988  -1.000  1.00 28.60 ? 198  PHE A O   1 
ATOM   614 C CB  . PHE A 1 74  ? 12.358  -7.218  -0.834  1.00 28.58 ? 198  PHE A CB  1 
ATOM   615 C CG  . PHE A 1 74  ? 12.124  -5.755  -1.112  1.00 31.23 ? 198  PHE A CG  1 
ATOM   616 C CD1 . PHE A 1 74  ? 11.414  -5.342  -2.224  1.00 35.05 ? 198  PHE A CD1 1 
ATOM   617 C CD2 . PHE A 1 74  ? 12.644  -4.776  -0.260  1.00 28.20 ? 198  PHE A CD2 1 
ATOM   618 C CE1 . PHE A 1 74  ? 11.210  -3.968  -2.473  1.00 32.43 ? 198  PHE A CE1 1 
ATOM   619 C CE2 . PHE A 1 74  ? 12.425  -3.430  -0.473  1.00 28.75 ? 198  PHE A CE2 1 
ATOM   620 C CZ  . PHE A 1 74  ? 11.732  -3.022  -1.584  1.00 32.63 ? 198  PHE A CZ  1 
ATOM   621 N N   . THR A 1 75  ? 14.027  -9.243  1.152   1.00 28.05 ? 199  THR A N   1 
ATOM   622 C CA  . THR A 1 75  ? 13.972  -10.565 1.753   1.00 27.51 ? 199  THR A CA  1 
ATOM   623 C C   . THR A 1 75  ? 12.537  -10.956 1.850   1.00 28.28 ? 199  THR A C   1 
ATOM   624 O O   . THR A 1 75  ? 11.644  -10.128 1.708   1.00 28.31 ? 199  THR A O   1 
ATOM   625 C CB  . THR A 1 75  ? 14.578  -10.549 3.199   1.00 27.32 ? 199  THR A CB  1 
ATOM   626 O OG1 . THR A 1 75  ? 13.798  -9.696  4.007   1.00 27.50 ? 199  THR A OG1 1 
ATOM   627 C CG2 . THR A 1 75  ? 15.901  -9.852  3.233   1.00 27.15 ? 199  THR A CG2 1 
ATOM   628 N N   . GLU A 1 76  ? 12.296  -12.231 2.110   1.00 28.66 ? 200  GLU A N   1 
ATOM   629 C CA  . GLU A 1 76  ? 10.998  -12.686 2.592   1.00 29.44 ? 200  GLU A CA  1 
ATOM   630 C C   . GLU A 1 76  ? 10.395  -11.870 3.775   1.00 28.25 ? 200  GLU A C   1 
ATOM   631 O O   . GLU A 1 76  ? 9.215   -11.630 3.810   1.00 26.17 ? 200  GLU A O   1 
ATOM   632 C CB  . GLU A 1 76  ? 11.165  -14.123 3.049   1.00 30.14 ? 200  GLU A CB  1 
ATOM   633 C CG  . GLU A 1 76  ? 9.960   -15.000 2.792   1.00 38.41 ? 200  GLU A CG  1 
ATOM   634 C CD  . GLU A 1 76  ? 10.394  -16.447 2.590   1.00 45.15 ? 200  GLU A CD  1 
ATOM   635 O OE1 . GLU A 1 76  ? 11.219  -16.941 3.401   1.00 46.94 ? 200  GLU A OE1 1 
ATOM   636 O OE2 . GLU A 1 76  ? 9.970   -17.066 1.594   1.00 48.09 ? 200  GLU A OE2 1 
ATOM   637 N N   . THR A 1 77  ? 11.203  -11.488 4.759   1.00 28.10 ? 201  THR A N   1 
ATOM   638 C CA  . THR A 1 77  ? 10.662  -10.633 5.848   1.00 28.05 ? 201  THR A CA  1 
ATOM   639 C C   . THR A 1 77  ? 10.252  -9.278  5.292   1.00 25.20 ? 201  THR A C   1 
ATOM   640 O O   . THR A 1 77  ? 9.193   -8.827  5.576   1.00 24.92 ? 201  THR A O   1 
ATOM   641 C CB  . THR A 1 77  ? 11.723  -10.415 6.956   1.00 29.03 ? 201  THR A CB  1 
ATOM   642 O OG1 . THR A 1 77  ? 12.242  -11.677 7.323   1.00 31.05 ? 201  THR A OG1 1 
ATOM   643 C CG2 . THR A 1 77  ? 11.051  -9.938  8.278   1.00 28.92 ? 201  THR A CG2 1 
ATOM   644 N N   . ASP A 1 78  ? 11.114  -8.627  4.523   1.00 23.85 ? 202  ASP A N   1 
ATOM   645 C CA  . ASP A 1 78  ? 10.784  -7.365  3.824   1.00 24.16 ? 202  ASP A CA  1 
ATOM   646 C C   . ASP A 1 78  ? 9.401   -7.501  3.144   1.00 24.78 ? 202  ASP A C   1 
ATOM   647 O O   . ASP A 1 78  ? 8.547   -6.645  3.292   1.00 23.64 ? 202  ASP A O   1 
ATOM   648 C CB  . ASP A 1 78  ? 11.809  -7.038  2.715   1.00 23.73 ? 202  ASP A CB  1 
ATOM   649 C CG  . ASP A 1 78  ? 12.963  -6.224  3.179   1.00 28.09 ? 202  ASP A CG  1 
ATOM   650 O OD1 . ASP A 1 78  ? 14.126  -6.487  2.723   1.00 30.80 ? 202  ASP A OD1 1 
ATOM   651 O OD2 . ASP A 1 78  ? 12.850  -5.266  3.980   1.00 32.94 ? 202  ASP A OD2 1 
ATOM   652 N N   . ILE A 1 79  ? 9.184   -8.588  2.389   1.00 25.32 ? 203  ILE A N   1 
ATOM   653 C CA  . ILE A 1 79  ? 7.875   -8.754  1.684   1.00 24.55 ? 203  ILE A CA  1 
ATOM   654 C C   . ILE A 1 79  ? 6.660   -8.814  2.582   1.00 25.10 ? 203  ILE A C   1 
ATOM   655 O O   . ILE A 1 79  ? 5.686   -8.120  2.367   1.00 24.74 ? 203  ILE A O   1 
ATOM   656 C CB  . ILE A 1 79  ? 7.911   -10.000 0.719   1.00 25.62 ? 203  ILE A CB  1 
ATOM   657 C CG1 . ILE A 1 79  ? 9.104   -9.916  -0.215  1.00 23.40 ? 203  ILE A CG1 1 
ATOM   658 C CG2 . ILE A 1 79  ? 6.643   -10.070 -0.110  1.00 24.95 ? 203  ILE A CG2 1 
ATOM   659 C CD1 . ILE A 1 79  ? 9.191   -8.631  -1.025  1.00 26.13 ? 203  ILE A CD1 1 
ATOM   660 N N   . LYS A 1 80  ? 6.708   -9.649  3.606   1.00 26.38 ? 204  LYS A N   1 
ATOM   661 C CA  . LYS A 1 80  ? 5.645   -9.701  4.590   1.00 26.65 ? 204  LYS A CA  1 
ATOM   662 C C   . LYS A 1 80  ? 5.389   -8.329  5.222   1.00 25.36 ? 204  LYS A C   1 
ATOM   663 O O   . LYS A 1 80  ? 4.242   -7.911  5.378   1.00 23.28 ? 204  LYS A O   1 
ATOM   664 C CB  . LYS A 1 80  ? 5.983   -10.788 5.653   1.00 28.87 ? 204  LYS A CB  1 
ATOM   665 C CG  . LYS A 1 80  ? 5.397   -10.603 7.104   1.00 32.93 ? 204  LYS A CG  1 
ATOM   666 C CD  . LYS A 1 80  ? 3.895   -10.948 7.196   1.00 36.86 ? 204  LYS A CD  1 
ATOM   667 C CE  . LYS A 1 80  ? 3.324   -10.937 8.629   1.00 36.10 ? 204  LYS A CE  1 
ATOM   668 N NZ  . LYS A 1 80  ? 3.350   -12.254 9.432   1.00 35.69 ? 204  LYS A NZ  1 
ATOM   669 N N   . ILE A 1 81  ? 6.454   -7.603  5.547   1.00 22.94 ? 205  ILE A N   1 
ATOM   670 C CA  . ILE A 1 81  ? 6.257   -6.328  6.236   1.00 23.07 ? 205  ILE A CA  1 
ATOM   671 C C   . ILE A 1 81  ? 5.583   -5.329  5.288   1.00 23.96 ? 205  ILE A C   1 
ATOM   672 O O   . ILE A 1 81  ? 4.620   -4.679  5.648   1.00 25.30 ? 205  ILE A O   1 
ATOM   673 C CB  . ILE A 1 81  ? 7.583   -5.768  6.738   1.00 21.83 ? 205  ILE A CB  1 
ATOM   674 C CG1 . ILE A 1 81  ? 8.125   -6.625  7.907   1.00 21.64 ? 205  ILE A CG1 1 
ATOM   675 C CG2 . ILE A 1 81  ? 7.370   -4.227  7.033   1.00 19.17 ? 205  ILE A CG2 1 
ATOM   676 C CD1 . ILE A 1 81  ? 9.621   -6.324  8.166   1.00 24.86 ? 205  ILE A CD1 1 
ATOM   677 N N   . MET A 1 82  ? 6.069   -5.280  4.058   1.00 24.87 ? 206  MET A N   1 
ATOM   678 C CA  . MET A 1 82  ? 5.518   -4.434  3.005   1.00 26.22 ? 206  MET A CA  1 
ATOM   679 C C   . MET A 1 82  ? 4.063   -4.666  2.665   1.00 26.34 ? 206  MET A C   1 
ATOM   680 O O   . MET A 1 82  ? 3.286   -3.708  2.599   1.00 26.20 ? 206  MET A O   1 
ATOM   681 C CB  . MET A 1 82  ? 6.449   -4.467  1.781   1.00 25.84 ? 206  MET A CB  1 
ATOM   682 C CG  . MET A 1 82  ? 5.975   -3.661  0.595   1.00 27.52 ? 206  MET A CG  1 
ATOM   683 S SD  . MET A 1 82  ? 7.082   -3.635  -0.817  1.00 33.68 ? 206  MET A SD  1 
ATOM   684 C CE  . MET A 1 82  ? 7.767   -5.260  -0.896  1.00 29.97 ? 206  MET A CE  1 
ATOM   685 N N   . GLU A 1 83  ? 3.637   -5.914  2.499   1.00 27.49 ? 207  GLU A N   1 
ATOM   686 C CA  . GLU A 1 83  ? 2.236   -6.121  2.202   1.00 29.31 ? 207  GLU A CA  1 
ATOM   687 C C   . GLU A 1 83  ? 1.324   -5.589  3.283   1.00 29.29 ? 207  GLU A C   1 
ATOM   688 O O   . GLU A 1 83  ? 0.283   -5.042  2.985   1.00 28.90 ? 207  GLU A O   1 
ATOM   689 C CB  . GLU A 1 83  ? 1.916   -7.578  1.791   1.00 31.21 ? 207  GLU A CB  1 
ATOM   690 C CG  . GLU A 1 83  ? 2.717   -7.954  0.540   1.00 32.11 ? 207  GLU A CG  1 
ATOM   691 C CD  . GLU A 1 83  ? 2.215   -9.166  -0.216  1.00 42.53 ? 207  GLU A CD  1 
ATOM   692 O OE1 . GLU A 1 83  ? 2.493   -9.244  -1.449  1.00 45.74 ? 207  GLU A OE1 1 
ATOM   693 O OE2 . GLU A 1 83  ? 1.560   -10.043 0.401   1.00 46.10 ? 207  GLU A OE2 1 
ATOM   694 N N   . ARG A 1 84  ? 1.742   -5.696  4.528   1.00 30.02 ? 208  ARG A N   1 
ATOM   695 C CA  . ARG A 1 84  ? 1.013   -5.086  5.659   1.00 32.42 ? 208  ARG A CA  1 
ATOM   696 C C   . ARG A 1 84  ? 1.102   -3.552  5.808   1.00 31.46 ? 208  ARG A C   1 
ATOM   697 O O   . ARG A 1 84  ? 0.092   -2.900  6.163   1.00 33.02 ? 208  ARG A O   1 
ATOM   698 C CB  . ARG A 1 84  ? 1.492   -5.711  6.935   1.00 31.91 ? 208  ARG A CB  1 
ATOM   699 C CG  . ARG A 1 84  ? 0.434   -5.689  7.934   1.00 38.65 ? 208  ARG A CG  1 
ATOM   700 C CD  . ARG A 1 84  ? 0.189   -7.091  8.467   1.00 43.87 ? 208  ARG A CD  1 
ATOM   701 N NE  . ARG A 1 84  ? 0.603   -7.114  9.836   1.00 44.34 ? 208  ARG A NE  1 
ATOM   702 C CZ  . ARG A 1 84  ? 0.926   -8.180  10.520  1.00 41.90 ? 208  ARG A CZ  1 
ATOM   703 N NH1 . ARG A 1 84  ? 0.908   -9.396  9.977   1.00 41.79 ? 208  ARG A NH1 1 
ATOM   704 N NH2 . ARG A 1 84  ? 1.255   -7.999  11.777  1.00 35.04 ? 208  ARG A NH2 1 
ATOM   705 N N   . VAL A 1 85  ? 2.287   -2.995  5.572   1.00 30.79 ? 209  VAL A N   1 
ATOM   706 C CA  . VAL A 1 85  ? 2.457   -1.562  5.462   1.00 32.28 ? 209  VAL A CA  1 
ATOM   707 C C   . VAL A 1 85  ? 1.502   -1.066  4.352   1.00 32.72 ? 209  VAL A C   1 
ATOM   708 O O   . VAL A 1 85  ? 0.625   -0.242  4.605   1.00 33.11 ? 209  VAL A O   1 
ATOM   709 C CB  . VAL A 1 85  ? 3.921   -1.139  5.186   1.00 32.93 ? 209  VAL A CB  1 
ATOM   710 C CG1 . VAL A 1 85  ? 4.052   0.387   5.031   1.00 35.47 ? 209  VAL A CG1 1 
ATOM   711 C CG2 . VAL A 1 85  ? 4.871   -1.584  6.287   1.00 33.44 ? 209  VAL A CG2 1 
ATOM   712 N N   . VAL A 1 86  ? 1.635   -1.624  3.147   1.00 31.89 ? 210  VAL A N   1 
ATOM   713 C CA  . VAL A 1 86  ? 0.828   -1.201  1.984   1.00 30.37 ? 210  VAL A CA  1 
ATOM   714 C C   . VAL A 1 86  ? -0.659  -1.448  2.183   1.00 31.11 ? 210  VAL A C   1 
ATOM   715 O O   . VAL A 1 86  ? -1.496  -0.625  1.810   1.00 29.09 ? 210  VAL A O   1 
ATOM   716 C CB  . VAL A 1 86  ? 1.306   -1.889  0.702   1.00 30.23 ? 210  VAL A CB  1 
ATOM   717 C CG1 . VAL A 1 86  ? 0.339   -1.662  -0.440  1.00 22.48 ? 210  VAL A CG1 1 
ATOM   718 C CG2 . VAL A 1 86  ? 2.716   -1.401  0.379   1.00 27.72 ? 210  VAL A CG2 1 
ATOM   719 N N   . GLU A 1 87  ? -0.981  -2.573  2.806   1.00 32.27 ? 211  GLU A N   1 
ATOM   720 C CA  . GLU A 1 87  ? -2.347  -2.896  3.099   1.00 34.36 ? 211  GLU A CA  1 
ATOM   721 C C   . GLU A 1 87  ? -3.070  -1.776  3.896   1.00 35.30 ? 211  GLU A C   1 
ATOM   722 O O   . GLU A 1 87  ? -4.158  -1.338  3.520   1.00 34.66 ? 211  GLU A O   1 
ATOM   723 C CB  . GLU A 1 87  ? -2.381  -4.197  3.891   1.00 35.49 ? 211  GLU A CB  1 
ATOM   724 C CG  . GLU A 1 87  ? -3.694  -4.925  3.787   1.00 38.46 ? 211  GLU A CG  1 
ATOM   725 C CD  . GLU A 1 87  ? -3.922  -5.858  4.953   1.00 45.60 ? 211  GLU A CD  1 
ATOM   726 O OE1 . GLU A 1 87  ? -3.150  -5.798  5.952   1.00 47.53 ? 211  GLU A OE1 1 
ATOM   727 O OE2 . GLU A 1 87  ? -4.884  -6.650  4.874   1.00 49.48 ? 211  GLU A OE2 1 
ATOM   728 N N   . GLN A 1 88  ? -2.464  -1.309  4.983   1.00 36.08 ? 212  GLN A N   1 
ATOM   729 C CA  . GLN A 1 88  ? -3.112  -0.300  5.823   1.00 37.00 ? 212  GLN A CA  1 
ATOM   730 C C   . GLN A 1 88  ? -3.286  1.028   5.086   1.00 36.90 ? 212  GLN A C   1 
ATOM   731 O O   . GLN A 1 88  ? -4.234  1.739   5.304   1.00 35.38 ? 212  GLN A O   1 
ATOM   732 C CB  . GLN A 1 88  ? -2.324  -0.100  7.120   1.00 37.70 ? 212  GLN A CB  1 
ATOM   733 C CG  . GLN A 1 88  ? -2.532  -1.248  8.112   1.00 41.96 ? 212  GLN A CG  1 
ATOM   734 C CD  . GLN A 1 88  ? -4.001  -1.467  8.374   1.00 46.44 ? 212  GLN A CD  1 
ATOM   735 O OE1 . GLN A 1 88  ? -4.669  -0.565  8.886   1.00 46.36 ? 212  GLN A OE1 1 
ATOM   736 N NE2 . GLN A 1 88  ? -4.531  -2.630  7.956   1.00 47.75 ? 212  GLN A NE2 1 
ATOM   737 N N   . MET A 1 89  ? -2.312  1.375   4.250   1.00 37.63 ? 213  MET A N   1 
ATOM   738 C CA  . MET A 1 89  ? -2.438  2.551   3.405   1.00 38.68 ? 213  MET A CA  1 
ATOM   739 C C   . MET A 1 89  ? -3.550  2.462   2.375   1.00 37.60 ? 213  MET A C   1 
ATOM   740 O O   . MET A 1 89  ? -4.118  3.467   2.049   1.00 37.10 ? 213  MET A O   1 
ATOM   741 C CB  . MET A 1 89  ? -1.135  2.845   2.697   1.00 37.30 ? 213  MET A CB  1 
ATOM   742 C CG  . MET A 1 89  ? -0.079  3.478   3.566   1.00 40.46 ? 213  MET A CG  1 
ATOM   743 S SD  . MET A 1 89  ? 1.474   3.705   2.622   1.00 42.69 ? 213  MET A SD  1 
ATOM   744 C CE  . MET A 1 89  ? 1.792   2.067   1.992   1.00 42.80 ? 213  MET A CE  1 
ATOM   745 N N   . CYS A 1 90  ? -3.797  1.272   1.827   1.00 38.15 ? 214  CYS A N   1 
ATOM   746 C CA  . CYS A 1 90  ? -4.789  1.063   0.806   1.00 39.55 ? 214  CYS A CA  1 
ATOM   747 C C   . CYS A 1 90  ? -6.200  1.205   1.394   1.00 40.11 ? 214  CYS A C   1 
ATOM   748 O O   . CYS A 1 90  ? -7.111  1.700   0.742   1.00 39.71 ? 214  CYS A O   1 
ATOM   749 C CB  . CYS A 1 90  ? -4.625  -0.338  0.198   1.00 39.96 ? 214  CYS A CB  1 
ATOM   750 S SG  . CYS A 1 90  ? -3.341  -0.500  -1.042  1.00 41.50 ? 214  CYS A SG  1 
ATOM   751 N N   . ILE A 1 91  ? -6.364  0.764   2.647   1.00 40.80 ? 215  ILE A N   1 
ATOM   752 C CA  . ILE A 1 91  ? -7.635  0.822   3.375   1.00 40.59 ? 215  ILE A CA  1 
ATOM   753 C C   . ILE A 1 91  ? -8.051  2.272   3.588   1.00 41.12 ? 215  ILE A C   1 
ATOM   754 O O   . ILE A 1 91  ? -9.174  2.649   3.300   1.00 41.19 ? 215  ILE A O   1 
ATOM   755 C CB  . ILE A 1 91  ? -7.475  0.115   4.738   1.00 39.74 ? 215  ILE A CB  1 
ATOM   756 C CG1 . ILE A 1 91  ? -7.545  -1.391  4.554   1.00 40.88 ? 215  ILE A CG1 1 
ATOM   757 C CG2 . ILE A 1 91  ? -8.548  0.557   5.723   1.00 39.19 ? 215  ILE A CG2 1 
ATOM   758 C CD1 . ILE A 1 91  ? -6.670  -2.135  5.554   1.00 41.12 ? 215  ILE A CD1 1 
ATOM   759 N N   . THR A 1 92  ? -7.110  3.039   4.136   1.00 42.22 ? 216  THR A N   1 
ATOM   760 C CA  . THR A 1 92  ? -7.142  4.464   4.274   1.00 43.62 ? 216  THR A CA  1 
ATOM   761 C C   . THR A 1 92  ? -7.652  5.059   2.978   1.00 44.07 ? 216  THR A C   1 
ATOM   762 O O   . THR A 1 92  ? -8.662  5.767   2.992   1.00 44.50 ? 216  THR A O   1 
ATOM   763 C CB  . THR A 1 92  ? -5.705  4.933   4.569   1.00 43.20 ? 216  THR A CB  1 
ATOM   764 O OG1 . THR A 1 92  ? -5.191  4.155   5.647   1.00 46.65 ? 216  THR A OG1 1 
ATOM   765 C CG2 . THR A 1 92  ? -5.661  6.345   5.134   1.00 44.86 ? 216  THR A CG2 1 
ATOM   766 N N   . GLN A 1 93  ? -6.967  4.732   1.869   1.00 44.10 ? 217  GLN A N   1 
ATOM   767 C CA  . GLN A 1 93  ? -7.259  5.278   0.539   1.00 44.77 ? 217  GLN A CA  1 
ATOM   768 C C   . GLN A 1 93  ? -8.681  4.954   0.102   1.00 44.90 ? 217  GLN A C   1 
ATOM   769 O O   . GLN A 1 93  ? -9.372  5.805   -0.436  1.00 44.83 ? 217  GLN A O   1 
ATOM   770 C CB  . GLN A 1 93  ? -6.263  4.729   -0.494  1.00 44.20 ? 217  GLN A CB  1 
ATOM   771 C CG  . GLN A 1 93  ? -6.048  5.578   -1.753  1.00 45.85 ? 217  GLN A CG  1 
ATOM   772 C CD  . GLN A 1 93  ? -5.608  7.026   -1.472  1.00 45.62 ? 217  GLN A CD  1 
ATOM   773 O OE1 . GLN A 1 93  ? -4.897  7.302   -0.517  1.00 45.31 ? 217  GLN A OE1 1 
ATOM   774 N NE2 . GLN A 1 93  ? -6.039  7.943   -2.325  1.00 49.51 ? 217  GLN A NE2 1 
ATOM   775 N N   . TYR A 1 94  ? -9.091  3.710   0.304   1.00 46.30 ? 218  TYR A N   1 
ATOM   776 C CA  . TYR A 1 94  ? -10.423 3.277   -0.036  1.00 48.10 ? 218  TYR A CA  1 
ATOM   777 C C   . TYR A 1 94  ? -11.455 4.128   0.664   1.00 48.83 ? 218  TYR A C   1 
ATOM   778 O O   . TYR A 1 94  ? -12.380 4.611   0.024   1.00 49.21 ? 218  TYR A O   1 
ATOM   779 C CB  . TYR A 1 94  ? -10.676 1.820   0.340   1.00 49.19 ? 218  TYR A CB  1 
ATOM   780 C CG  . TYR A 1 94  ? -12.103 1.450   0.018   1.00 52.26 ? 218  TYR A CG  1 
ATOM   781 C CD1 . TYR A 1 94  ? -12.529 1.385   -1.314  1.00 53.00 ? 218  TYR A CD1 1 
ATOM   782 C CD2 . TYR A 1 94  ? -13.053 1.262   1.031   1.00 53.59 ? 218  TYR A CD2 1 
ATOM   783 C CE1 . TYR A 1 94  ? -13.821 1.085   -1.635  1.00 52.88 ? 218  TYR A CE1 1 
ATOM   784 C CE2 . TYR A 1 94  ? -14.393 0.963   0.705   1.00 53.04 ? 218  TYR A CE2 1 
ATOM   785 C CZ  . TYR A 1 94  ? -14.751 0.876   -0.629  1.00 52.75 ? 218  TYR A CZ  1 
ATOM   786 O OH  . TYR A 1 94  ? -16.026 0.580   -1.015  1.00 52.07 ? 218  TYR A OH  1 
ATOM   787 N N   . GLN A 1 95  ? -11.281 4.314   1.973   1.00 49.20 ? 219  GLN A N   1 
ATOM   788 C CA  . GLN A 1 95  ? -12.199 5.119   2.781   1.00 50.33 ? 219  GLN A CA  1 
ATOM   789 C C   . GLN A 1 95  ? -12.294 6.563   2.270   1.00 51.03 ? 219  GLN A C   1 
ATOM   790 O O   . GLN A 1 95  ? -13.404 7.055   2.054   1.00 50.55 ? 219  GLN A O   1 
ATOM   791 C CB  . GLN A 1 95  ? -11.848 5.025   4.278   1.00 49.67 ? 219  GLN A CB  1 
ATOM   792 C CG  . GLN A 1 95  ? -11.803 3.575   4.724   1.00 48.15 ? 219  GLN A CG  1 
ATOM   793 C CD  . GLN A 1 95  ? -11.597 3.363   6.206   1.00 48.10 ? 219  GLN A CD  1 
ATOM   794 O OE1 . GLN A 1 95  ? -10.728 3.984   6.839   1.00 44.93 ? 219  GLN A OE1 1 
ATOM   795 N NE2 . GLN A 1 95  ? -12.382 2.449   6.766   1.00 47.59 ? 219  GLN A NE2 1 
ATOM   796 N N   . ARG A 1 96  ? -11.151 7.212   2.036   1.00 51.64 ? 220  ARG A N   1 
ATOM   797 C CA  . ARG A 1 96  ? -11.136 8.536   1.407   1.00 52.90 ? 220  ARG A CA  1 
ATOM   798 C C   . ARG A 1 96  ? -11.869 8.540   0.079   1.00 53.13 ? 220  ARG A C   1 
ATOM   799 O O   . ARG A 1 96  ? -12.756 9.359   -0.133  1.00 53.11 ? 220  ARG A O   1 
ATOM   800 C CB  . ARG A 1 96  ? -9.707  9.002   1.110   1.00 53.04 ? 220  ARG A CB  1 
ATOM   801 C CG  . ARG A 1 96  ? -8.984  9.733   2.224   1.00 55.32 ? 220  ARG A CG  1 
ATOM   802 C CD  . ARG A 1 96  ? -7.473  9.453   2.196   1.00 57.90 ? 220  ARG A CD  1 
ATOM   803 N NE  . ARG A 1 96  ? -6.640  10.511  2.769   1.00 58.89 ? 220  ARG A NE  1 
ATOM   804 C CZ  . ARG A 1 96  ? -6.352  10.657  4.067   1.00 59.97 ? 220  ARG A CZ  1 
ATOM   805 N NH1 . ARG A 1 96  ? -5.556  11.654  4.453   1.00 60.61 ? 220  ARG A NH1 1 
ATOM   806 N NH2 . ARG A 1 96  ? -6.848  9.826   4.979   1.00 57.82 ? 220  ARG A NH2 1 
ATOM   807 N N   . GLU A 1 97  ? -11.448 7.646   -0.817  1.00 53.88 ? 221  GLU A N   1 
ATOM   808 C CA  . GLU A 1 97  ? -11.913 7.623   -2.196  1.00 54.63 ? 221  GLU A CA  1 
ATOM   809 C C   . GLU A 1 97  ? -13.364 7.265   -2.240  1.00 54.55 ? 221  GLU A C   1 
ATOM   810 O O   . GLU A 1 97  ? -14.094 7.800   -3.055  1.00 54.33 ? 221  GLU A O   1 
ATOM   811 C CB  . GLU A 1 97  ? -11.184 6.554   -3.044  1.00 54.81 ? 221  GLU A CB  1 
ATOM   812 C CG  . GLU A 1 97  ? -9.727  6.817   -3.382  1.00 57.11 ? 221  GLU A CG  1 
ATOM   813 C CD  . GLU A 1 97  ? -9.507  8.186   -3.981  1.00 60.02 ? 221  GLU A CD  1 
ATOM   814 O OE1 . GLU A 1 97  ? -9.815  8.359   -5.184  1.00 60.16 ? 221  GLU A OE1 1 
ATOM   815 O OE2 . GLU A 1 97  ? -9.008  9.072   -3.248  1.00 60.33 ? 221  GLU A OE2 1 
ATOM   816 N N   . SER A 1 98  ? -13.748 6.308   -1.400  1.00 55.06 ? 222  SER A N   1 
ATOM   817 C CA  . SER A 1 98  ? -15.050 5.678   -1.460  1.00 55.07 ? 222  SER A CA  1 
ATOM   818 C C   . SER A 1 98  ? -16.124 6.624   -0.972  1.00 55.50 ? 222  SER A C   1 
ATOM   819 O O   . SER A 1 98  ? -17.223 6.645   -1.497  1.00 55.89 ? 222  SER A O   1 
ATOM   820 C CB  . SER A 1 98  ? -15.033 4.394   -0.655  1.00 55.16 ? 222  SER A CB  1 
ATOM   821 O OG  . SER A 1 98  ? -16.280 4.141   -0.042  1.00 55.53 ? 222  SER A OG  1 
ATOM   822 N N   . GLN A 1 99  ? -15.779 7.416   0.031   1.00 56.30 ? 223  GLN A N   1 
ATOM   823 C CA  . GLN A 1 99  ? -16.633 8.478   0.526   1.00 56.40 ? 223  GLN A CA  1 
ATOM   824 C C   . GLN A 1 99  ? -16.694 9.672   -0.425  1.00 56.58 ? 223  GLN A C   1 
ATOM   825 O O   . GLN A 1 99  ? -17.789 10.154  -0.748  1.00 56.17 ? 223  GLN A O   1 
ATOM   826 C CB  . GLN A 1 99  ? -16.126 8.949   1.881   1.00 56.15 ? 223  GLN A CB  1 
ATOM   827 C CG  . GLN A 1 99  ? -16.524 10.368  2.226   1.00 57.45 ? 223  GLN A CG  1 
ATOM   828 C CD  . GLN A 1 99  ? -15.896 10.809  3.497   1.00 59.59 ? 223  GLN A CD  1 
ATOM   829 O OE1 . GLN A 1 99  ? -14.663 10.786  3.624   1.00 61.53 ? 223  GLN A OE1 1 
ATOM   830 N NE2 . GLN A 1 99  ? -16.724 11.193  4.469   1.00 59.77 ? 223  GLN A NE2 1 
ATOM   831 N N   . ALA A 1 100 ? -15.520 10.172  -0.833  1.00 56.43 ? 224  ALA A N   1 
ATOM   832 C CA  . ALA A 1 100 ? -15.434 11.328  -1.718  1.00 56.18 ? 224  ALA A CA  1 
ATOM   833 C C   . ALA A 1 100 ? -16.271 11.074  -2.970  1.00 56.41 ? 224  ALA A C   1 
ATOM   834 O O   . ALA A 1 100 ? -16.856 12.006  -3.535  1.00 57.14 ? 224  ALA A O   1 
ATOM   835 C CB  . ALA A 1 100 ? -13.994 11.622  -2.091  1.00 55.45 ? 224  ALA A CB  1 
ATOM   836 N N   . TYR A 1 101 ? -16.331 9.800   -3.362  1.00 56.10 ? 225  TYR A N   1 
ATOM   837 C CA  . TYR A 1 101 ? -17.093 9.302   -4.508  1.00 56.10 ? 225  TYR A CA  1 
ATOM   838 C C   . TYR A 1 101 ? -18.579 9.133   -4.243  1.00 55.59 ? 225  TYR A C   1 
ATOM   839 O O   . TYR A 1 101 ? -19.383 9.377   -5.134  1.00 55.77 ? 225  TYR A O   1 
ATOM   840 C CB  . TYR A 1 101 ? -16.567 7.924   -4.887  1.00 55.95 ? 225  TYR A CB  1 
ATOM   841 C CG  . TYR A 1 101 ? -17.404 7.170   -5.894  1.00 57.08 ? 225  TYR A CG  1 
ATOM   842 C CD1 . TYR A 1 101 ? -17.490 7.608   -7.219  1.00 58.19 ? 225  TYR A CD1 1 
ATOM   843 C CD2 . TYR A 1 101 ? -18.084 6.002   -5.539  1.00 57.00 ? 225  TYR A CD2 1 
ATOM   844 C CE1 . TYR A 1 101 ? -18.242 6.918   -8.165  1.00 57.02 ? 225  TYR A CE1 1 
ATOM   845 C CE2 . TYR A 1 101 ? -18.834 5.300   -6.479  1.00 57.40 ? 225  TYR A CE2 1 
ATOM   846 C CZ  . TYR A 1 101 ? -18.899 5.769   -7.797  1.00 58.12 ? 225  TYR A CZ  1 
ATOM   847 O OH  . TYR A 1 101 ? -19.621 5.105   -8.760  1.00 57.15 ? 225  TYR A OH  1 
ATOM   848 N N   . TYR A 1 102 ? -18.922 8.634   -3.049  1.00 55.22 ? 226  TYR A N   1 
ATOM   849 C CA  . TYR A 1 102 ? -20.323 8.479   -2.622  1.00 54.05 ? 226  TYR A CA  1 
ATOM   850 C C   . TYR A 1 102 ? -20.961 9.780   -2.130  1.00 53.28 ? 226  TYR A C   1 
ATOM   851 O O   . TYR A 1 102 ? -22.186 9.873   -2.058  1.00 52.56 ? 226  TYR A O   1 
ATOM   852 C CB  . TYR A 1 102 ? -20.496 7.368   -1.566  1.00 54.84 ? 226  TYR A CB  1 
ATOM   853 C CG  . TYR A 1 102 ? -20.608 5.965   -2.154  1.00 55.45 ? 226  TYR A CG  1 
ATOM   854 C CD1 . TYR A 1 102 ? -19.736 4.952   -1.761  1.00 55.00 ? 226  TYR A CD1 1 
ATOM   855 C CD2 . TYR A 1 102 ? -21.577 5.661   -3.117  1.00 56.23 ? 226  TYR A CD2 1 
ATOM   856 C CE1 . TYR A 1 102 ? -19.819 3.673   -2.302  1.00 55.51 ? 226  TYR A CE1 1 
ATOM   857 C CE2 . TYR A 1 102 ? -21.675 4.382   -3.672  1.00 55.87 ? 226  TYR A CE2 1 
ATOM   858 C CZ  . TYR A 1 102 ? -20.792 3.392   -3.256  1.00 56.35 ? 226  TYR A CZ  1 
ATOM   859 O OH  . TYR A 1 102 ? -20.874 2.124   -3.795  1.00 56.34 ? 226  TYR A OH  1 
ATOM   860 N N   . GLN A 1 103 ? -20.135 10.778  -1.817  1.00 52.37 ? 227  GLN A N   1 
ATOM   861 C CA  . GLN A 1 103 ? -20.629 12.066  -1.315  1.00 52.07 ? 227  GLN A CA  1 
ATOM   862 C C   . GLN A 1 103 ? -21.660 12.610  -2.298  1.00 51.47 ? 227  GLN A C   1 
ATOM   863 O O   . GLN A 1 103 ? -21.424 12.602  -3.523  1.00 50.78 ? 227  GLN A O   1 
ATOM   864 C CB  . GLN A 1 103 ? -19.485 13.076  -1.133  1.00 52.99 ? 227  GLN A CB  1 
ATOM   865 C CG  . GLN A 1 103 ? -19.336 13.670  0.294   1.00 54.48 ? 227  GLN A CG  1 
ATOM   866 C CD  . GLN A 1 103 ? -20.629 14.291  0.853   1.00 58.57 ? 227  GLN A CD  1 
ATOM   867 O OE1 . GLN A 1 103 ? -21.736 13.709  0.712   1.00 58.59 ? 227  GLN A OE1 1 
ATOM   868 N NE2 . GLN A 1 103 ? -20.495 15.457  1.513   1.00 56.08 ? 227  GLN A NE2 1 
ATOM   869 N N   . ARG A 1 104 ? -22.808 13.049  -1.779  1.00 50.15 ? 228  ARG A N   1 
ATOM   870 C CA  . ARG A 1 104 ? -23.902 13.479  -2.653  1.00 50.56 ? 228  ARG A CA  1 
ATOM   871 C C   . ARG A 1 104 ? -23.949 14.970  -2.968  1.00 50.88 ? 228  ARG A C   1 
ATOM   872 O O   . ARG A 1 104 ? -24.531 15.348  -3.978  1.00 51.67 ? 228  ARG A O   1 
ATOM   873 C CB  . ARG A 1 104 ? -25.257 13.060  -2.093  1.00 49.08 ? 228  ARG A CB  1 
ATOM   874 C CG  . ARG A 1 104 ? -25.334 11.626  -1.692  1.00 46.91 ? 228  ARG A CG  1 
ATOM   875 C CD  . ARG A 1 104 ? -26.572 11.377  -0.883  1.00 38.65 ? 228  ARG A CD  1 
ATOM   876 N NE  . ARG A 1 104 ? -26.647 10.044  -0.349  1.00 34.78 ? 228  ARG A NE  1 
ATOM   877 C CZ  . ARG A 1 104 ? -26.097 9.638   0.791   1.00 35.62 ? 228  ARG A CZ  1 
ATOM   878 N NH1 . ARG A 1 104 ? -25.292 10.430  1.511   1.00 34.59 ? 228  ARG A NH1 1 
ATOM   879 N NH2 . ARG A 1 104 ? -26.287 8.392   1.182   1.00 26.13 ? 228  ARG A NH2 1 
ATOM   880 N N   . GLY A 1 105 ? -23.384 15.802  -2.096  1.00 51.80 ? 229  GLY A N   1 
ATOM   881 C CA  . GLY A 1 105 ? -23.528 17.278  -2.180  1.00 52.87 ? 229  GLY A CA  1 
ATOM   882 C C   . GLY A 1 105 ? -24.938 17.814  -2.457  1.00 53.72 ? 229  GLY A C   1 
ATOM   883 O O   . GLY A 1 105 ? -25.945 17.178  -2.079  1.00 53.61 ? 229  GLY A O   1 
ATOM   884 N N   . ALA A 1 106 ? -24.980 19.032  -3.030  1.00 53.87 ? 230  ALA A N   1 
ATOM   885 C CA  . ALA A 1 106 ? -25.971 19.473  -4.033  1.00 53.72 ? 230  ALA A CA  1 
ATOM   886 C C   . ALA A 1 106 ? -27.472 19.468  -3.666  1.00 54.15 ? 230  ALA A C   1 
ATOM   887 O O   . ALA A 1 106 ? -27.851 19.919  -2.571  1.00 54.19 ? 230  ALA A O   1 
ATOM   888 C CB  . ALA A 1 106 ? -25.719 18.728  -5.407  1.00 54.18 ? 230  ALA A CB  1 
ATOM   889 O OXT . ALA A 1 106 ? -28.336 19.033  -4.468  1.00 53.70 ? 230  ALA A OXT 1 
HETATM 890 C CA1 . GSH B 2 .   ? 18.608  -11.941 16.806  1.00 72.99 ? 1231 GSH A CA1 1 
HETATM 891 C CB1 . GSH B 2 .   ? 17.877  -10.600 16.702  1.00 73.01 ? 1231 GSH A CB1 1 
HETATM 892 C CG1 . GSH B 2 .   ? 17.508  -10.346 15.245  1.00 71.17 ? 1231 GSH A CG1 1 
HETATM 893 C CD1 . GSH B 2 .   ? 18.438  -9.258  14.834  1.00 69.11 ? 1231 GSH A CD1 1 
HETATM 894 O OE1 . GSH B 2 .   ? 19.794  -9.590  14.665  1.00 68.68 ? 1231 GSH A OE1 1 
HETATM 895 N N2  . GSH B 2 .   ? 17.880  -8.058  14.687  1.00 67.28 ? 1231 GSH A N2  1 
HETATM 896 C CA2 . GSH B 2 .   ? 18.130  -7.280  13.499  1.00 67.59 ? 1231 GSH A CA2 1 
HETATM 897 C C2  . GSH B 2 .   ? 19.175  -6.236  13.801  1.00 69.05 ? 1231 GSH A C2  1 
HETATM 898 O O2  . GSH B 2 .   ? 19.576  -6.060  15.153  1.00 68.76 ? 1231 GSH A O2  1 
HETATM 899 C CB2 . GSH B 2 .   ? 16.854  -6.694  12.870  1.00 64.30 ? 1231 GSH A CB2 1 
HETATM 900 S SG2 . GSH B 2 .   ? 15.628  -6.196  14.095  1.00 61.11 ? 1231 GSH A SG2 1 
HETATM 901 N N3  . GSH B 2 .   ? 19.671  -5.525  12.767  1.00 70.73 ? 1231 GSH A N3  1 
HETATM 902 C CA3 . GSH B 2 .   ? 20.241  -6.076  11.539  1.00 71.23 ? 1231 GSH A CA3 1 
HETATM 903 C C3  . GSH B 2 .   ? 19.194  -6.559  10.539  1.00 72.43 ? 1231 GSH A C3  1 
HETATM 904 O O31 . GSH B 2 .   ? 18.474  -5.706  9.832   1.00 71.31 ? 1231 GSH A O31 1 
HETATM 905 O O32 . GSH B 2 .   ? 18.978  -7.954  10.356  1.00 72.68 ? 1231 GSH A O32 1 
HETATM 906 P P   . PO4 C 3 .   ? 2.087   -11.026 13.046  1.00 41.73 ? 1232 PO4 A P   1 
HETATM 907 O O1  . PO4 C 3 .   ? 1.450   -9.688  13.312  1.00 35.42 ? 1232 PO4 A O1  1 
HETATM 908 O O2  . PO4 C 3 .   ? 1.687   -12.058 14.071  1.00 33.50 ? 1232 PO4 A O2  1 
HETATM 909 O O3  . PO4 C 3 .   ? 3.629   -10.870 13.166  1.00 41.63 ? 1232 PO4 A O3  1 
HETATM 910 O O4  . PO4 C 3 .   ? 1.771   -11.469 11.640  1.00 39.50 ? 1232 PO4 A O4  1 
HETATM 911 O O   . HOH D 4 .   ? -1.068  7.090   -1.398  1.00 31.70 ? 2001 HOH A O   1 
HETATM 912 O O   . HOH D 4 .   ? -0.462  14.956  -2.339  1.00 58.64 ? 2002 HOH A O   1 
HETATM 913 O O   . HOH D 4 .   ? 5.276   10.225  -0.746  1.00 48.38 ? 2003 HOH A O   1 
HETATM 914 O O   . HOH D 4 .   ? 5.309   9.794   4.682   1.00 47.23 ? 2004 HOH A O   1 
HETATM 915 O O   . HOH D 4 .   ? 9.180   9.419   7.730   1.00 51.38 ? 2005 HOH A O   1 
HETATM 916 O O   . HOH D 4 .   ? 4.576   10.013  8.781   1.00 77.89 ? 2006 HOH A O   1 
HETATM 917 O O   . HOH D 4 .   ? 8.898   4.690   4.172   1.00 35.94 ? 2007 HOH A O   1 
HETATM 918 O O   . HOH D 4 .   ? 2.697   2.625   7.326   1.00 41.52 ? 2008 HOH A O   1 
HETATM 919 O O   . HOH D 4 .   ? 4.498   -0.990  16.173  1.00 44.32 ? 2009 HOH A O   1 
HETATM 920 O O   . HOH D 4 .   ? 5.469   -11.543 20.186  1.00 13.23 ? 2010 HOH A O   1 
HETATM 921 O O   . HOH D 4 .   ? 8.891   -16.465 13.570  1.00 25.25 ? 2011 HOH A O   1 
HETATM 922 O O   . HOH D 4 .   ? 7.746   -10.288 23.348  1.00 27.29 ? 2012 HOH A O   1 
HETATM 923 O O   . HOH D 4 .   ? 9.462   -2.296  19.223  1.00 35.50 ? 2013 HOH A O   1 
HETATM 924 O O   . HOH D 4 .   ? 5.472   -3.525  15.214  1.00 30.99 ? 2014 HOH A O   1 
HETATM 925 O O   . HOH D 4 .   ? 5.842   2.876   8.737   1.00 37.68 ? 2015 HOH A O   1 
HETATM 926 O O   . HOH D 4 .   ? 19.071  -1.256  15.562  1.00 47.80 ? 2016 HOH A O   1 
HETATM 927 O O   . HOH D 4 .   ? 17.382  -3.780  14.759  1.00 50.24 ? 2017 HOH A O   1 
HETATM 928 O O   . HOH D 4 .   ? 17.345  -3.931  4.444   1.00 40.91 ? 2018 HOH A O   1 
HETATM 929 O O   . HOH D 4 .   ? 11.237  6.288   2.553   1.00 52.13 ? 2019 HOH A O   1 
HETATM 930 O O   . HOH D 4 .   ? 14.051  8.609   9.097   1.00 26.19 ? 2020 HOH A O   1 
HETATM 931 O O   . HOH D 4 .   ? 19.919  -1.972  0.175   1.00 34.12 ? 2021 HOH A O   1 
HETATM 932 O O   . HOH D 4 .   ? 6.492   5.175   -1.849  1.00 52.82 ? 2022 HOH A O   1 
HETATM 933 O O   . HOH D 4 .   ? 7.135   9.267   -6.834  1.00 59.15 ? 2023 HOH A O   1 
HETATM 934 O O   . HOH D 4 .   ? 4.857   3.466   -3.857  1.00 50.01 ? 2024 HOH A O   1 
HETATM 935 O O   . HOH D 4 .   ? 7.885   10.704  -1.406  1.00 55.98 ? 2025 HOH A O   1 
HETATM 936 O O   . HOH D 4 .   ? 5.524   5.411   -6.071  1.00 40.53 ? 2026 HOH A O   1 
HETATM 937 O O   . HOH D 4 .   ? -7.427  0.129   -17.499 1.00 58.58 ? 2027 HOH A O   1 
HETATM 938 O O   . HOH D 4 .   ? -18.452 1.261   -8.001  1.00 52.32 ? 2028 HOH A O   1 
HETATM 939 O O   . HOH D 4 .   ? -7.181  -0.567  -6.823  1.00 43.60 ? 2029 HOH A O   1 
HETATM 940 O O   . HOH D 4 .   ? 9.598   -18.036 11.106  1.00 37.15 ? 2030 HOH A O   1 
HETATM 941 O O   . HOH D 4 .   ? -12.150 -1.191  6.547   1.00 50.54 ? 2031 HOH A O   1 
HETATM 942 O O   . HOH D 4 .   ? -16.804 -3.030  1.503   1.00 50.36 ? 2032 HOH A O   1 
HETATM 943 O O   . HOH D 4 .   ? -14.472 -8.530  5.181   1.00 56.76 ? 2033 HOH A O   1 
HETATM 944 O O   . HOH D 4 .   ? -8.982  -7.265  0.726   1.00 58.45 ? 2034 HOH A O   1 
HETATM 945 O O   . HOH D 4 .   ? -6.690  -8.404  0.504   1.00 50.98 ? 2035 HOH A O   1 
HETATM 946 O O   . HOH D 4 .   ? 2.996   -1.292  -12.506 1.00 52.71 ? 2036 HOH A O   1 
HETATM 947 O O   . HOH D 4 .   ? 16.065  6.728   -7.326  0.50 24.84 ? 2037 HOH A O   1 
HETATM 948 O O   . HOH D 4 .   ? 7.375   2.360   -6.908  1.00 50.63 ? 2038 HOH A O   1 
HETATM 949 O O   . HOH D 4 .   ? 14.430  1.581   -10.682 1.00 39.56 ? 2039 HOH A O   1 
HETATM 950 O O   . HOH D 4 .   ? -0.274  -8.654  6.301   1.00 55.15 ? 2040 HOH A O   1 
HETATM 951 O O   . HOH D 4 .   ? 15.604  -7.920  -6.635  0.50 23.59 ? 2041 HOH A O   1 
HETATM 952 O O   . HOH D 4 .   ? 13.298  1.105   -3.746  1.00 55.10 ? 2042 HOH A O   1 
HETATM 953 O O   . HOH D 4 .   ? 18.419  5.012   -4.819  1.00 48.75 ? 2043 HOH A O   1 
HETATM 954 O O   . HOH D 4 .   ? 19.273  -4.664  -1.275  1.00 52.22 ? 2044 HOH A O   1 
HETATM 955 O O   . HOH D 4 .   ? 21.268  -7.570  -0.278  1.00 72.06 ? 2045 HOH A O   1 
HETATM 956 O O   . HOH D 4 .   ? 16.471  -11.071 -0.439  1.00 40.97 ? 2046 HOH A O   1 
HETATM 957 O O   . HOH D 4 .   ? 14.462  -13.985 2.013   1.00 37.74 ? 2047 HOH A O   1 
HETATM 958 O O   . HOH D 4 .   ? 7.294   -13.214 2.246   1.00 43.75 ? 2048 HOH A O   1 
HETATM 959 O O   . HOH D 4 .   ? 15.093  -4.616  4.352   1.00 35.55 ? 2049 HOH A O   1 
HETATM 960 O O   . HOH D 4 .   ? 3.135   -14.742 8.525   1.00 53.02 ? 2050 HOH A O   1 
HETATM 961 O O   . HOH D 4 .   ? 2.129   -9.338  5.223   1.00 42.25 ? 2051 HOH A O   1 
HETATM 962 O O   . HOH D 4 .   ? 2.423   -11.090 2.779   1.00 46.12 ? 2052 HOH A O   1 
HETATM 963 O O   . HOH D 4 .   ? 0.641   1.954   6.443   1.00 38.71 ? 2053 HOH A O   1 
HETATM 964 O O   . HOH D 4 .   ? -2.962  -4.526  7.796   1.00 64.07 ? 2054 HOH A O   1 
HETATM 965 O O   . HOH D 4 .   ? -7.505  -5.885  4.307   1.00 72.48 ? 2055 HOH A O   1 
HETATM 966 O O   . HOH D 4 .   ? -4.390  -9.139  5.426   1.00 57.22 ? 2056 HOH A O   1 
HETATM 967 O O   . HOH D 4 .   ? -5.209  -3.571  11.328  1.00 47.88 ? 2057 HOH A O   1 
HETATM 968 O O   . HOH D 4 .   ? -2.253  6.529   2.694   1.00 46.05 ? 2058 HOH A O   1 
HETATM 969 O O   . HOH D 4 .   ? -9.232  7.514   5.557   1.00 52.95 ? 2059 HOH A O   1 
HETATM 970 O O   . HOH D 4 .   ? -17.011 2.009   -3.705  1.00 52.91 ? 2060 HOH A O   1 
HETATM 971 O O   . HOH D 4 .   ? -8.462  3.563   8.011   1.00 47.64 ? 2061 HOH A O   1 
HETATM 972 O O   . HOH D 4 .   ? -8.593  10.884  -1.670  1.00 50.50 ? 2062 HOH A O   1 
HETATM 973 O O   . HOH D 4 .   ? -11.548 7.092   -6.273  1.00 48.74 ? 2063 HOH A O   1 
HETATM 974 O O   . HOH D 4 .   ? -12.247 10.722  4.961   1.00 49.85 ? 2064 HOH A O   1 
HETATM 975 O O   . HOH D 4 .   ? -18.457 10.531  6.696   1.00 61.15 ? 2065 HOH A O   1 
HETATM 976 O O   . HOH D 4 .   ? -20.129 11.751  -6.196  1.00 54.17 ? 2066 HOH A O   1 
HETATM 977 O O   . HOH D 4 .   ? -23.515 10.270  -5.218  1.00 51.10 ? 2067 HOH A O   1 
HETATM 978 O O   . HOH D 4 .   ? -24.845 7.616   -2.381  1.00 46.84 ? 2068 HOH A O   1 
HETATM 979 O O   . HOH D 4 .   ? -22.904 16.010  0.730   1.00 41.76 ? 2069 HOH A O   1 
HETATM 980 O O   . HOH D 4 .   ? -27.308 7.894   -2.523  1.00 28.36 ? 2070 HOH A O   1 
HETATM 981 O O   . HOH D 4 .   ? -24.014 12.525  1.316   1.00 43.37 ? 2071 HOH A O   1 
# 
loop_
_pdbx_poly_seq_scheme.asym_id 
_pdbx_poly_seq_scheme.entity_id 
_pdbx_poly_seq_scheme.seq_id 
_pdbx_poly_seq_scheme.mon_id 
_pdbx_poly_seq_scheme.ndb_seq_num 
_pdbx_poly_seq_scheme.pdb_seq_num 
_pdbx_poly_seq_scheme.auth_seq_num 
_pdbx_poly_seq_scheme.pdb_mon_id 
_pdbx_poly_seq_scheme.auth_mon_id 
_pdbx_poly_seq_scheme.pdb_strand_id 
_pdbx_poly_seq_scheme.pdb_ins_code 
_pdbx_poly_seq_scheme.hetero 
A 1 1   LEU 1   125 125 LEU LEU A . n 
A 1 2   GLY 2   126 126 GLY GLY A . n 
A 1 3   GLY 3   127 127 GLY GLY A . n 
A 1 4   TYR 4   128 128 TYR TYR A . n 
A 1 5   MET 5   129 129 MET MET A . n 
A 1 6   LEU 6   130 130 LEU LEU A . n 
A 1 7   GLY 7   131 131 GLY GLY A . n 
A 1 8   SER 8   132 132 SER SER A . n 
A 1 9   ALA 9   133 133 ALA ALA A . n 
A 1 10  MET 10  134 134 MET MET A . n 
A 1 11  SER 11  135 135 SER SER A . n 
A 1 12  ARG 12  136 136 ARG ARG A . n 
A 1 13  PRO 13  137 137 PRO PRO A . n 
A 1 14  LEU 14  138 138 LEU LEU A . n 
A 1 15  ILE 15  139 139 ILE ILE A . n 
A 1 16  HIS 16  140 140 HIS HIS A . n 
A 1 17  PHE 17  141 141 PHE PHE A . n 
A 1 18  GLY 18  142 142 GLY GLY A . n 
A 1 19  ASN 19  143 143 ASN ASN A . n 
A 1 20  ASP 20  144 144 ASP ASP A . n 
A 1 21  TYR 21  145 145 TYR TYR A . n 
A 1 22  GLU 22  146 146 GLU GLU A . n 
A 1 23  ASP 23  147 147 ASP ASP A . n 
A 1 24  CYS 24  148 148 CYS CYS A . n 
A 1 25  TYR 25  149 149 TYR TYR A . n 
A 1 26  TYR 26  150 150 TYR TYR A . n 
A 1 27  ARG 27  151 151 ARG ARG A . n 
A 1 28  GLU 28  152 152 GLU GLU A . n 
A 1 29  ASN 29  153 153 ASN ASN A . n 
A 1 30  MET 30  154 154 MET MET A . n 
A 1 31  HIS 31  155 155 HIS HIS A . n 
A 1 32  ARG 32  156 156 ARG ARG A . n 
A 1 33  TYR 33  157 157 TYR TYR A . n 
A 1 34  PRO 34  158 158 PRO PRO A . n 
A 1 35  ASN 35  159 159 ASN ASN A . n 
A 1 36  GLN 36  160 160 GLN GLN A . n 
A 1 37  VAL 37  161 161 VAL VAL A . n 
A 1 38  TYR 38  162 162 TYR TYR A . n 
A 1 39  TYR 39  163 163 TYR TYR A . n 
A 1 40  ARG 40  164 164 ARG ARG A . n 
A 1 41  PRO 41  165 165 PRO PRO A . n 
A 1 42  VAL 42  166 166 VAL VAL A . n 
A 1 43  ASP 43  167 167 ASP ASP A . n 
A 1 44  GLN 44  168 168 GLN GLN A . n 
A 1 45  TYR 45  169 169 TYR TYR A . n 
A 1 46  SER 46  170 170 SER SER A . n 
A 1 47  ASN 47  171 171 ASN ASN A . n 
A 1 48  GLN 48  172 172 GLN GLN A . n 
A 1 49  ASN 49  173 173 ASN ASN A . n 
A 1 50  ASN 50  174 174 ASN ASN A . n 
A 1 51  PHE 51  175 175 PHE PHE A . n 
A 1 52  VAL 52  176 176 VAL VAL A . n 
A 1 53  HIS 53  177 177 HIS HIS A . n 
A 1 54  ASP 54  178 178 ASP ASP A . n 
A 1 55  CYS 55  179 179 CYS CYS A . n 
A 1 56  VAL 56  180 180 VAL VAL A . n 
A 1 57  ASN 57  181 181 ASN ASN A . n 
A 1 58  ILE 58  182 182 ILE ILE A . n 
A 1 59  THR 59  183 183 THR THR A . n 
A 1 60  VAL 60  184 184 VAL VAL A . n 
A 1 61  LYS 61  185 185 LYS LYS A . n 
A 1 62  GLN 62  186 186 GLN GLN A . n 
A 1 63  HIS 63  187 187 HIS HIS A . n 
A 1 64  THR 64  188 188 THR THR A . n 
A 1 65  VAL 65  189 189 VAL VAL A . n 
A 1 66  THR 66  190 190 THR THR A . n 
A 1 67  THR 67  191 191 THR THR A . n 
A 1 68  THR 68  192 192 THR THR A . n 
A 1 69  THR 69  193 193 THR THR A . n 
A 1 70  LYS 70  194 194 LYS LYS A . n 
A 1 71  GLY 71  195 195 GLY GLY A . n 
A 1 72  GLU 72  196 196 GLU GLU A . n 
A 1 73  ASN 73  197 197 ASN ASN A . n 
A 1 74  PHE 74  198 198 PHE PHE A . n 
A 1 75  THR 75  199 199 THR THR A . n 
A 1 76  GLU 76  200 200 GLU GLU A . n 
A 1 77  THR 77  201 201 THR THR A . n 
A 1 78  ASP 78  202 202 ASP ASP A . n 
A 1 79  ILE 79  203 203 ILE ILE A . n 
A 1 80  LYS 80  204 204 LYS LYS A . n 
A 1 81  ILE 81  205 205 ILE ILE A . n 
A 1 82  MET 82  206 206 MET MET A . n 
A 1 83  GLU 83  207 207 GLU GLU A . n 
A 1 84  ARG 84  208 208 ARG ARG A . n 
A 1 85  VAL 85  209 209 VAL VAL A . n 
A 1 86  VAL 86  210 210 VAL VAL A . n 
A 1 87  GLU 87  211 211 GLU GLU A . n 
A 1 88  GLN 88  212 212 GLN GLN A . n 
A 1 89  MET 89  213 213 MET MET A . n 
A 1 90  CYS 90  214 214 CYS CYS A . n 
A 1 91  ILE 91  215 215 ILE ILE A . n 
A 1 92  THR 92  216 216 THR THR A . n 
A 1 93  GLN 93  217 217 GLN GLN A . n 
A 1 94  TYR 94  218 218 TYR TYR A . n 
A 1 95  GLN 95  219 219 GLN GLN A . n 
A 1 96  ARG 96  220 220 ARG ARG A . n 
A 1 97  GLU 97  221 221 GLU GLU A . n 
A 1 98  SER 98  222 222 SER SER A . n 
A 1 99  GLN 99  223 223 GLN GLN A . n 
A 1 100 ALA 100 224 224 ALA ALA A . n 
A 1 101 TYR 101 225 225 TYR TYR A . n 
A 1 102 TYR 102 226 226 TYR TYR A . n 
A 1 103 GLN 103 227 227 GLN GLN A . n 
A 1 104 ARG 104 228 228 ARG ARG A . n 
A 1 105 GLY 105 229 229 GLY GLY A . n 
A 1 106 ALA 106 230 230 ALA ALA A . n 
# 
loop_
_pdbx_nonpoly_scheme.asym_id 
_pdbx_nonpoly_scheme.entity_id 
_pdbx_nonpoly_scheme.mon_id 
_pdbx_nonpoly_scheme.ndb_seq_num 
_pdbx_nonpoly_scheme.pdb_seq_num 
_pdbx_nonpoly_scheme.auth_seq_num 
_pdbx_nonpoly_scheme.pdb_mon_id 
_pdbx_nonpoly_scheme.auth_mon_id 
_pdbx_nonpoly_scheme.pdb_strand_id 
_pdbx_nonpoly_scheme.pdb_ins_code 
B 2 GSH 1  1231 1231 GSH GSH A . 
C 3 PO4 1  1232 1232 PO4 PO4 A . 
D 4 HOH 1  2001 2001 HOH HOH A . 
D 4 HOH 2  2002 2002 HOH HOH A . 
D 4 HOH 3  2003 2003 HOH HOH A . 
D 4 HOH 4  2004 2004 HOH HOH A . 
D 4 HOH 5  2005 2005 HOH HOH A . 
D 4 HOH 6  2006 2006 HOH HOH A . 
D 4 HOH 7  2007 2007 HOH HOH A . 
D 4 HOH 8  2008 2008 HOH HOH A . 
D 4 HOH 9  2009 2009 HOH HOH A . 
D 4 HOH 10 2010 2010 HOH HOH A . 
D 4 HOH 11 2011 2011 HOH HOH A . 
D 4 HOH 12 2012 2012 HOH HOH A . 
D 4 HOH 13 2013 2013 HOH HOH A . 
D 4 HOH 14 2014 2014 HOH HOH A . 
D 4 HOH 15 2015 2015 HOH HOH A . 
D 4 HOH 16 2016 2016 HOH HOH A . 
D 4 HOH 17 2017 2017 HOH HOH A . 
D 4 HOH 18 2018 2018 HOH HOH A . 
D 4 HOH 19 2019 2019 HOH HOH A . 
D 4 HOH 20 2020 2020 HOH HOH A . 
D 4 HOH 21 2021 2021 HOH HOH A . 
D 4 HOH 22 2022 2022 HOH HOH A . 
D 4 HOH 23 2023 2023 HOH HOH A . 
D 4 HOH 24 2024 2024 HOH HOH A . 
D 4 HOH 25 2025 2025 HOH HOH A . 
D 4 HOH 26 2026 2026 HOH HOH A . 
D 4 HOH 27 2027 2027 HOH HOH A . 
D 4 HOH 28 2028 2028 HOH HOH A . 
D 4 HOH 29 2029 2029 HOH HOH A . 
D 4 HOH 30 2030 2030 HOH HOH A . 
D 4 HOH 31 2031 2031 HOH HOH A . 
D 4 HOH 32 2032 2032 HOH HOH A . 
D 4 HOH 33 2033 2033 HOH HOH A . 
D 4 HOH 34 2034 2034 HOH HOH A . 
D 4 HOH 35 2035 2035 HOH HOH A . 
D 4 HOH 36 2036 2036 HOH HOH A . 
D 4 HOH 37 2037 2037 HOH HOH A . 
D 4 HOH 38 2038 2038 HOH HOH A . 
D 4 HOH 39 2039 2039 HOH HOH A . 
D 4 HOH 40 2040 2040 HOH HOH A . 
D 4 HOH 41 2041 2041 HOH HOH A . 
D 4 HOH 42 2042 2042 HOH HOH A . 
D 4 HOH 43 2043 2043 HOH HOH A . 
D 4 HOH 44 2044 2044 HOH HOH A . 
D 4 HOH 45 2045 2045 HOH HOH A . 
D 4 HOH 46 2046 2046 HOH HOH A . 
D 4 HOH 47 2047 2047 HOH HOH A . 
D 4 HOH 48 2048 2048 HOH HOH A . 
D 4 HOH 49 2049 2049 HOH HOH A . 
D 4 HOH 50 2050 2050 HOH HOH A . 
D 4 HOH 51 2051 2051 HOH HOH A . 
D 4 HOH 52 2052 2052 HOH HOH A . 
D 4 HOH 53 2053 2053 HOH HOH A . 
D 4 HOH 54 2054 2054 HOH HOH A . 
D 4 HOH 55 2055 2055 HOH HOH A . 
D 4 HOH 56 2056 2056 HOH HOH A . 
D 4 HOH 57 2057 2057 HOH HOH A . 
D 4 HOH 58 2058 2058 HOH HOH A . 
D 4 HOH 59 2059 2059 HOH HOH A . 
D 4 HOH 60 2060 2060 HOH HOH A . 
D 4 HOH 61 2061 2061 HOH HOH A . 
D 4 HOH 62 2062 2062 HOH HOH A . 
D 4 HOH 63 2063 2063 HOH HOH A . 
D 4 HOH 64 2064 2064 HOH HOH A . 
D 4 HOH 65 2065 2065 HOH HOH A . 
D 4 HOH 66 2066 2066 HOH HOH A . 
D 4 HOH 67 2067 2067 HOH HOH A . 
D 4 HOH 68 2068 2068 HOH HOH A . 
D 4 HOH 69 2069 2069 HOH HOH A . 
D 4 HOH 70 2070 2070 HOH HOH A . 
D 4 HOH 71 2071 2071 HOH HOH A . 
# 
_pdbx_struct_assembly.id                   1 
_pdbx_struct_assembly.details              author_and_software_defined_assembly 
_pdbx_struct_assembly.method_details       PQS 
_pdbx_struct_assembly.oligomeric_details   dimeric 
_pdbx_struct_assembly.oligomeric_count     2 
# 
_pdbx_struct_assembly_gen.assembly_id       1 
_pdbx_struct_assembly_gen.oper_expression   1,2 
_pdbx_struct_assembly_gen.asym_id_list      A,B,C,D 
# 
loop_
_pdbx_struct_assembly_prop.biol_id 
_pdbx_struct_assembly_prop.type 
_pdbx_struct_assembly_prop.value 
_pdbx_struct_assembly_prop.details 
1 'ABSA (A^2)' 1840  ? 
1 MORE         -5.0  ? 
1 'SSA (A^2)'  14640 ? 
# 
loop_
_pdbx_struct_oper_list.id 
_pdbx_struct_oper_list.type 
_pdbx_struct_oper_list.name 
_pdbx_struct_oper_list.symmetry_operation 
_pdbx_struct_oper_list.matrix[1][1] 
_pdbx_struct_oper_list.matrix[1][2] 
_pdbx_struct_oper_list.matrix[1][3] 
_pdbx_struct_oper_list.vector[1] 
_pdbx_struct_oper_list.matrix[2][1] 
_pdbx_struct_oper_list.matrix[2][2] 
_pdbx_struct_oper_list.matrix[2][3] 
_pdbx_struct_oper_list.vector[2] 
_pdbx_struct_oper_list.matrix[3][1] 
_pdbx_struct_oper_list.matrix[3][2] 
_pdbx_struct_oper_list.matrix[3][3] 
_pdbx_struct_oper_list.vector[3] 
1 'identity operation'         1_555 x,y,z       1.0000000000 0.0000000000  0.0000000000 0.0000000000 0.0000000000  1.0000000000  0.0000000000  0.0000000000   0.0000000000 0.0000000000  1.0000000000  0.0000000000   
2 'crystal symmetry operation' 2_665 -x+1,-y+1,z 0.9332396467 -0.1406924353 0.3305592239 2.1203934571 -0.1406924353 -0.9897610411 -0.0240566048 -13.7250655478 0.3305592239 -0.0240566048 -0.9434786056 -18.2425452362 
# 
_pdbx_struct_special_symmetry.id              1 
_pdbx_struct_special_symmetry.PDB_model_num   1 
_pdbx_struct_special_symmetry.auth_asym_id    A 
_pdbx_struct_special_symmetry.auth_comp_id    HOH 
_pdbx_struct_special_symmetry.auth_seq_id     2041 
_pdbx_struct_special_symmetry.PDB_ins_code    ? 
_pdbx_struct_special_symmetry.label_asym_id   D 
_pdbx_struct_special_symmetry.label_comp_id   HOH 
_pdbx_struct_special_symmetry.label_seq_id    . 
# 
loop_
_pdbx_audit_revision_history.ordinal 
_pdbx_audit_revision_history.data_content_type 
_pdbx_audit_revision_history.major_revision 
_pdbx_audit_revision_history.minor_revision 
_pdbx_audit_revision_history.revision_date 
1 'Structure model' 1 0 2004-03-25 
2 'Structure model' 1 1 2011-12-07 
3 'Structure model' 1 2 2023-12-13 
# 
_pdbx_audit_revision_details.ordinal             1 
_pdbx_audit_revision_details.revision_ordinal    1 
_pdbx_audit_revision_details.data_content_type   'Structure model' 
_pdbx_audit_revision_details.provider            repository 
_pdbx_audit_revision_details.type                'Initial release' 
_pdbx_audit_revision_details.description         ? 
_pdbx_audit_revision_details.details             ? 
# 
loop_
_pdbx_audit_revision_group.ordinal 
_pdbx_audit_revision_group.revision_ordinal 
_pdbx_audit_revision_group.data_content_type 
_pdbx_audit_revision_group.group 
1  2 'Structure model' 'Atomic model'              
2  2 'Structure model' 'Database references'       
3  2 'Structure model' 'Derived calculations'      
4  2 'Structure model' 'Non-polymer description'   
5  2 'Structure model' Other                       
6  2 'Structure model' 'Structure summary'         
7  2 'Structure model' 'Version format compliance' 
8  3 'Structure model' 'Data collection'           
9  3 'Structure model' 'Database references'       
10 3 'Structure model' 'Derived calculations'      
11 3 'Structure model' Other                       
12 3 'Structure model' 'Refinement description'    
# 
loop_
_pdbx_audit_revision_category.ordinal 
_pdbx_audit_revision_category.revision_ordinal 
_pdbx_audit_revision_category.data_content_type 
_pdbx_audit_revision_category.category 
1 3 'Structure model' chem_comp_atom                
2 3 'Structure model' chem_comp_bond                
3 3 'Structure model' database_2                    
4 3 'Structure model' pdbx_database_status          
5 3 'Structure model' pdbx_initial_refinement_model 
6 3 'Structure model' struct_conn                   
7 3 'Structure model' struct_site                   
# 
loop_
_pdbx_audit_revision_item.ordinal 
_pdbx_audit_revision_item.revision_ordinal 
_pdbx_audit_revision_item.data_content_type 
_pdbx_audit_revision_item.item 
1 3 'Structure model' '_database_2.pdbx_DOI'                 
2 3 'Structure model' '_database_2.pdbx_database_accession'  
3 3 'Structure model' '_pdbx_database_status.status_code_sf' 
4 3 'Structure model' '_struct_conn.pdbx_leaving_atom_flag'  
5 3 'Structure model' '_struct_site.pdbx_auth_asym_id'       
6 3 'Structure model' '_struct_site.pdbx_auth_comp_id'       
7 3 'Structure model' '_struct_site.pdbx_auth_seq_id'        
# 
loop_
_software.name 
_software.classification 
_software.version 
_software.citation_id 
_software.pdbx_ordinal 
DENZO     'data reduction' .        ? 1 
SCALEPACK 'data scaling'   .        ? 2 
AMoRE     phasing          .        ? 3 
MOLREP    phasing          .        ? 4 
REFMAC    refinement       5.1.9999 ? 5 
# 
loop_
_pdbx_validate_close_contact.id 
_pdbx_validate_close_contact.PDB_model_num 
_pdbx_validate_close_contact.auth_atom_id_1 
_pdbx_validate_close_contact.auth_asym_id_1 
_pdbx_validate_close_contact.auth_comp_id_1 
_pdbx_validate_close_contact.auth_seq_id_1 
_pdbx_validate_close_contact.PDB_ins_code_1 
_pdbx_validate_close_contact.label_alt_id_1 
_pdbx_validate_close_contact.auth_atom_id_2 
_pdbx_validate_close_contact.auth_asym_id_2 
_pdbx_validate_close_contact.auth_comp_id_2 
_pdbx_validate_close_contact.auth_seq_id_2 
_pdbx_validate_close_contact.PDB_ins_code_2 
_pdbx_validate_close_contact.label_alt_id_2 
_pdbx_validate_close_contact.dist 
1 1 OH  A TYR 169 ? ? OD2 A ASP 178  ? ? 1.88 
2 1 NE2 A HIS 155 ? ? O   A HOH 2020 ? ? 1.90 
# 
_pdbx_validate_rmsd_angle.id                         1 
_pdbx_validate_rmsd_angle.PDB_model_num              1 
_pdbx_validate_rmsd_angle.auth_atom_id_1             NE 
_pdbx_validate_rmsd_angle.auth_asym_id_1             A 
_pdbx_validate_rmsd_angle.auth_comp_id_1             ARG 
_pdbx_validate_rmsd_angle.auth_seq_id_1              208 
_pdbx_validate_rmsd_angle.PDB_ins_code_1             ? 
_pdbx_validate_rmsd_angle.label_alt_id_1             ? 
_pdbx_validate_rmsd_angle.auth_atom_id_2             CZ 
_pdbx_validate_rmsd_angle.auth_asym_id_2             A 
_pdbx_validate_rmsd_angle.auth_comp_id_2             ARG 
_pdbx_validate_rmsd_angle.auth_seq_id_2              208 
_pdbx_validate_rmsd_angle.PDB_ins_code_2             ? 
_pdbx_validate_rmsd_angle.label_alt_id_2             ? 
_pdbx_validate_rmsd_angle.auth_atom_id_3             NH2 
_pdbx_validate_rmsd_angle.auth_asym_id_3             A 
_pdbx_validate_rmsd_angle.auth_comp_id_3             ARG 
_pdbx_validate_rmsd_angle.auth_seq_id_3              208 
_pdbx_validate_rmsd_angle.PDB_ins_code_3             ? 
_pdbx_validate_rmsd_angle.label_alt_id_3             ? 
_pdbx_validate_rmsd_angle.angle_value                116.77 
_pdbx_validate_rmsd_angle.angle_target_value         120.30 
_pdbx_validate_rmsd_angle.angle_deviation            -3.53 
_pdbx_validate_rmsd_angle.angle_standard_deviation   0.50 
_pdbx_validate_rmsd_angle.linker_flag                N 
# 
_pdbx_validate_peptide_omega.id               1 
_pdbx_validate_peptide_omega.PDB_model_num    1 
_pdbx_validate_peptide_omega.auth_comp_id_1   GLY 
_pdbx_validate_peptide_omega.auth_asym_id_1   A 
_pdbx_validate_peptide_omega.auth_seq_id_1    229 
_pdbx_validate_peptide_omega.PDB_ins_code_1   ? 
_pdbx_validate_peptide_omega.label_alt_id_1   ? 
_pdbx_validate_peptide_omega.auth_comp_id_2   ALA 
_pdbx_validate_peptide_omega.auth_asym_id_2   A 
_pdbx_validate_peptide_omega.auth_seq_id_2    230 
_pdbx_validate_peptide_omega.PDB_ins_code_2   ? 
_pdbx_validate_peptide_omega.label_alt_id_2   ? 
_pdbx_validate_peptide_omega.omega            144.21 
# 
loop_
_pdbx_unobs_or_zero_occ_atoms.id 
_pdbx_unobs_or_zero_occ_atoms.PDB_model_num 
_pdbx_unobs_or_zero_occ_atoms.polymer_flag 
_pdbx_unobs_or_zero_occ_atoms.occupancy_flag 
_pdbx_unobs_or_zero_occ_atoms.auth_asym_id 
_pdbx_unobs_or_zero_occ_atoms.auth_comp_id 
_pdbx_unobs_or_zero_occ_atoms.auth_seq_id 
_pdbx_unobs_or_zero_occ_atoms.PDB_ins_code 
_pdbx_unobs_or_zero_occ_atoms.auth_atom_id 
_pdbx_unobs_or_zero_occ_atoms.label_alt_id 
_pdbx_unobs_or_zero_occ_atoms.label_asym_id 
_pdbx_unobs_or_zero_occ_atoms.label_comp_id 
_pdbx_unobs_or_zero_occ_atoms.label_seq_id 
_pdbx_unobs_or_zero_occ_atoms.label_atom_id 
1 1 N 1 A GSH 1231 ? N1  ? B GSH 1 N1  
2 1 N 1 A GSH 1231 ? C1  ? B GSH 1 C1  
3 1 N 1 A GSH 1231 ? O11 ? B GSH 1 O11 
4 1 N 1 A GSH 1231 ? O12 ? B GSH 1 O12 
# 
loop_
_chem_comp_atom.comp_id 
_chem_comp_atom.atom_id 
_chem_comp_atom.type_symbol 
_chem_comp_atom.pdbx_aromatic_flag 
_chem_comp_atom.pdbx_stereo_config 
_chem_comp_atom.pdbx_ordinal 
ALA N    N N N 1   
ALA CA   C N S 2   
ALA C    C N N 3   
ALA O    O N N 4   
ALA CB   C N N 5   
ALA OXT  O N N 6   
ALA H    H N N 7   
ALA H2   H N N 8   
ALA HA   H N N 9   
ALA HB1  H N N 10  
ALA HB2  H N N 11  
ALA HB3  H N N 12  
ALA HXT  H N N 13  
ARG N    N N N 14  
ARG CA   C N S 15  
ARG C    C N N 16  
ARG O    O N N 17  
ARG CB   C N N 18  
ARG CG   C N N 19  
ARG CD   C N N 20  
ARG NE   N N N 21  
ARG CZ   C N N 22  
ARG NH1  N N N 23  
ARG NH2  N N N 24  
ARG OXT  O N N 25  
ARG H    H N N 26  
ARG H2   H N N 27  
ARG HA   H N N 28  
ARG HB2  H N N 29  
ARG HB3  H N N 30  
ARG HG2  H N N 31  
ARG HG3  H N N 32  
ARG HD2  H N N 33  
ARG HD3  H N N 34  
ARG HE   H N N 35  
ARG HH11 H N N 36  
ARG HH12 H N N 37  
ARG HH21 H N N 38  
ARG HH22 H N N 39  
ARG HXT  H N N 40  
ASN N    N N N 41  
ASN CA   C N S 42  
ASN C    C N N 43  
ASN O    O N N 44  
ASN CB   C N N 45  
ASN CG   C N N 46  
ASN OD1  O N N 47  
ASN ND2  N N N 48  
ASN OXT  O N N 49  
ASN H    H N N 50  
ASN H2   H N N 51  
ASN HA   H N N 52  
ASN HB2  H N N 53  
ASN HB3  H N N 54  
ASN HD21 H N N 55  
ASN HD22 H N N 56  
ASN HXT  H N N 57  
ASP N    N N N 58  
ASP CA   C N S 59  
ASP C    C N N 60  
ASP O    O N N 61  
ASP CB   C N N 62  
ASP CG   C N N 63  
ASP OD1  O N N 64  
ASP OD2  O N N 65  
ASP OXT  O N N 66  
ASP H    H N N 67  
ASP H2   H N N 68  
ASP HA   H N N 69  
ASP HB2  H N N 70  
ASP HB3  H N N 71  
ASP HD2  H N N 72  
ASP HXT  H N N 73  
CYS N    N N N 74  
CYS CA   C N R 75  
CYS C    C N N 76  
CYS O    O N N 77  
CYS CB   C N N 78  
CYS SG   S N N 79  
CYS OXT  O N N 80  
CYS H    H N N 81  
CYS H2   H N N 82  
CYS HA   H N N 83  
CYS HB2  H N N 84  
CYS HB3  H N N 85  
CYS HG   H N N 86  
CYS HXT  H N N 87  
GLN N    N N N 88  
GLN CA   C N S 89  
GLN C    C N N 90  
GLN O    O N N 91  
GLN CB   C N N 92  
GLN CG   C N N 93  
GLN CD   C N N 94  
GLN OE1  O N N 95  
GLN NE2  N N N 96  
GLN OXT  O N N 97  
GLN H    H N N 98  
GLN H2   H N N 99  
GLN HA   H N N 100 
GLN HB2  H N N 101 
GLN HB3  H N N 102 
GLN HG2  H N N 103 
GLN HG3  H N N 104 
GLN HE21 H N N 105 
GLN HE22 H N N 106 
GLN HXT  H N N 107 
GLU N    N N N 108 
GLU CA   C N S 109 
GLU C    C N N 110 
GLU O    O N N 111 
GLU CB   C N N 112 
GLU CG   C N N 113 
GLU CD   C N N 114 
GLU OE1  O N N 115 
GLU OE2  O N N 116 
GLU OXT  O N N 117 
GLU H    H N N 118 
GLU H2   H N N 119 
GLU HA   H N N 120 
GLU HB2  H N N 121 
GLU HB3  H N N 122 
GLU HG2  H N N 123 
GLU HG3  H N N 124 
GLU HE2  H N N 125 
GLU HXT  H N N 126 
GLY N    N N N 127 
GLY CA   C N N 128 
GLY C    C N N 129 
GLY O    O N N 130 
GLY OXT  O N N 131 
GLY H    H N N 132 
GLY H2   H N N 133 
GLY HA2  H N N 134 
GLY HA3  H N N 135 
GLY HXT  H N N 136 
GSH N1   N N N 137 
GSH CA1  C N S 138 
GSH C1   C N N 139 
GSH O11  O N N 140 
GSH O12  O N N 141 
GSH CB1  C N N 142 
GSH CG1  C N N 143 
GSH CD1  C N N 144 
GSH OE1  O N N 145 
GSH N2   N N N 146 
GSH CA2  C N R 147 
GSH C2   C N N 148 
GSH O2   O N N 149 
GSH CB2  C N N 150 
GSH SG2  S N N 151 
GSH N3   N N N 152 
GSH CA3  C N N 153 
GSH C3   C N N 154 
GSH O31  O N N 155 
GSH O32  O N N 156 
GSH HN11 H N N 157 
GSH HN12 H N N 158 
GSH HA1  H N N 159 
GSH H12  H N N 160 
GSH HB12 H N N 161 
GSH HB13 H N N 162 
GSH HG12 H N N 163 
GSH HG13 H N N 164 
GSH HN2  H N N 165 
GSH HA2  H N N 166 
GSH HB22 H N N 167 
GSH HB23 H N N 168 
GSH HSG  H N N 169 
GSH HN3  H N N 170 
GSH HA31 H N N 171 
GSH HA32 H N N 172 
GSH H32  H N N 173 
HIS N    N N N 174 
HIS CA   C N S 175 
HIS C    C N N 176 
HIS O    O N N 177 
HIS CB   C N N 178 
HIS CG   C Y N 179 
HIS ND1  N Y N 180 
HIS CD2  C Y N 181 
HIS CE1  C Y N 182 
HIS NE2  N Y N 183 
HIS OXT  O N N 184 
HIS H    H N N 185 
HIS H2   H N N 186 
HIS HA   H N N 187 
HIS HB2  H N N 188 
HIS HB3  H N N 189 
HIS HD1  H N N 190 
HIS HD2  H N N 191 
HIS HE1  H N N 192 
HIS HE2  H N N 193 
HIS HXT  H N N 194 
HOH O    O N N 195 
HOH H1   H N N 196 
HOH H2   H N N 197 
ILE N    N N N 198 
ILE CA   C N S 199 
ILE C    C N N 200 
ILE O    O N N 201 
ILE CB   C N S 202 
ILE CG1  C N N 203 
ILE CG2  C N N 204 
ILE CD1  C N N 205 
ILE OXT  O N N 206 
ILE H    H N N 207 
ILE H2   H N N 208 
ILE HA   H N N 209 
ILE HB   H N N 210 
ILE HG12 H N N 211 
ILE HG13 H N N 212 
ILE HG21 H N N 213 
ILE HG22 H N N 214 
ILE HG23 H N N 215 
ILE HD11 H N N 216 
ILE HD12 H N N 217 
ILE HD13 H N N 218 
ILE HXT  H N N 219 
LEU N    N N N 220 
LEU CA   C N S 221 
LEU C    C N N 222 
LEU O    O N N 223 
LEU CB   C N N 224 
LEU CG   C N N 225 
LEU CD1  C N N 226 
LEU CD2  C N N 227 
LEU OXT  O N N 228 
LEU H    H N N 229 
LEU H2   H N N 230 
LEU HA   H N N 231 
LEU HB2  H N N 232 
LEU HB3  H N N 233 
LEU HG   H N N 234 
LEU HD11 H N N 235 
LEU HD12 H N N 236 
LEU HD13 H N N 237 
LEU HD21 H N N 238 
LEU HD22 H N N 239 
LEU HD23 H N N 240 
LEU HXT  H N N 241 
LYS N    N N N 242 
LYS CA   C N S 243 
LYS C    C N N 244 
LYS O    O N N 245 
LYS CB   C N N 246 
LYS CG   C N N 247 
LYS CD   C N N 248 
LYS CE   C N N 249 
LYS NZ   N N N 250 
LYS OXT  O N N 251 
LYS H    H N N 252 
LYS H2   H N N 253 
LYS HA   H N N 254 
LYS HB2  H N N 255 
LYS HB3  H N N 256 
LYS HG2  H N N 257 
LYS HG3  H N N 258 
LYS HD2  H N N 259 
LYS HD3  H N N 260 
LYS HE2  H N N 261 
LYS HE3  H N N 262 
LYS HZ1  H N N 263 
LYS HZ2  H N N 264 
LYS HZ3  H N N 265 
LYS HXT  H N N 266 
MET N    N N N 267 
MET CA   C N S 268 
MET C    C N N 269 
MET O    O N N 270 
MET CB   C N N 271 
MET CG   C N N 272 
MET SD   S N N 273 
MET CE   C N N 274 
MET OXT  O N N 275 
MET H    H N N 276 
MET H2   H N N 277 
MET HA   H N N 278 
MET HB2  H N N 279 
MET HB3  H N N 280 
MET HG2  H N N 281 
MET HG3  H N N 282 
MET HE1  H N N 283 
MET HE2  H N N 284 
MET HE3  H N N 285 
MET HXT  H N N 286 
PHE N    N N N 287 
PHE CA   C N S 288 
PHE C    C N N 289 
PHE O    O N N 290 
PHE CB   C N N 291 
PHE CG   C Y N 292 
PHE CD1  C Y N 293 
PHE CD2  C Y N 294 
PHE CE1  C Y N 295 
PHE CE2  C Y N 296 
PHE CZ   C Y N 297 
PHE OXT  O N N 298 
PHE H    H N N 299 
PHE H2   H N N 300 
PHE HA   H N N 301 
PHE HB2  H N N 302 
PHE HB3  H N N 303 
PHE HD1  H N N 304 
PHE HD2  H N N 305 
PHE HE1  H N N 306 
PHE HE2  H N N 307 
PHE HZ   H N N 308 
PHE HXT  H N N 309 
PO4 P    P N N 310 
PO4 O1   O N N 311 
PO4 O2   O N N 312 
PO4 O3   O N N 313 
PO4 O4   O N N 314 
PRO N    N N N 315 
PRO CA   C N S 316 
PRO C    C N N 317 
PRO O    O N N 318 
PRO CB   C N N 319 
PRO CG   C N N 320 
PRO CD   C N N 321 
PRO OXT  O N N 322 
PRO H    H N N 323 
PRO HA   H N N 324 
PRO HB2  H N N 325 
PRO HB3  H N N 326 
PRO HG2  H N N 327 
PRO HG3  H N N 328 
PRO HD2  H N N 329 
PRO HD3  H N N 330 
PRO HXT  H N N 331 
SER N    N N N 332 
SER CA   C N S 333 
SER C    C N N 334 
SER O    O N N 335 
SER CB   C N N 336 
SER OG   O N N 337 
SER OXT  O N N 338 
SER H    H N N 339 
SER H2   H N N 340 
SER HA   H N N 341 
SER HB2  H N N 342 
SER HB3  H N N 343 
SER HG   H N N 344 
SER HXT  H N N 345 
THR N    N N N 346 
THR CA   C N S 347 
THR C    C N N 348 
THR O    O N N 349 
THR CB   C N R 350 
THR OG1  O N N 351 
THR CG2  C N N 352 
THR OXT  O N N 353 
THR H    H N N 354 
THR H2   H N N 355 
THR HA   H N N 356 
THR HB   H N N 357 
THR HG1  H N N 358 
THR HG21 H N N 359 
THR HG22 H N N 360 
THR HG23 H N N 361 
THR HXT  H N N 362 
TYR N    N N N 363 
TYR CA   C N S 364 
TYR C    C N N 365 
TYR O    O N N 366 
TYR CB   C N N 367 
TYR CG   C Y N 368 
TYR CD1  C Y N 369 
TYR CD2  C Y N 370 
TYR CE1  C Y N 371 
TYR CE2  C Y N 372 
TYR CZ   C Y N 373 
TYR OH   O N N 374 
TYR OXT  O N N 375 
TYR H    H N N 376 
TYR H2   H N N 377 
TYR HA   H N N 378 
TYR HB2  H N N 379 
TYR HB3  H N N 380 
TYR HD1  H N N 381 
TYR HD2  H N N 382 
TYR HE1  H N N 383 
TYR HE2  H N N 384 
TYR HH   H N N 385 
TYR HXT  H N N 386 
VAL N    N N N 387 
VAL CA   C N S 388 
VAL C    C N N 389 
VAL O    O N N 390 
VAL CB   C N N 391 
VAL CG1  C N N 392 
VAL CG2  C N N 393 
VAL OXT  O N N 394 
VAL H    H N N 395 
VAL H2   H N N 396 
VAL HA   H N N 397 
VAL HB   H N N 398 
VAL HG11 H N N 399 
VAL HG12 H N N 400 
VAL HG13 H N N 401 
VAL HG21 H N N 402 
VAL HG22 H N N 403 
VAL HG23 H N N 404 
VAL HXT  H N N 405 
# 
loop_
_chem_comp_bond.comp_id 
_chem_comp_bond.atom_id_1 
_chem_comp_bond.atom_id_2 
_chem_comp_bond.value_order 
_chem_comp_bond.pdbx_aromatic_flag 
_chem_comp_bond.pdbx_stereo_config 
_chem_comp_bond.pdbx_ordinal 
ALA N   CA   sing N N 1   
ALA N   H    sing N N 2   
ALA N   H2   sing N N 3   
ALA CA  C    sing N N 4   
ALA CA  CB   sing N N 5   
ALA CA  HA   sing N N 6   
ALA C   O    doub N N 7   
ALA C   OXT  sing N N 8   
ALA CB  HB1  sing N N 9   
ALA CB  HB2  sing N N 10  
ALA CB  HB3  sing N N 11  
ALA OXT HXT  sing N N 12  
ARG N   CA   sing N N 13  
ARG N   H    sing N N 14  
ARG N   H2   sing N N 15  
ARG CA  C    sing N N 16  
ARG CA  CB   sing N N 17  
ARG CA  HA   sing N N 18  
ARG C   O    doub N N 19  
ARG C   OXT  sing N N 20  
ARG CB  CG   sing N N 21  
ARG CB  HB2  sing N N 22  
ARG CB  HB3  sing N N 23  
ARG CG  CD   sing N N 24  
ARG CG  HG2  sing N N 25  
ARG CG  HG3  sing N N 26  
ARG CD  NE   sing N N 27  
ARG CD  HD2  sing N N 28  
ARG CD  HD3  sing N N 29  
ARG NE  CZ   sing N N 30  
ARG NE  HE   sing N N 31  
ARG CZ  NH1  sing N N 32  
ARG CZ  NH2  doub N N 33  
ARG NH1 HH11 sing N N 34  
ARG NH1 HH12 sing N N 35  
ARG NH2 HH21 sing N N 36  
ARG NH2 HH22 sing N N 37  
ARG OXT HXT  sing N N 38  
ASN N   CA   sing N N 39  
ASN N   H    sing N N 40  
ASN N   H2   sing N N 41  
ASN CA  C    sing N N 42  
ASN CA  CB   sing N N 43  
ASN CA  HA   sing N N 44  
ASN C   O    doub N N 45  
ASN C   OXT  sing N N 46  
ASN CB  CG   sing N N 47  
ASN CB  HB2  sing N N 48  
ASN CB  HB3  sing N N 49  
ASN CG  OD1  doub N N 50  
ASN CG  ND2  sing N N 51  
ASN ND2 HD21 sing N N 52  
ASN ND2 HD22 sing N N 53  
ASN OXT HXT  sing N N 54  
ASP N   CA   sing N N 55  
ASP N   H    sing N N 56  
ASP N   H2   sing N N 57  
ASP CA  C    sing N N 58  
ASP CA  CB   sing N N 59  
ASP CA  HA   sing N N 60  
ASP C   O    doub N N 61  
ASP C   OXT  sing N N 62  
ASP CB  CG   sing N N 63  
ASP CB  HB2  sing N N 64  
ASP CB  HB3  sing N N 65  
ASP CG  OD1  doub N N 66  
ASP CG  OD2  sing N N 67  
ASP OD2 HD2  sing N N 68  
ASP OXT HXT  sing N N 69  
CYS N   CA   sing N N 70  
CYS N   H    sing N N 71  
CYS N   H2   sing N N 72  
CYS CA  C    sing N N 73  
CYS CA  CB   sing N N 74  
CYS CA  HA   sing N N 75  
CYS C   O    doub N N 76  
CYS C   OXT  sing N N 77  
CYS CB  SG   sing N N 78  
CYS CB  HB2  sing N N 79  
CYS CB  HB3  sing N N 80  
CYS SG  HG   sing N N 81  
CYS OXT HXT  sing N N 82  
GLN N   CA   sing N N 83  
GLN N   H    sing N N 84  
GLN N   H2   sing N N 85  
GLN CA  C    sing N N 86  
GLN CA  CB   sing N N 87  
GLN CA  HA   sing N N 88  
GLN C   O    doub N N 89  
GLN C   OXT  sing N N 90  
GLN CB  CG   sing N N 91  
GLN CB  HB2  sing N N 92  
GLN CB  HB3  sing N N 93  
GLN CG  CD   sing N N 94  
GLN CG  HG2  sing N N 95  
GLN CG  HG3  sing N N 96  
GLN CD  OE1  doub N N 97  
GLN CD  NE2  sing N N 98  
GLN NE2 HE21 sing N N 99  
GLN NE2 HE22 sing N N 100 
GLN OXT HXT  sing N N 101 
GLU N   CA   sing N N 102 
GLU N   H    sing N N 103 
GLU N   H2   sing N N 104 
GLU CA  C    sing N N 105 
GLU CA  CB   sing N N 106 
GLU CA  HA   sing N N 107 
GLU C   O    doub N N 108 
GLU C   OXT  sing N N 109 
GLU CB  CG   sing N N 110 
GLU CB  HB2  sing N N 111 
GLU CB  HB3  sing N N 112 
GLU CG  CD   sing N N 113 
GLU CG  HG2  sing N N 114 
GLU CG  HG3  sing N N 115 
GLU CD  OE1  doub N N 116 
GLU CD  OE2  sing N N 117 
GLU OE2 HE2  sing N N 118 
GLU OXT HXT  sing N N 119 
GLY N   CA   sing N N 120 
GLY N   H    sing N N 121 
GLY N   H2   sing N N 122 
GLY CA  C    sing N N 123 
GLY CA  HA2  sing N N 124 
GLY CA  HA3  sing N N 125 
GLY C   O    doub N N 126 
GLY C   OXT  sing N N 127 
GLY OXT HXT  sing N N 128 
GSH N1  CA1  sing N N 129 
GSH N1  HN11 sing N N 130 
GSH N1  HN12 sing N N 131 
GSH CA1 C1   sing N N 132 
GSH CA1 CB1  sing N N 133 
GSH CA1 HA1  sing N N 134 
GSH C1  O11  doub N N 135 
GSH C1  O12  sing N N 136 
GSH O12 H12  sing N N 137 
GSH CB1 CG1  sing N N 138 
GSH CB1 HB12 sing N N 139 
GSH CB1 HB13 sing N N 140 
GSH CG1 CD1  sing N N 141 
GSH CG1 HG12 sing N N 142 
GSH CG1 HG13 sing N N 143 
GSH CD1 OE1  doub N N 144 
GSH CD1 N2   sing N N 145 
GSH N2  CA2  sing N N 146 
GSH N2  HN2  sing N N 147 
GSH CA2 C2   sing N N 148 
GSH CA2 CB2  sing N N 149 
GSH CA2 HA2  sing N N 150 
GSH C2  O2   doub N N 151 
GSH C2  N3   sing N N 152 
GSH CB2 SG2  sing N N 153 
GSH CB2 HB22 sing N N 154 
GSH CB2 HB23 sing N N 155 
GSH SG2 HSG  sing N N 156 
GSH N3  CA3  sing N N 157 
GSH N3  HN3  sing N N 158 
GSH CA3 C3   sing N N 159 
GSH CA3 HA31 sing N N 160 
GSH CA3 HA32 sing N N 161 
GSH C3  O31  doub N N 162 
GSH C3  O32  sing N N 163 
GSH O32 H32  sing N N 164 
HIS N   CA   sing N N 165 
HIS N   H    sing N N 166 
HIS N   H2   sing N N 167 
HIS CA  C    sing N N 168 
HIS CA  CB   sing N N 169 
HIS CA  HA   sing N N 170 
HIS C   O    doub N N 171 
HIS C   OXT  sing N N 172 
HIS CB  CG   sing N N 173 
HIS CB  HB2  sing N N 174 
HIS CB  HB3  sing N N 175 
HIS CG  ND1  sing Y N 176 
HIS CG  CD2  doub Y N 177 
HIS ND1 CE1  doub Y N 178 
HIS ND1 HD1  sing N N 179 
HIS CD2 NE2  sing Y N 180 
HIS CD2 HD2  sing N N 181 
HIS CE1 NE2  sing Y N 182 
HIS CE1 HE1  sing N N 183 
HIS NE2 HE2  sing N N 184 
HIS OXT HXT  sing N N 185 
HOH O   H1   sing N N 186 
HOH O   H2   sing N N 187 
ILE N   CA   sing N N 188 
ILE N   H    sing N N 189 
ILE N   H2   sing N N 190 
ILE CA  C    sing N N 191 
ILE CA  CB   sing N N 192 
ILE CA  HA   sing N N 193 
ILE C   O    doub N N 194 
ILE C   OXT  sing N N 195 
ILE CB  CG1  sing N N 196 
ILE CB  CG2  sing N N 197 
ILE CB  HB   sing N N 198 
ILE CG1 CD1  sing N N 199 
ILE CG1 HG12 sing N N 200 
ILE CG1 HG13 sing N N 201 
ILE CG2 HG21 sing N N 202 
ILE CG2 HG22 sing N N 203 
ILE CG2 HG23 sing N N 204 
ILE CD1 HD11 sing N N 205 
ILE CD1 HD12 sing N N 206 
ILE CD1 HD13 sing N N 207 
ILE OXT HXT  sing N N 208 
LEU N   CA   sing N N 209 
LEU N   H    sing N N 210 
LEU N   H2   sing N N 211 
LEU CA  C    sing N N 212 
LEU CA  CB   sing N N 213 
LEU CA  HA   sing N N 214 
LEU C   O    doub N N 215 
LEU C   OXT  sing N N 216 
LEU CB  CG   sing N N 217 
LEU CB  HB2  sing N N 218 
LEU CB  HB3  sing N N 219 
LEU CG  CD1  sing N N 220 
LEU CG  CD2  sing N N 221 
LEU CG  HG   sing N N 222 
LEU CD1 HD11 sing N N 223 
LEU CD1 HD12 sing N N 224 
LEU CD1 HD13 sing N N 225 
LEU CD2 HD21 sing N N 226 
LEU CD2 HD22 sing N N 227 
LEU CD2 HD23 sing N N 228 
LEU OXT HXT  sing N N 229 
LYS N   CA   sing N N 230 
LYS N   H    sing N N 231 
LYS N   H2   sing N N 232 
LYS CA  C    sing N N 233 
LYS CA  CB   sing N N 234 
LYS CA  HA   sing N N 235 
LYS C   O    doub N N 236 
LYS C   OXT  sing N N 237 
LYS CB  CG   sing N N 238 
LYS CB  HB2  sing N N 239 
LYS CB  HB3  sing N N 240 
LYS CG  CD   sing N N 241 
LYS CG  HG2  sing N N 242 
LYS CG  HG3  sing N N 243 
LYS CD  CE   sing N N 244 
LYS CD  HD2  sing N N 245 
LYS CD  HD3  sing N N 246 
LYS CE  NZ   sing N N 247 
LYS CE  HE2  sing N N 248 
LYS CE  HE3  sing N N 249 
LYS NZ  HZ1  sing N N 250 
LYS NZ  HZ2  sing N N 251 
LYS NZ  HZ3  sing N N 252 
LYS OXT HXT  sing N N 253 
MET N   CA   sing N N 254 
MET N   H    sing N N 255 
MET N   H2   sing N N 256 
MET CA  C    sing N N 257 
MET CA  CB   sing N N 258 
MET CA  HA   sing N N 259 
MET C   O    doub N N 260 
MET C   OXT  sing N N 261 
MET CB  CG   sing N N 262 
MET CB  HB2  sing N N 263 
MET CB  HB3  sing N N 264 
MET CG  SD   sing N N 265 
MET CG  HG2  sing N N 266 
MET CG  HG3  sing N N 267 
MET SD  CE   sing N N 268 
MET CE  HE1  sing N N 269 
MET CE  HE2  sing N N 270 
MET CE  HE3  sing N N 271 
MET OXT HXT  sing N N 272 
PHE N   CA   sing N N 273 
PHE N   H    sing N N 274 
PHE N   H2   sing N N 275 
PHE CA  C    sing N N 276 
PHE CA  CB   sing N N 277 
PHE CA  HA   sing N N 278 
PHE C   O    doub N N 279 
PHE C   OXT  sing N N 280 
PHE CB  CG   sing N N 281 
PHE CB  HB2  sing N N 282 
PHE CB  HB3  sing N N 283 
PHE CG  CD1  doub Y N 284 
PHE CG  CD2  sing Y N 285 
PHE CD1 CE1  sing Y N 286 
PHE CD1 HD1  sing N N 287 
PHE CD2 CE2  doub Y N 288 
PHE CD2 HD2  sing N N 289 
PHE CE1 CZ   doub Y N 290 
PHE CE1 HE1  sing N N 291 
PHE CE2 CZ   sing Y N 292 
PHE CE2 HE2  sing N N 293 
PHE CZ  HZ   sing N N 294 
PHE OXT HXT  sing N N 295 
PO4 P   O1   doub N N 296 
PO4 P   O2   sing N N 297 
PO4 P   O3   sing N N 298 
PO4 P   O4   sing N N 299 
PRO N   CA   sing N N 300 
PRO N   CD   sing N N 301 
PRO N   H    sing N N 302 
PRO CA  C    sing N N 303 
PRO CA  CB   sing N N 304 
PRO CA  HA   sing N N 305 
PRO C   O    doub N N 306 
PRO C   OXT  sing N N 307 
PRO CB  CG   sing N N 308 
PRO CB  HB2  sing N N 309 
PRO CB  HB3  sing N N 310 
PRO CG  CD   sing N N 311 
PRO CG  HG2  sing N N 312 
PRO CG  HG3  sing N N 313 
PRO CD  HD2  sing N N 314 
PRO CD  HD3  sing N N 315 
PRO OXT HXT  sing N N 316 
SER N   CA   sing N N 317 
SER N   H    sing N N 318 
SER N   H2   sing N N 319 
SER CA  C    sing N N 320 
SER CA  CB   sing N N 321 
SER CA  HA   sing N N 322 
SER C   O    doub N N 323 
SER C   OXT  sing N N 324 
SER CB  OG   sing N N 325 
SER CB  HB2  sing N N 326 
SER CB  HB3  sing N N 327 
SER OG  HG   sing N N 328 
SER OXT HXT  sing N N 329 
THR N   CA   sing N N 330 
THR N   H    sing N N 331 
THR N   H2   sing N N 332 
THR CA  C    sing N N 333 
THR CA  CB   sing N N 334 
THR CA  HA   sing N N 335 
THR C   O    doub N N 336 
THR C   OXT  sing N N 337 
THR CB  OG1  sing N N 338 
THR CB  CG2  sing N N 339 
THR CB  HB   sing N N 340 
THR OG1 HG1  sing N N 341 
THR CG2 HG21 sing N N 342 
THR CG2 HG22 sing N N 343 
THR CG2 HG23 sing N N 344 
THR OXT HXT  sing N N 345 
TYR N   CA   sing N N 346 
TYR N   H    sing N N 347 
TYR N   H2   sing N N 348 
TYR CA  C    sing N N 349 
TYR CA  CB   sing N N 350 
TYR CA  HA   sing N N 351 
TYR C   O    doub N N 352 
TYR C   OXT  sing N N 353 
TYR CB  CG   sing N N 354 
TYR CB  HB2  sing N N 355 
TYR CB  HB3  sing N N 356 
TYR CG  CD1  doub Y N 357 
TYR CG  CD2  sing Y N 358 
TYR CD1 CE1  sing Y N 359 
TYR CD1 HD1  sing N N 360 
TYR CD2 CE2  doub Y N 361 
TYR CD2 HD2  sing N N 362 
TYR CE1 CZ   doub Y N 363 
TYR CE1 HE1  sing N N 364 
TYR CE2 CZ   sing Y N 365 
TYR CE2 HE2  sing N N 366 
TYR CZ  OH   sing N N 367 
TYR OH  HH   sing N N 368 
TYR OXT HXT  sing N N 369 
VAL N   CA   sing N N 370 
VAL N   H    sing N N 371 
VAL N   H2   sing N N 372 
VAL CA  C    sing N N 373 
VAL CA  CB   sing N N 374 
VAL CA  HA   sing N N 375 
VAL C   O    doub N N 376 
VAL C   OXT  sing N N 377 
VAL CB  CG1  sing N N 378 
VAL CB  CG2  sing N N 379 
VAL CB  HB   sing N N 380 
VAL CG1 HG11 sing N N 381 
VAL CG1 HG12 sing N N 382 
VAL CG1 HG13 sing N N 383 
VAL CG2 HG21 sing N N 384 
VAL CG2 HG22 sing N N 385 
VAL CG2 HG23 sing N N 386 
VAL OXT HXT  sing N N 387 
# 
loop_
_pdbx_entity_nonpoly.entity_id 
_pdbx_entity_nonpoly.name 
_pdbx_entity_nonpoly.comp_id 
2 GLUTATHIONE     GSH 
3 'PHOSPHATE ION' PO4 
4 water           HOH 
# 
_pdbx_initial_refinement_model.id               1 
_pdbx_initial_refinement_model.entity_id_list   ? 
_pdbx_initial_refinement_model.type             'experimental model' 
_pdbx_initial_refinement_model.source_name      PDB 
_pdbx_initial_refinement_model.accession_code   1I4M 
_pdbx_initial_refinement_model.details          'PDB ENTRY 1I4M' 
# 
